data_6FGT
# 
_entry.id   6FGT 
# 
_audit_conform.dict_name       mmcif_pdbx.dic 
_audit_conform.dict_version    5.383 
_audit_conform.dict_location   http://mmcif.pdb.org/dictionaries/ascii/mmcif_pdbx.dic 
# 
loop_
_database_2.database_id 
_database_2.database_code 
_database_2.pdbx_database_accession 
_database_2.pdbx_DOI 
PDB   6FGT         pdb_00006fgt 10.2210/pdb6fgt/pdb 
WWPDB D_1200008192 ?            ?                   
# 
loop_
_pdbx_audit_revision_history.ordinal 
_pdbx_audit_revision_history.data_content_type 
_pdbx_audit_revision_history.major_revision 
_pdbx_audit_revision_history.minor_revision 
_pdbx_audit_revision_history.revision_date 
1 'Structure model' 1 0 2018-05-30 
2 'Structure model' 1 1 2018-08-29 
3 'Structure model' 1 2 2024-01-17 
# 
_pdbx_audit_revision_details.ordinal             1 
_pdbx_audit_revision_details.revision_ordinal    1 
_pdbx_audit_revision_details.data_content_type   'Structure model' 
_pdbx_audit_revision_details.provider            repository 
_pdbx_audit_revision_details.type                'Initial release' 
_pdbx_audit_revision_details.description         ? 
_pdbx_audit_revision_details.details             ? 
# 
loop_
_pdbx_audit_revision_group.ordinal 
_pdbx_audit_revision_group.revision_ordinal 
_pdbx_audit_revision_group.data_content_type 
_pdbx_audit_revision_group.group 
1 2 'Structure model' 'Data collection'        
2 2 'Structure model' 'Database references'    
3 3 'Structure model' 'Data collection'        
4 3 'Structure model' 'Database references'    
5 3 'Structure model' 'Refinement description' 
# 
loop_
_pdbx_audit_revision_category.ordinal 
_pdbx_audit_revision_category.revision_ordinal 
_pdbx_audit_revision_category.data_content_type 
_pdbx_audit_revision_category.category 
1 2 'Structure model' citation                      
2 2 'Structure model' citation_author               
3 3 'Structure model' chem_comp_atom                
4 3 'Structure model' chem_comp_bond                
5 3 'Structure model' database_2                    
6 3 'Structure model' pdbx_initial_refinement_model 
# 
loop_
_pdbx_audit_revision_item.ordinal 
_pdbx_audit_revision_item.revision_ordinal 
_pdbx_audit_revision_item.data_content_type 
_pdbx_audit_revision_item.item 
1 2 'Structure model' '_citation.journal_volume'            
2 2 'Structure model' '_citation.page_first'                
3 2 'Structure model' '_citation.page_last'                 
4 2 'Structure model' '_citation.title'                     
5 2 'Structure model' '_citation_author.identifier_ORCID'   
6 3 'Structure model' '_database_2.pdbx_DOI'                
7 3 'Structure model' '_database_2.pdbx_database_accession' 
# 
_pdbx_database_status.status_code                     REL 
_pdbx_database_status.status_code_sf                  REL 
_pdbx_database_status.status_code_mr                  ? 
_pdbx_database_status.entry_id                        6FGT 
_pdbx_database_status.recvd_initial_deposition_date   2018-01-11 
_pdbx_database_status.SG_entry                        N 
_pdbx_database_status.deposit_site                    PDBE 
_pdbx_database_status.process_site                    PDBE 
_pdbx_database_status.status_code_cs                  ? 
_pdbx_database_status.methods_development_category    ? 
_pdbx_database_status.pdb_format_compatible           Y 
_pdbx_database_status.status_code_nmr_data            ? 
# 
loop_
_pdbx_database_related.db_name 
_pdbx_database_related.details 
_pdbx_database_related.db_id 
_pdbx_database_related.content_type 
PDB . 6FG6 unspecified 
PDB . 6FGF unspecified 
PDB . 6FGG unspecified 
PDB . 6FGH unspecified 
PDB . 6FGI unspecified 
# 
loop_
_audit_author.name 
_audit_author.pdbx_ordinal 
_audit_author.identifier_ORCID 
'Dalle Vedove, A.'   1 ? 
'Spiliotopoulos, D.' 2 ? 
'Lolli, G.'          3 ? 
'Caflisch, A.'       4 ? 
# 
_citation.abstract                  ? 
_citation.abstract_id_CAS           ? 
_citation.book_id_ISBN              ? 
_citation.book_publisher            ? 
_citation.book_publisher_city       ? 
_citation.book_title                ? 
_citation.coordinate_linkage        ? 
_citation.country                   DE 
_citation.database_id_Medline       ? 
_citation.details                   ? 
_citation.id                        primary 
_citation.journal_abbrev            ChemMedChem 
_citation.journal_id_ASTM           ? 
_citation.journal_id_CSD            ? 
_citation.journal_id_ISSN           1860-7187 
_citation.journal_full              ? 
_citation.journal_issue             ? 
_citation.journal_volume            13 
_citation.language                  ? 
_citation.page_first                1479 
_citation.page_last                 1487 
_citation.title                     'Structural Analysis of Small-Molecule Binding to the BAZ2A and BAZ2B Bromodomains.' 
_citation.year                      2018 
_citation.database_id_CSD           ? 
_citation.pdbx_database_id_DOI      10.1002/cmdc.201800234 
_citation.pdbx_database_id_PubMed   29770599 
_citation.unpublished_flag          ? 
# 
loop_
_citation_author.citation_id 
_citation_author.name 
_citation_author.ordinal 
_citation_author.identifier_ORCID 
primary 'Dalle Vedove, A.'   1 ?                   
primary 'Spiliotopoulos, D.' 2 ?                   
primary 
;D'Agostino, V.G.
;
3 ?                   
primary 'Marchand, J.R.'     4 ?                   
primary 'Unzue, A.'          5 ?                   
primary 'Nevado, C.'         6 ?                   
primary 'Lolli, G.'          7 0000-0002-8536-5599 
primary 'Caflisch, A.'       8 ?                   
# 
loop_
_entity.id 
_entity.type 
_entity.src_method 
_entity.pdbx_description 
_entity.formula_weight 
_entity.pdbx_number_of_molecules 
_entity.pdbx_ec 
_entity.pdbx_mutation 
_entity.pdbx_fragment 
_entity.details 
1 polymer     man 'Bromodomain adjacent to zinc finger domain protein 2B'                             13618.652 1  ? ? ? ? 
2 non-polymer syn '~{N}-[(1-azanylcyclohexyl)methyl]-1-methyl-6-oxidanylidene-pyridine-3-carboxamide' 263.335   1  ? ? ? ? 
3 water       nat water                                                                               18.015    71 ? ? ? ? 
# 
_entity_name_com.entity_id   1 
_entity_name_com.name        hWALp4 
# 
_entity_poly.entity_id                      1 
_entity_poly.type                           'polypeptide(L)' 
_entity_poly.nstd_linkage                   no 
_entity_poly.nstd_monomer                   no 
_entity_poly.pdbx_seq_one_letter_code       
;SMSVKKPKRDDSKDLALCSMILTEMETHEDAWPFLLPVNLKLVPGYKKVIKKPMDFSTIREKLSSGQYPNLETFALDVRL
VFDNCETFNEDDSDIGRAGHNMRKYFEKKWTDTFKVS
;
_entity_poly.pdbx_seq_one_letter_code_can   
;SMSVKKPKRDDSKDLALCSMILTEMETHEDAWPFLLPVNLKLVPGYKKVIKKPMDFSTIREKLSSGQYPNLETFALDVRL
VFDNCETFNEDDSDIGRAGHNMRKYFEKKWTDTFKVS
;
_entity_poly.pdbx_strand_id                 A 
_entity_poly.pdbx_target_identifier         ? 
# 
loop_
_pdbx_entity_nonpoly.entity_id 
_pdbx_entity_nonpoly.name 
_pdbx_entity_nonpoly.comp_id 
2 '~{N}-[(1-azanylcyclohexyl)methyl]-1-methyl-6-oxidanylidene-pyridine-3-carboxamide' D9T 
3 water                                                                               HOH 
# 
loop_
_entity_poly_seq.entity_id 
_entity_poly_seq.num 
_entity_poly_seq.mon_id 
_entity_poly_seq.hetero 
1 1   SER n 
1 2   MET n 
1 3   SER n 
1 4   VAL n 
1 5   LYS n 
1 6   LYS n 
1 7   PRO n 
1 8   LYS n 
1 9   ARG n 
1 10  ASP n 
1 11  ASP n 
1 12  SER n 
1 13  LYS n 
1 14  ASP n 
1 15  LEU n 
1 16  ALA n 
1 17  LEU n 
1 18  CYS n 
1 19  SER n 
1 20  MET n 
1 21  ILE n 
1 22  LEU n 
1 23  THR n 
1 24  GLU n 
1 25  MET n 
1 26  GLU n 
1 27  THR n 
1 28  HIS n 
1 29  GLU n 
1 30  ASP n 
1 31  ALA n 
1 32  TRP n 
1 33  PRO n 
1 34  PHE n 
1 35  LEU n 
1 36  LEU n 
1 37  PRO n 
1 38  VAL n 
1 39  ASN n 
1 40  LEU n 
1 41  LYS n 
1 42  LEU n 
1 43  VAL n 
1 44  PRO n 
1 45  GLY n 
1 46  TYR n 
1 47  LYS n 
1 48  LYS n 
1 49  VAL n 
1 50  ILE n 
1 51  LYS n 
1 52  LYS n 
1 53  PRO n 
1 54  MET n 
1 55  ASP n 
1 56  PHE n 
1 57  SER n 
1 58  THR n 
1 59  ILE n 
1 60  ARG n 
1 61  GLU n 
1 62  LYS n 
1 63  LEU n 
1 64  SER n 
1 65  SER n 
1 66  GLY n 
1 67  GLN n 
1 68  TYR n 
1 69  PRO n 
1 70  ASN n 
1 71  LEU n 
1 72  GLU n 
1 73  THR n 
1 74  PHE n 
1 75  ALA n 
1 76  LEU n 
1 77  ASP n 
1 78  VAL n 
1 79  ARG n 
1 80  LEU n 
1 81  VAL n 
1 82  PHE n 
1 83  ASP n 
1 84  ASN n 
1 85  CYS n 
1 86  GLU n 
1 87  THR n 
1 88  PHE n 
1 89  ASN n 
1 90  GLU n 
1 91  ASP n 
1 92  ASP n 
1 93  SER n 
1 94  ASP n 
1 95  ILE n 
1 96  GLY n 
1 97  ARG n 
1 98  ALA n 
1 99  GLY n 
1 100 HIS n 
1 101 ASN n 
1 102 MET n 
1 103 ARG n 
1 104 LYS n 
1 105 TYR n 
1 106 PHE n 
1 107 GLU n 
1 108 LYS n 
1 109 LYS n 
1 110 TRP n 
1 111 THR n 
1 112 ASP n 
1 113 THR n 
1 114 PHE n 
1 115 LYS n 
1 116 VAL n 
1 117 SER n 
# 
_entity_src_gen.entity_id                          1 
_entity_src_gen.pdbx_src_id                        1 
_entity_src_gen.pdbx_alt_source_flag               sample 
_entity_src_gen.pdbx_seq_type                      'Biological sequence' 
_entity_src_gen.pdbx_beg_seq_num                   1 
_entity_src_gen.pdbx_end_seq_num                   117 
_entity_src_gen.gene_src_common_name               Human 
_entity_src_gen.gene_src_genus                     ? 
_entity_src_gen.pdbx_gene_src_gene                 'BAZ2B, KIAA1476' 
_entity_src_gen.gene_src_species                   ? 
_entity_src_gen.gene_src_strain                    ? 
_entity_src_gen.gene_src_tissue                    ? 
_entity_src_gen.gene_src_tissue_fraction           ? 
_entity_src_gen.gene_src_details                   ? 
_entity_src_gen.pdbx_gene_src_fragment             ? 
_entity_src_gen.pdbx_gene_src_scientific_name      'Homo sapiens' 
_entity_src_gen.pdbx_gene_src_ncbi_taxonomy_id     9606 
_entity_src_gen.pdbx_gene_src_variant              ? 
_entity_src_gen.pdbx_gene_src_cell_line            ? 
_entity_src_gen.pdbx_gene_src_atcc                 ? 
_entity_src_gen.pdbx_gene_src_organ                ? 
_entity_src_gen.pdbx_gene_src_organelle            ? 
_entity_src_gen.pdbx_gene_src_cell                 ? 
_entity_src_gen.pdbx_gene_src_cellular_location    ? 
_entity_src_gen.host_org_common_name               ? 
_entity_src_gen.pdbx_host_org_scientific_name      'Escherichia coli' 
_entity_src_gen.pdbx_host_org_ncbi_taxonomy_id     562 
_entity_src_gen.host_org_genus                     ? 
_entity_src_gen.pdbx_host_org_gene                 ? 
_entity_src_gen.pdbx_host_org_organ                ? 
_entity_src_gen.host_org_species                   ? 
_entity_src_gen.pdbx_host_org_tissue               ? 
_entity_src_gen.pdbx_host_org_tissue_fraction      ? 
_entity_src_gen.pdbx_host_org_strain               ? 
_entity_src_gen.pdbx_host_org_variant              ? 
_entity_src_gen.pdbx_host_org_cell_line            ? 
_entity_src_gen.pdbx_host_org_atcc                 ? 
_entity_src_gen.pdbx_host_org_culture_collection   ? 
_entity_src_gen.pdbx_host_org_cell                 ? 
_entity_src_gen.pdbx_host_org_organelle            ? 
_entity_src_gen.pdbx_host_org_cellular_location    ? 
_entity_src_gen.pdbx_host_org_vector_type          ? 
_entity_src_gen.pdbx_host_org_vector               ? 
_entity_src_gen.host_org_details                   ? 
_entity_src_gen.expression_system_id               ? 
_entity_src_gen.plasmid_name                       ? 
_entity_src_gen.plasmid_details                    ? 
_entity_src_gen.pdbx_description                   ? 
# 
loop_
_chem_comp.id 
_chem_comp.type 
_chem_comp.mon_nstd_flag 
_chem_comp.name 
_chem_comp.pdbx_synonyms 
_chem_comp.formula 
_chem_comp.formula_weight 
ALA 'L-peptide linking' y ALANINE                                                                             ? 'C3 H7 N O2'     
89.093  
ARG 'L-peptide linking' y ARGININE                                                                            ? 'C6 H15 N4 O2 1' 
175.209 
ASN 'L-peptide linking' y ASPARAGINE                                                                          ? 'C4 H8 N2 O3'    
132.118 
ASP 'L-peptide linking' y 'ASPARTIC ACID'                                                                     ? 'C4 H7 N O4'     
133.103 
CYS 'L-peptide linking' y CYSTEINE                                                                            ? 'C3 H7 N O2 S'   
121.158 
D9T non-polymer         . '~{N}-[(1-azanylcyclohexyl)methyl]-1-methyl-6-oxidanylidene-pyridine-3-carboxamide' ? 'C14 H21 N3 O2'  
263.335 
GLN 'L-peptide linking' y GLUTAMINE                                                                           ? 'C5 H10 N2 O3'   
146.144 
GLU 'L-peptide linking' y 'GLUTAMIC ACID'                                                                     ? 'C5 H9 N O4'     
147.129 
GLY 'peptide linking'   y GLYCINE                                                                             ? 'C2 H5 N O2'     
75.067  
HIS 'L-peptide linking' y HISTIDINE                                                                           ? 'C6 H10 N3 O2 1' 
156.162 
HOH non-polymer         . WATER                                                                               ? 'H2 O'           
18.015  
ILE 'L-peptide linking' y ISOLEUCINE                                                                          ? 'C6 H13 N O2'    
131.173 
LEU 'L-peptide linking' y LEUCINE                                                                             ? 'C6 H13 N O2'    
131.173 
LYS 'L-peptide linking' y LYSINE                                                                              ? 'C6 H15 N2 O2 1' 
147.195 
MET 'L-peptide linking' y METHIONINE                                                                          ? 'C5 H11 N O2 S'  
149.211 
PHE 'L-peptide linking' y PHENYLALANINE                                                                       ? 'C9 H11 N O2'    
165.189 
PRO 'L-peptide linking' y PROLINE                                                                             ? 'C5 H9 N O2'     
115.130 
SER 'L-peptide linking' y SERINE                                                                              ? 'C3 H7 N O3'     
105.093 
THR 'L-peptide linking' y THREONINE                                                                           ? 'C4 H9 N O3'     
119.119 
TRP 'L-peptide linking' y TRYPTOPHAN                                                                          ? 'C11 H12 N2 O2'  
204.225 
TYR 'L-peptide linking' y TYROSINE                                                                            ? 'C9 H11 N O3'    
181.189 
VAL 'L-peptide linking' y VALINE                                                                              ? 'C5 H11 N O2'    
117.146 
# 
loop_
_pdbx_poly_seq_scheme.asym_id 
_pdbx_poly_seq_scheme.entity_id 
_pdbx_poly_seq_scheme.seq_id 
_pdbx_poly_seq_scheme.mon_id 
_pdbx_poly_seq_scheme.ndb_seq_num 
_pdbx_poly_seq_scheme.pdb_seq_num 
_pdbx_poly_seq_scheme.auth_seq_num 
_pdbx_poly_seq_scheme.pdb_mon_id 
_pdbx_poly_seq_scheme.auth_mon_id 
_pdbx_poly_seq_scheme.pdb_strand_id 
_pdbx_poly_seq_scheme.pdb_ins_code 
_pdbx_poly_seq_scheme.hetero 
A 1 1   SER 1   1856 1856 SER SER A . n 
A 1 2   MET 2   1857 1857 MET MET A . n 
A 1 3   SER 3   1858 1858 SER SER A . n 
A 1 4   VAL 4   1859 1859 VAL VAL A . n 
A 1 5   LYS 5   1860 1860 LYS LYS A . n 
A 1 6   LYS 6   1861 1861 LYS LYS A . n 
A 1 7   PRO 7   1862 1862 PRO PRO A . n 
A 1 8   LYS 8   1863 1863 LYS LYS A . n 
A 1 9   ARG 9   1864 1864 ARG ARG A . n 
A 1 10  ASP 10  1865 1865 ASP ASP A . n 
A 1 11  ASP 11  1866 1866 ASP ASP A . n 
A 1 12  SER 12  1867 1867 SER SER A . n 
A 1 13  LYS 13  1868 1868 LYS LYS A . n 
A 1 14  ASP 14  1869 1869 ASP ASP A . n 
A 1 15  LEU 15  1870 1870 LEU LEU A . n 
A 1 16  ALA 16  1871 1871 ALA ALA A . n 
A 1 17  LEU 17  1872 1872 LEU LEU A . n 
A 1 18  CYS 18  1873 1873 CYS CYS A . n 
A 1 19  SER 19  1874 1874 SER SER A . n 
A 1 20  MET 20  1875 1875 MET MET A . n 
A 1 21  ILE 21  1876 1876 ILE ILE A . n 
A 1 22  LEU 22  1877 1877 LEU LEU A . n 
A 1 23  THR 23  1878 1878 THR THR A . n 
A 1 24  GLU 24  1879 1879 GLU GLU A . n 
A 1 25  MET 25  1880 1880 MET MET A . n 
A 1 26  GLU 26  1881 1881 GLU GLU A . n 
A 1 27  THR 27  1882 1882 THR THR A . n 
A 1 28  HIS 28  1883 1883 HIS HIS A . n 
A 1 29  GLU 29  1884 1884 GLU GLU A . n 
A 1 30  ASP 30  1885 1885 ASP ASP A . n 
A 1 31  ALA 31  1886 1886 ALA ALA A . n 
A 1 32  TRP 32  1887 1887 TRP TRP A . n 
A 1 33  PRO 33  1888 1888 PRO PRO A . n 
A 1 34  PHE 34  1889 1889 PHE PHE A . n 
A 1 35  LEU 35  1890 1890 LEU LEU A . n 
A 1 36  LEU 36  1891 1891 LEU LEU A . n 
A 1 37  PRO 37  1892 1892 PRO PRO A . n 
A 1 38  VAL 38  1893 1893 VAL VAL A . n 
A 1 39  ASN 39  1894 1894 ASN ASN A . n 
A 1 40  LEU 40  1895 1895 LEU LEU A . n 
A 1 41  LYS 41  1896 1896 LYS LYS A . n 
A 1 42  LEU 42  1897 1897 LEU LEU A . n 
A 1 43  VAL 43  1898 1898 VAL VAL A . n 
A 1 44  PRO 44  1899 1899 PRO PRO A . n 
A 1 45  GLY 45  1900 1900 GLY GLY A . n 
A 1 46  TYR 46  1901 1901 TYR TYR A . n 
A 1 47  LYS 47  1902 1902 LYS LYS A . n 
A 1 48  LYS 48  1903 1903 LYS LYS A . n 
A 1 49  VAL 49  1904 1904 VAL VAL A . n 
A 1 50  ILE 50  1905 1905 ILE ILE A . n 
A 1 51  LYS 51  1906 1906 LYS LYS A . n 
A 1 52  LYS 52  1907 1907 LYS LYS A . n 
A 1 53  PRO 53  1908 1908 PRO PRO A . n 
A 1 54  MET 54  1909 1909 MET MET A . n 
A 1 55  ASP 55  1910 1910 ASP ASP A . n 
A 1 56  PHE 56  1911 1911 PHE PHE A . n 
A 1 57  SER 57  1912 1912 SER SER A . n 
A 1 58  THR 58  1913 1913 THR THR A . n 
A 1 59  ILE 59  1914 1914 ILE ILE A . n 
A 1 60  ARG 60  1915 1915 ARG ARG A . n 
A 1 61  GLU 61  1916 1916 GLU GLU A . n 
A 1 62  LYS 62  1917 1917 LYS LYS A . n 
A 1 63  LEU 63  1918 1918 LEU LEU A . n 
A 1 64  SER 64  1919 1919 SER SER A . n 
A 1 65  SER 65  1920 1920 SER SER A . n 
A 1 66  GLY 66  1921 1921 GLY GLY A . n 
A 1 67  GLN 67  1922 1922 GLN GLN A . n 
A 1 68  TYR 68  1923 1923 TYR TYR A . n 
A 1 69  PRO 69  1924 1924 PRO PRO A . n 
A 1 70  ASN 70  1925 1925 ASN ASN A . n 
A 1 71  LEU 71  1926 1926 LEU LEU A . n 
A 1 72  GLU 72  1927 1927 GLU GLU A . n 
A 1 73  THR 73  1928 1928 THR THR A . n 
A 1 74  PHE 74  1929 1929 PHE PHE A . n 
A 1 75  ALA 75  1930 1930 ALA ALA A . n 
A 1 76  LEU 76  1931 1931 LEU LEU A . n 
A 1 77  ASP 77  1932 1932 ASP ASP A . n 
A 1 78  VAL 78  1933 1933 VAL VAL A . n 
A 1 79  ARG 79  1934 1934 ARG ARG A . n 
A 1 80  LEU 80  1935 1935 LEU LEU A . n 
A 1 81  VAL 81  1936 1936 VAL VAL A . n 
A 1 82  PHE 82  1937 1937 PHE PHE A . n 
A 1 83  ASP 83  1938 1938 ASP ASP A . n 
A 1 84  ASN 84  1939 1939 ASN ASN A . n 
A 1 85  CYS 85  1940 1940 CYS CYS A . n 
A 1 86  GLU 86  1941 1941 GLU GLU A . n 
A 1 87  THR 87  1942 1942 THR THR A . n 
A 1 88  PHE 88  1943 1943 PHE PHE A . n 
A 1 89  ASN 89  1944 1944 ASN ASN A . n 
A 1 90  GLU 90  1945 1945 GLU GLU A . n 
A 1 91  ASP 91  1946 1946 ASP ASP A . n 
A 1 92  ASP 92  1947 1947 ASP ASP A . n 
A 1 93  SER 93  1948 1948 SER SER A . n 
A 1 94  ASP 94  1949 1949 ASP ASP A . n 
A 1 95  ILE 95  1950 1950 ILE ILE A . n 
A 1 96  GLY 96  1951 1951 GLY GLY A . n 
A 1 97  ARG 97  1952 1952 ARG ARG A . n 
A 1 98  ALA 98  1953 1953 ALA ALA A . n 
A 1 99  GLY 99  1954 1954 GLY GLY A . n 
A 1 100 HIS 100 1955 1955 HIS HIS A . n 
A 1 101 ASN 101 1956 1956 ASN ASN A . n 
A 1 102 MET 102 1957 1957 MET MET A . n 
A 1 103 ARG 103 1958 1958 ARG ARG A . n 
A 1 104 LYS 104 1959 1959 LYS LYS A . n 
A 1 105 TYR 105 1960 1960 TYR TYR A . n 
A 1 106 PHE 106 1961 1961 PHE PHE A . n 
A 1 107 GLU 107 1962 1962 GLU GLU A . n 
A 1 108 LYS 108 1963 1963 LYS LYS A . n 
A 1 109 LYS 109 1964 1964 LYS LYS A . n 
A 1 110 TRP 110 1965 1965 TRP TRP A . n 
A 1 111 THR 111 1966 1966 THR THR A . n 
A 1 112 ASP 112 1967 1967 ASP ASP A . n 
A 1 113 THR 113 1968 1968 THR THR A . n 
A 1 114 PHE 114 1969 1969 PHE PHE A . n 
A 1 115 LYS 115 1970 1970 LYS LYS A . n 
A 1 116 VAL 116 1971 1971 VAL VAL A . n 
A 1 117 SER 117 1972 ?    ?   ?   A . n 
# 
loop_
_pdbx_nonpoly_scheme.asym_id 
_pdbx_nonpoly_scheme.entity_id 
_pdbx_nonpoly_scheme.mon_id 
_pdbx_nonpoly_scheme.ndb_seq_num 
_pdbx_nonpoly_scheme.pdb_seq_num 
_pdbx_nonpoly_scheme.auth_seq_num 
_pdbx_nonpoly_scheme.pdb_mon_id 
_pdbx_nonpoly_scheme.auth_mon_id 
_pdbx_nonpoly_scheme.pdb_strand_id 
_pdbx_nonpoly_scheme.pdb_ins_code 
B 2 D9T 1  2001 1  D9T LIG A . 
C 3 HOH 1  2101 73 HOH HOH A . 
C 3 HOH 2  2102 71 HOH HOH A . 
C 3 HOH 3  2103 2  HOH HOH A . 
C 3 HOH 4  2104 51 HOH HOH A . 
C 3 HOH 5  2105 42 HOH HOH A . 
C 3 HOH 6  2106 78 HOH HOH A . 
C 3 HOH 7  2107 41 HOH HOH A . 
C 3 HOH 8  2108 1  HOH HOH A . 
C 3 HOH 9  2109 8  HOH HOH A . 
C 3 HOH 10 2110 53 HOH HOH A . 
C 3 HOH 11 2111 38 HOH HOH A . 
C 3 HOH 12 2112 13 HOH HOH A . 
C 3 HOH 13 2113 63 HOH HOH A . 
C 3 HOH 14 2114 68 HOH HOH A . 
C 3 HOH 15 2115 23 HOH HOH A . 
C 3 HOH 16 2116 7  HOH HOH A . 
C 3 HOH 17 2117 22 HOH HOH A . 
C 3 HOH 18 2118 10 HOH HOH A . 
C 3 HOH 19 2119 18 HOH HOH A . 
C 3 HOH 20 2120 65 HOH HOH A . 
C 3 HOH 21 2121 58 HOH HOH A . 
C 3 HOH 22 2122 30 HOH HOH A . 
C 3 HOH 23 2123 48 HOH HOH A . 
C 3 HOH 24 2124 37 HOH HOH A . 
C 3 HOH 25 2125 15 HOH HOH A . 
C 3 HOH 26 2126 16 HOH HOH A . 
C 3 HOH 27 2127 43 HOH HOH A . 
C 3 HOH 28 2128 64 HOH HOH A . 
C 3 HOH 29 2129 32 HOH HOH A . 
C 3 HOH 30 2130 21 HOH HOH A . 
C 3 HOH 31 2131 24 HOH HOH A . 
C 3 HOH 32 2132 31 HOH HOH A . 
C 3 HOH 33 2133 40 HOH HOH A . 
C 3 HOH 34 2134 34 HOH HOH A . 
C 3 HOH 35 2135 14 HOH HOH A . 
C 3 HOH 36 2136 20 HOH HOH A . 
C 3 HOH 37 2137 19 HOH HOH A . 
C 3 HOH 38 2138 60 HOH HOH A . 
C 3 HOH 39 2139 28 HOH HOH A . 
C 3 HOH 40 2140 36 HOH HOH A . 
C 3 HOH 41 2141 9  HOH HOH A . 
C 3 HOH 42 2142 29 HOH HOH A . 
C 3 HOH 43 2143 26 HOH HOH A . 
C 3 HOH 44 2144 6  HOH HOH A . 
C 3 HOH 45 2145 33 HOH HOH A . 
C 3 HOH 46 2146 39 HOH HOH A . 
C 3 HOH 47 2147 74 HOH HOH A . 
C 3 HOH 48 2148 55 HOH HOH A . 
C 3 HOH 49 2149 52 HOH HOH A . 
C 3 HOH 50 2150 5  HOH HOH A . 
C 3 HOH 51 2151 3  HOH HOH A . 
C 3 HOH 52 2152 66 HOH HOH A . 
C 3 HOH 53 2153 4  HOH HOH A . 
C 3 HOH 54 2154 57 HOH HOH A . 
C 3 HOH 55 2155 54 HOH HOH A . 
C 3 HOH 56 2156 12 HOH HOH A . 
C 3 HOH 57 2157 11 HOH HOH A . 
C 3 HOH 58 2158 27 HOH HOH A . 
C 3 HOH 59 2159 56 HOH HOH A . 
C 3 HOH 60 2160 35 HOH HOH A . 
C 3 HOH 61 2161 69 HOH HOH A . 
C 3 HOH 62 2162 75 HOH HOH A . 
C 3 HOH 63 2163 70 HOH HOH A . 
C 3 HOH 64 2164 72 HOH HOH A . 
C 3 HOH 65 2165 59 HOH HOH A . 
C 3 HOH 66 2166 17 HOH HOH A . 
C 3 HOH 67 2167 44 HOH HOH A . 
C 3 HOH 68 2168 49 HOH HOH A . 
C 3 HOH 69 2169 45 HOH HOH A . 
C 3 HOH 70 2170 25 HOH HOH A . 
C 3 HOH 71 2171 61 HOH HOH A . 
# 
loop_
_software.citation_id 
_software.classification 
_software.compiler_name 
_software.compiler_version 
_software.contact_author 
_software.contact_author_email 
_software.date 
_software.description 
_software.dependencies 
_software.hardware 
_software.language 
_software.location 
_software.mods 
_software.name 
_software.os 
_software.os_version 
_software.type 
_software.version 
_software.pdbx_ordinal 
? refinement       ? ? ? ? ? ? ? ? ? ? ? PHENIX  ? ? ? '(1.12_2829: ???)' 1 
? 'data reduction' ? ? ? ? ? ? ? ? ? ? ? XDS     ? ? ? .                  2 
? 'data scaling'   ? ? ? ? ? ? ? ? ? ? ? Aimless ? ? ? .                  3 
? phasing          ? ? ? ? ? ? ? ? ? ? ? PHASER  ? ? ? .                  4 
# 
_cell.angle_alpha                  90.00 
_cell.angle_alpha_esd              ? 
_cell.angle_beta                   90.00 
_cell.angle_beta_esd               ? 
_cell.angle_gamma                  90.00 
_cell.angle_gamma_esd              ? 
_cell.entry_id                     6FGT 
_cell.details                      ? 
_cell.formula_units_Z              ? 
_cell.length_a                     81.607 
_cell.length_a_esd                 ? 
_cell.length_b                     95.970 
_cell.length_b_esd                 ? 
_cell.length_c                     57.693 
_cell.length_c_esd                 ? 
_cell.volume                       ? 
_cell.volume_esd                   ? 
_cell.Z_PDB                        8 
_cell.reciprocal_angle_alpha       ? 
_cell.reciprocal_angle_beta        ? 
_cell.reciprocal_angle_gamma       ? 
_cell.reciprocal_angle_alpha_esd   ? 
_cell.reciprocal_angle_beta_esd    ? 
_cell.reciprocal_angle_gamma_esd   ? 
_cell.reciprocal_length_a          ? 
_cell.reciprocal_length_b          ? 
_cell.reciprocal_length_c          ? 
_cell.reciprocal_length_a_esd      ? 
_cell.reciprocal_length_b_esd      ? 
_cell.reciprocal_length_c_esd      ? 
_cell.pdbx_unique_axis             ? 
# 
_symmetry.entry_id                         6FGT 
_symmetry.cell_setting                     ? 
_symmetry.Int_Tables_number                20 
_symmetry.space_group_name_Hall            ? 
_symmetry.space_group_name_H-M             'C 2 2 21' 
_symmetry.pdbx_full_space_group_name_H-M   ? 
# 
_exptl.absorpt_coefficient_mu     ? 
_exptl.absorpt_correction_T_max   ? 
_exptl.absorpt_correction_T_min   ? 
_exptl.absorpt_correction_type    ? 
_exptl.absorpt_process_details    ? 
_exptl.entry_id                   6FGT 
_exptl.crystals_number            1 
_exptl.details                    ? 
_exptl.method                     'X-RAY DIFFRACTION' 
_exptl.method_details             ? 
# 
_exptl_crystal.colour                      ? 
_exptl_crystal.density_diffrn              ? 
_exptl_crystal.density_Matthews            4.15 
_exptl_crystal.density_method              ? 
_exptl_crystal.density_percent_sol         70.34 
_exptl_crystal.description                 ? 
_exptl_crystal.F_000                       ? 
_exptl_crystal.id                          1 
_exptl_crystal.preparation                 ? 
_exptl_crystal.size_max                    ? 
_exptl_crystal.size_mid                    ? 
_exptl_crystal.size_min                    ? 
_exptl_crystal.size_rad                    ? 
_exptl_crystal.colour_lustre               ? 
_exptl_crystal.colour_modifier             ? 
_exptl_crystal.colour_primary              ? 
_exptl_crystal.density_meas                ? 
_exptl_crystal.density_meas_esd            ? 
_exptl_crystal.density_meas_gt             ? 
_exptl_crystal.density_meas_lt             ? 
_exptl_crystal.density_meas_temp           ? 
_exptl_crystal.density_meas_temp_esd       ? 
_exptl_crystal.density_meas_temp_gt        ? 
_exptl_crystal.density_meas_temp_lt        ? 
_exptl_crystal.pdbx_crystal_image_url      ? 
_exptl_crystal.pdbx_crystal_image_format   ? 
_exptl_crystal.pdbx_mosaicity              ? 
_exptl_crystal.pdbx_mosaicity_esd          ? 
# 
_exptl_crystal_grow.apparatus       ? 
_exptl_crystal_grow.atmosphere      ? 
_exptl_crystal_grow.crystal_id      1 
_exptl_crystal_grow.details         ? 
_exptl_crystal_grow.method          'VAPOR DIFFUSION, SITTING DROP' 
_exptl_crystal_grow.method_ref      ? 
_exptl_crystal_grow.pH              ? 
_exptl_crystal_grow.pressure        ? 
_exptl_crystal_grow.pressure_esd    ? 
_exptl_crystal_grow.seeding         ? 
_exptl_crystal_grow.seeding_ref     ? 
_exptl_crystal_grow.temp            277 
_exptl_crystal_grow.temp_details    ? 
_exptl_crystal_grow.temp_esd        ? 
_exptl_crystal_grow.time            ? 
_exptl_crystal_grow.pdbx_details    '20% PEG500MME, 2% PEG1000, 2% PEG3350, 10% PEG20000, 2% MPD' 
_exptl_crystal_grow.pdbx_pH_range   ? 
# 
_diffrn.ambient_environment    ? 
_diffrn.ambient_temp           100 
_diffrn.ambient_temp_details   ? 
_diffrn.ambient_temp_esd       ? 
_diffrn.crystal_id             1 
_diffrn.crystal_support        ? 
_diffrn.crystal_treatment      ? 
_diffrn.details                ? 
_diffrn.id                     1 
_diffrn.ambient_pressure       ? 
_diffrn.ambient_pressure_esd   ? 
_diffrn.ambient_pressure_gt    ? 
_diffrn.ambient_pressure_lt    ? 
_diffrn.ambient_temp_gt        ? 
_diffrn.ambient_temp_lt        ? 
# 
_diffrn_detector.details                      ? 
_diffrn_detector.detector                     PIXEL 
_diffrn_detector.diffrn_id                    1 
_diffrn_detector.type                         'DECTRIS PILATUS 2M' 
_diffrn_detector.area_resol_mean              ? 
_diffrn_detector.dtime                        ? 
_diffrn_detector.pdbx_frames_total            ? 
_diffrn_detector.pdbx_collection_time_total   ? 
_diffrn_detector.pdbx_collection_date         2017-07-05 
# 
_diffrn_radiation.collimation                      ? 
_diffrn_radiation.diffrn_id                        1 
_diffrn_radiation.filter_edge                      ? 
_diffrn_radiation.inhomogeneity                    ? 
_diffrn_radiation.monochromator                    ? 
_diffrn_radiation.polarisn_norm                    ? 
_diffrn_radiation.polarisn_ratio                   ? 
_diffrn_radiation.probe                            ? 
_diffrn_radiation.type                             ? 
_diffrn_radiation.xray_symbol                      ? 
_diffrn_radiation.wavelength_id                    1 
_diffrn_radiation.pdbx_monochromatic_or_laue_m_l   M 
_diffrn_radiation.pdbx_wavelength_list             ? 
_diffrn_radiation.pdbx_wavelength                  ? 
_diffrn_radiation.pdbx_diffrn_protocol             'SINGLE WAVELENGTH' 
_diffrn_radiation.pdbx_analyzer                    ? 
_diffrn_radiation.pdbx_scattering_type             x-ray 
# 
_diffrn_radiation_wavelength.id           1 
_diffrn_radiation_wavelength.wavelength   1.0 
_diffrn_radiation_wavelength.wt           1.0 
# 
_diffrn_source.current                     ? 
_diffrn_source.details                     ? 
_diffrn_source.diffrn_id                   1 
_diffrn_source.power                       ? 
_diffrn_source.size                        ? 
_diffrn_source.source                      SYNCHROTRON 
_diffrn_source.target                      ? 
_diffrn_source.type                        'ELETTRA BEAMLINE 5.2R' 
_diffrn_source.voltage                     ? 
_diffrn_source.take-off_angle              ? 
_diffrn_source.pdbx_wavelength_list        1.0 
_diffrn_source.pdbx_wavelength             ? 
_diffrn_source.pdbx_synchrotron_beamline   5.2R 
_diffrn_source.pdbx_synchrotron_site       ELETTRA 
# 
_reflns.B_iso_Wilson_estimate            ? 
_reflns.entry_id                         6FGT 
_reflns.data_reduction_details           ? 
_reflns.data_reduction_method            ? 
_reflns.d_resolution_high                2.00 
_reflns.d_resolution_low                 42.29 
_reflns.details                          ? 
_reflns.limit_h_max                      ? 
_reflns.limit_h_min                      ? 
_reflns.limit_k_max                      ? 
_reflns.limit_k_min                      ? 
_reflns.limit_l_max                      ? 
_reflns.limit_l_min                      ? 
_reflns.number_all                       ? 
_reflns.number_obs                       15653 
_reflns.observed_criterion               ? 
_reflns.observed_criterion_F_max         ? 
_reflns.observed_criterion_F_min         ? 
_reflns.observed_criterion_I_max         ? 
_reflns.observed_criterion_I_min         ? 
_reflns.observed_criterion_sigma_F       ? 
_reflns.observed_criterion_sigma_I       ? 
_reflns.percent_possible_obs             99.8 
_reflns.R_free_details                   ? 
_reflns.Rmerge_F_all                     ? 
_reflns.Rmerge_F_obs                     ? 
_reflns.Friedel_coverage                 ? 
_reflns.number_gt                        ? 
_reflns.threshold_expression             ? 
_reflns.pdbx_redundancy                  7.0 
_reflns.pdbx_Rmerge_I_obs                0.061 
_reflns.pdbx_Rmerge_I_all                ? 
_reflns.pdbx_Rsym_value                  ? 
_reflns.pdbx_netI_over_av_sigmaI         ? 
_reflns.pdbx_netI_over_sigmaI            17.2 
_reflns.pdbx_res_netI_over_av_sigmaI_2   ? 
_reflns.pdbx_res_netI_over_sigmaI_2      ? 
_reflns.pdbx_chi_squared                 ? 
_reflns.pdbx_scaling_rejects             ? 
_reflns.pdbx_d_res_high_opt              ? 
_reflns.pdbx_d_res_low_opt               ? 
_reflns.pdbx_d_res_opt_method            ? 
_reflns.phase_calculation_details        ? 
_reflns.pdbx_Rrim_I_all                  0.066 
_reflns.pdbx_Rpim_I_all                  0.024 
_reflns.pdbx_d_opt                       ? 
_reflns.pdbx_number_measured_all         ? 
_reflns.pdbx_diffrn_id                   1 
_reflns.pdbx_ordinal                     1 
_reflns.pdbx_CC_half                     ? 
_reflns.pdbx_R_split                     ? 
# 
_reflns_shell.d_res_high                  2.00 
_reflns_shell.d_res_low                   2.05 
_reflns_shell.meanI_over_sigI_all         ? 
_reflns_shell.meanI_over_sigI_obs         3.5 
_reflns_shell.number_measured_all         ? 
_reflns_shell.number_measured_obs         ? 
_reflns_shell.number_possible             ? 
_reflns_shell.number_unique_all           ? 
_reflns_shell.number_unique_obs           1148 
_reflns_shell.percent_possible_all        100 
_reflns_shell.percent_possible_obs        ? 
_reflns_shell.Rmerge_F_all                ? 
_reflns_shell.Rmerge_F_obs                ? 
_reflns_shell.Rmerge_I_all                ? 
_reflns_shell.Rmerge_I_obs                0.420 
_reflns_shell.meanI_over_sigI_gt          ? 
_reflns_shell.meanI_over_uI_all           ? 
_reflns_shell.meanI_over_uI_gt            ? 
_reflns_shell.number_measured_gt          ? 
_reflns_shell.number_unique_gt            ? 
_reflns_shell.percent_possible_gt         ? 
_reflns_shell.Rmerge_F_gt                 ? 
_reflns_shell.Rmerge_I_gt                 ? 
_reflns_shell.pdbx_redundancy             7.5 
_reflns_shell.pdbx_Rsym_value             ? 
_reflns_shell.pdbx_chi_squared            ? 
_reflns_shell.pdbx_netI_over_sigmaI_all   ? 
_reflns_shell.pdbx_netI_over_sigmaI_obs   ? 
_reflns_shell.pdbx_Rrim_I_all             0.451 
_reflns_shell.pdbx_Rpim_I_all             0.162 
_reflns_shell.pdbx_rejects                ? 
_reflns_shell.pdbx_ordinal                1 
_reflns_shell.pdbx_diffrn_id              1 
_reflns_shell.pdbx_CC_half                0.983 
_reflns_shell.pdbx_R_split                ? 
# 
_refine.aniso_B[1][1]                            ? 
_refine.aniso_B[1][2]                            ? 
_refine.aniso_B[1][3]                            ? 
_refine.aniso_B[2][2]                            ? 
_refine.aniso_B[2][3]                            ? 
_refine.aniso_B[3][3]                            ? 
_refine.B_iso_max                                ? 
_refine.B_iso_mean                               ? 
_refine.B_iso_min                                ? 
_refine.correlation_coeff_Fo_to_Fc               ? 
_refine.correlation_coeff_Fo_to_Fc_free          ? 
_refine.details                                  ? 
_refine.diff_density_max                         ? 
_refine.diff_density_max_esd                     ? 
_refine.diff_density_min                         ? 
_refine.diff_density_min_esd                     ? 
_refine.diff_density_rms                         ? 
_refine.diff_density_rms_esd                     ? 
_refine.entry_id                                 6FGT 
_refine.pdbx_refine_id                           'X-RAY DIFFRACTION' 
_refine.ls_abs_structure_details                 ? 
_refine.ls_abs_structure_Flack                   ? 
_refine.ls_abs_structure_Flack_esd               ? 
_refine.ls_abs_structure_Rogers                  ? 
_refine.ls_abs_structure_Rogers_esd              ? 
_refine.ls_d_res_high                            2.000 
_refine.ls_d_res_low                             40.803 
_refine.ls_extinction_coef                       ? 
_refine.ls_extinction_coef_esd                   ? 
_refine.ls_extinction_expression                 ? 
_refine.ls_extinction_method                     ? 
_refine.ls_goodness_of_fit_all                   ? 
_refine.ls_goodness_of_fit_all_esd               ? 
_refine.ls_goodness_of_fit_obs                   ? 
_refine.ls_goodness_of_fit_obs_esd               ? 
_refine.ls_hydrogen_treatment                    ? 
_refine.ls_matrix_type                           ? 
_refine.ls_number_constraints                    ? 
_refine.ls_number_parameters                     ? 
_refine.ls_number_reflns_all                     ? 
_refine.ls_number_reflns_obs                     15492 
_refine.ls_number_reflns_R_free                  736 
_refine.ls_number_reflns_R_work                  ? 
_refine.ls_number_restraints                     ? 
_refine.ls_percent_reflns_obs                    98.81 
_refine.ls_percent_reflns_R_free                 4.75 
_refine.ls_R_factor_all                          ? 
_refine.ls_R_factor_obs                          0.2154 
_refine.ls_R_factor_R_free                       0.2388 
_refine.ls_R_factor_R_free_error                 ? 
_refine.ls_R_factor_R_free_error_details         ? 
_refine.ls_R_factor_R_work                       0.2142 
_refine.ls_R_Fsqd_factor_obs                     ? 
_refine.ls_R_I_factor_obs                        ? 
_refine.ls_redundancy_reflns_all                 ? 
_refine.ls_redundancy_reflns_obs                 ? 
_refine.ls_restrained_S_all                      ? 
_refine.ls_restrained_S_obs                      ? 
_refine.ls_shift_over_esd_max                    ? 
_refine.ls_shift_over_esd_mean                   ? 
_refine.ls_structure_factor_coef                 ? 
_refine.ls_weighting_details                     ? 
_refine.ls_weighting_scheme                      ? 
_refine.ls_wR_factor_all                         ? 
_refine.ls_wR_factor_obs                         ? 
_refine.ls_wR_factor_R_free                      ? 
_refine.ls_wR_factor_R_work                      ? 
_refine.occupancy_max                            ? 
_refine.occupancy_min                            ? 
_refine.solvent_model_details                    ? 
_refine.solvent_model_param_bsol                 ? 
_refine.solvent_model_param_ksol                 ? 
_refine.ls_R_factor_gt                           ? 
_refine.ls_goodness_of_fit_gt                    ? 
_refine.ls_goodness_of_fit_ref                   ? 
_refine.ls_shift_over_su_max                     ? 
_refine.ls_shift_over_su_max_lt                  ? 
_refine.ls_shift_over_su_mean                    ? 
_refine.ls_shift_over_su_mean_lt                 ? 
_refine.pdbx_ls_sigma_I                          ? 
_refine.pdbx_ls_sigma_F                          1.33 
_refine.pdbx_ls_sigma_Fsqd                       ? 
_refine.pdbx_data_cutoff_high_absF               ? 
_refine.pdbx_data_cutoff_high_rms_absF           ? 
_refine.pdbx_data_cutoff_low_absF                ? 
_refine.pdbx_isotropic_thermal_model             ? 
_refine.pdbx_ls_cross_valid_method               NONE 
_refine.pdbx_method_to_determine_struct          'MOLECULAR REPLACEMENT' 
_refine.pdbx_starting_model                      5DYU 
_refine.pdbx_stereochemistry_target_values       ? 
_refine.pdbx_R_Free_selection_details            ? 
_refine.pdbx_stereochem_target_val_spec_case     ? 
_refine.pdbx_overall_ESU_R                       ? 
_refine.pdbx_overall_ESU_R_Free                  ? 
_refine.pdbx_solvent_vdw_probe_radii             1.11 
_refine.pdbx_solvent_ion_probe_radii             ? 
_refine.pdbx_solvent_shrinkage_radii             0.90 
_refine.pdbx_real_space_R                        ? 
_refine.pdbx_density_correlation                 ? 
_refine.pdbx_pd_number_of_powder_patterns        ? 
_refine.pdbx_pd_number_of_points                 ? 
_refine.pdbx_pd_meas_number_of_points            ? 
_refine.pdbx_pd_proc_ls_prof_R_factor            ? 
_refine.pdbx_pd_proc_ls_prof_wR_factor           ? 
_refine.pdbx_pd_Marquardt_correlation_coeff      ? 
_refine.pdbx_pd_Fsqrd_R_factor                   ? 
_refine.pdbx_pd_ls_matrix_band_width             ? 
_refine.pdbx_overall_phase_error                 34.32 
_refine.pdbx_overall_SU_R_free_Cruickshank_DPI   ? 
_refine.pdbx_overall_SU_R_free_Blow_DPI          ? 
_refine.pdbx_overall_SU_R_Blow_DPI               ? 
_refine.pdbx_TLS_residual_ADP_flag               ? 
_refine.pdbx_diffrn_id                           1 
_refine.overall_SU_B                             ? 
_refine.overall_SU_ML                            0.18 
_refine.overall_SU_R_Cruickshank_DPI             ? 
_refine.overall_SU_R_free                        ? 
_refine.overall_FOM_free_R_set                   ? 
_refine.overall_FOM_work_R_set                   ? 
_refine.pdbx_average_fsc_overall                 ? 
_refine.pdbx_average_fsc_work                    ? 
_refine.pdbx_average_fsc_free                    ? 
# 
_refine_hist.pdbx_refine_id                   'X-RAY DIFFRACTION' 
_refine_hist.cycle_id                         LAST 
_refine_hist.pdbx_number_atoms_protein        947 
_refine_hist.pdbx_number_atoms_nucleic_acid   0 
_refine_hist.pdbx_number_atoms_ligand         19 
_refine_hist.number_atoms_solvent             71 
_refine_hist.number_atoms_total               1037 
_refine_hist.d_res_high                       2.000 
_refine_hist.d_res_low                        40.803 
# 
loop_
_refine_ls_restr.pdbx_refine_id 
_refine_ls_restr.criterion 
_refine_ls_restr.dev_ideal 
_refine_ls_restr.dev_ideal_target 
_refine_ls_restr.number 
_refine_ls_restr.rejects 
_refine_ls_restr.type 
_refine_ls_restr.weight 
_refine_ls_restr.pdbx_restraint_function 
'X-RAY DIFFRACTION' ? 0.006  ? 1015 ? f_bond_d           ? ? 
'X-RAY DIFFRACTION' ? 0.869  ? 1369 ? f_angle_d          ? ? 
'X-RAY DIFFRACTION' ? 18.472 ? 616  ? f_dihedral_angle_d ? ? 
'X-RAY DIFFRACTION' ? 0.041  ? 144  ? f_chiral_restr     ? ? 
'X-RAY DIFFRACTION' ? 0.004  ? 171  ? f_plane_restr      ? ? 
# 
loop_
_refine_ls_shell.pdbx_refine_id 
_refine_ls_shell.d_res_high 
_refine_ls_shell.d_res_low 
_refine_ls_shell.number_reflns_all 
_refine_ls_shell.number_reflns_obs 
_refine_ls_shell.number_reflns_R_free 
_refine_ls_shell.number_reflns_R_work 
_refine_ls_shell.percent_reflns_obs 
_refine_ls_shell.percent_reflns_R_free 
_refine_ls_shell.R_factor_all 
_refine_ls_shell.R_factor_obs 
_refine_ls_shell.R_factor_R_free 
_refine_ls_shell.R_factor_R_free_error 
_refine_ls_shell.R_factor_R_work 
_refine_ls_shell.redundancy_reflns_all 
_refine_ls_shell.redundancy_reflns_obs 
_refine_ls_shell.wR_factor_all 
_refine_ls_shell.wR_factor_obs 
_refine_ls_shell.wR_factor_R_free 
_refine_ls_shell.wR_factor_R_work 
_refine_ls_shell.pdbx_total_number_of_bins_used 
_refine_ls_shell.pdbx_phase_error 
_refine_ls_shell.pdbx_fsc_work 
_refine_ls_shell.pdbx_fsc_free 
'X-RAY DIFFRACTION' 2.0000 2.1544  . . 153 2908 99.00 . . . 0.3477 . 0.2848 . . . . . . . . . . 
'X-RAY DIFFRACTION' 2.1544 2.3712  . . 142 2873 98.00 . . . 0.3161 . 0.2522 . . . . . . . . . . 
'X-RAY DIFFRACTION' 2.3712 2.7143  . . 150 2936 99.00 . . . 0.2483 . 0.2145 . . . . . . . . . . 
'X-RAY DIFFRACTION' 2.7143 3.4194  . . 131 2975 99.00 . . . 0.2678 . 0.2267 . . . . . . . . . . 
'X-RAY DIFFRACTION' 3.4194 40.8120 . . 160 3064 99.00 . . . 0.1969 . 0.1897 . . . . . . . . . . 
# 
_struct.entry_id                     6FGT 
_struct.title                        'Crystal Structure of BAZ2B bromodomain in complex with 1-methylpyridinone compound 3' 
_struct.pdbx_model_details           ? 
_struct.pdbx_formula_weight          ? 
_struct.pdbx_formula_weight_method   ? 
_struct.pdbx_model_type_details      ? 
_struct.pdbx_CASP_flag               N 
# 
_struct_keywords.entry_id        6FGT 
_struct_keywords.text            'four helical bundle, transcription' 
_struct_keywords.pdbx_keywords   TRANSCRIPTION 
# 
loop_
_struct_asym.id 
_struct_asym.pdbx_blank_PDB_chainid_flag 
_struct_asym.pdbx_modified 
_struct_asym.entity_id 
_struct_asym.details 
A N N 1 ? 
B N N 2 ? 
C N N 3 ? 
# 
_struct_ref.id                         1 
_struct_ref.db_name                    UNP 
_struct_ref.db_code                    BAZ2B_HUMAN 
_struct_ref.pdbx_db_accession          Q9UIF8 
_struct_ref.pdbx_db_isoform            ? 
_struct_ref.entity_id                  1 
_struct_ref.pdbx_seq_one_letter_code   
;SVKKPKRDDSKDLALCSMILTEMETHEDAWPFLLPVNLKLVPGYKKVIKKPMDFSTIREKLSSGQYPNLETFALDVRLVF
DNCETFNEDDSDIGRAGHNMRKYFEKKWTDTFKVS
;
_struct_ref.pdbx_align_begin           2054 
# 
_struct_ref_seq.align_id                      1 
_struct_ref_seq.ref_id                        1 
_struct_ref_seq.pdbx_PDB_id_code              6FGT 
_struct_ref_seq.pdbx_strand_id                A 
_struct_ref_seq.seq_align_beg                 3 
_struct_ref_seq.pdbx_seq_align_beg_ins_code   ? 
_struct_ref_seq.seq_align_end                 117 
_struct_ref_seq.pdbx_seq_align_end_ins_code   ? 
_struct_ref_seq.pdbx_db_accession             Q9UIF8 
_struct_ref_seq.db_align_beg                  2054 
_struct_ref_seq.pdbx_db_align_beg_ins_code    ? 
_struct_ref_seq.db_align_end                  2168 
_struct_ref_seq.pdbx_db_align_end_ins_code    ? 
_struct_ref_seq.pdbx_auth_seq_align_beg       1858 
_struct_ref_seq.pdbx_auth_seq_align_end       1972 
# 
loop_
_struct_ref_seq_dif.align_id 
_struct_ref_seq_dif.pdbx_pdb_id_code 
_struct_ref_seq_dif.mon_id 
_struct_ref_seq_dif.pdbx_pdb_strand_id 
_struct_ref_seq_dif.seq_num 
_struct_ref_seq_dif.pdbx_pdb_ins_code 
_struct_ref_seq_dif.pdbx_seq_db_name 
_struct_ref_seq_dif.pdbx_seq_db_accession_code 
_struct_ref_seq_dif.db_mon_id 
_struct_ref_seq_dif.pdbx_seq_db_seq_num 
_struct_ref_seq_dif.details 
_struct_ref_seq_dif.pdbx_auth_seq_num 
_struct_ref_seq_dif.pdbx_ordinal 
1 6FGT SER A 1 ? UNP Q9UIF8 ? ? 'expression tag' 1856 1 
1 6FGT MET A 2 ? UNP Q9UIF8 ? ? 'expression tag' 1857 2 
# 
_pdbx_struct_assembly.id                   1 
_pdbx_struct_assembly.details              author_and_software_defined_assembly 
_pdbx_struct_assembly.method_details       PISA 
_pdbx_struct_assembly.oligomeric_details   monomeric 
_pdbx_struct_assembly.oligomeric_count     1 
# 
loop_
_pdbx_struct_assembly_prop.biol_id 
_pdbx_struct_assembly_prop.type 
_pdbx_struct_assembly_prop.value 
_pdbx_struct_assembly_prop.details 
1 'ABSA (A^2)' 0    ? 
1 MORE         0    ? 
1 'SSA (A^2)'  7960 ? 
# 
_pdbx_struct_assembly_gen.assembly_id       1 
_pdbx_struct_assembly_gen.oper_expression   1 
_pdbx_struct_assembly_gen.asym_id_list      A,B,C 
# 
_pdbx_struct_assembly_auth_evidence.id                     1 
_pdbx_struct_assembly_auth_evidence.assembly_id            1 
_pdbx_struct_assembly_auth_evidence.experimental_support   'gel filtration' 
_pdbx_struct_assembly_auth_evidence.details                ? 
# 
_pdbx_struct_oper_list.id                   1 
_pdbx_struct_oper_list.type                 'identity operation' 
_pdbx_struct_oper_list.name                 1_555 
_pdbx_struct_oper_list.symmetry_operation   x,y,z 
_pdbx_struct_oper_list.matrix[1][1]         1.0000000000 
_pdbx_struct_oper_list.matrix[1][2]         0.0000000000 
_pdbx_struct_oper_list.matrix[1][3]         0.0000000000 
_pdbx_struct_oper_list.vector[1]            0.0000000000 
_pdbx_struct_oper_list.matrix[2][1]         0.0000000000 
_pdbx_struct_oper_list.matrix[2][2]         1.0000000000 
_pdbx_struct_oper_list.matrix[2][3]         0.0000000000 
_pdbx_struct_oper_list.vector[2]            0.0000000000 
_pdbx_struct_oper_list.matrix[3][1]         0.0000000000 
_pdbx_struct_oper_list.matrix[3][2]         0.0000000000 
_pdbx_struct_oper_list.matrix[3][3]         1.0000000000 
_pdbx_struct_oper_list.vector[3]            0.0000000000 
# 
loop_
_struct_conf.conf_type_id 
_struct_conf.id 
_struct_conf.pdbx_PDB_helix_id 
_struct_conf.beg_label_comp_id 
_struct_conf.beg_label_asym_id 
_struct_conf.beg_label_seq_id 
_struct_conf.pdbx_beg_PDB_ins_code 
_struct_conf.end_label_comp_id 
_struct_conf.end_label_asym_id 
_struct_conf.end_label_seq_id 
_struct_conf.pdbx_end_PDB_ins_code 
_struct_conf.beg_auth_comp_id 
_struct_conf.beg_auth_asym_id 
_struct_conf.beg_auth_seq_id 
_struct_conf.end_auth_comp_id 
_struct_conf.end_auth_asym_id 
_struct_conf.end_auth_seq_id 
_struct_conf.pdbx_PDB_helix_class 
_struct_conf.details 
_struct_conf.pdbx_PDB_helix_length 
HELX_P HELX_P1 AA1 LYS A 13 ? HIS A 28  ? LYS A 1868 HIS A 1883 1 ? 16 
HELX_P HELX_P2 AA2 GLU A 29 ? LEU A 35  ? GLU A 1884 LEU A 1890 5 ? 7  
HELX_P HELX_P3 AA3 GLY A 45 ? ILE A 50  ? GLY A 1900 ILE A 1905 1 ? 6  
HELX_P HELX_P4 AA4 ASP A 55 ? SER A 65  ? ASP A 1910 SER A 1920 1 ? 11 
HELX_P HELX_P5 AA5 ASN A 70 ? ASN A 89  ? ASN A 1925 ASN A 1944 1 ? 20 
HELX_P HELX_P6 AA6 SER A 93 ? LYS A 115 ? SER A 1948 LYS A 1970 1 ? 23 
# 
_struct_conf_type.id          HELX_P 
_struct_conf_type.criteria    ? 
_struct_conf_type.reference   ? 
# 
_struct_site.id                   AC1 
_struct_site.pdbx_evidence_code   Software 
_struct_site.pdbx_auth_asym_id    A 
_struct_site.pdbx_auth_comp_id    D9T 
_struct_site.pdbx_auth_seq_id     2001 
_struct_site.pdbx_auth_ins_code   ? 
_struct_site.pdbx_num_residues    5 
_struct_site.details              'binding site for residue D9T A 2001' 
# 
loop_
_struct_site_gen.id 
_struct_site_gen.site_id 
_struct_site_gen.pdbx_num_res 
_struct_site_gen.label_comp_id 
_struct_site_gen.label_asym_id 
_struct_site_gen.label_seq_id 
_struct_site_gen.pdbx_auth_ins_code 
_struct_site_gen.auth_comp_id 
_struct_site_gen.auth_asym_id 
_struct_site_gen.auth_seq_id 
_struct_site_gen.label_atom_id 
_struct_site_gen.label_alt_id 
_struct_site_gen.symmetry 
_struct_site_gen.details 
1 AC1 5 PRO A 33 ? PRO A 1888 . ? 1_555 ? 
2 AC1 5 PHE A 34 ? PHE A 1889 . ? 1_555 ? 
3 AC1 5 VAL A 38 ? VAL A 1893 . ? 1_555 ? 
4 AC1 5 ASN A 89 ? ASN A 1944 . ? 1_555 ? 
5 AC1 5 HOH C .  ? HOH A 2109 . ? 1_555 ? 
# 
_pdbx_unobs_or_zero_occ_residues.id               1 
_pdbx_unobs_or_zero_occ_residues.PDB_model_num    1 
_pdbx_unobs_or_zero_occ_residues.polymer_flag     Y 
_pdbx_unobs_or_zero_occ_residues.occupancy_flag   1 
_pdbx_unobs_or_zero_occ_residues.auth_asym_id     A 
_pdbx_unobs_or_zero_occ_residues.auth_comp_id     SER 
_pdbx_unobs_or_zero_occ_residues.auth_seq_id      1972 
_pdbx_unobs_or_zero_occ_residues.PDB_ins_code     ? 
_pdbx_unobs_or_zero_occ_residues.label_asym_id    A 
_pdbx_unobs_or_zero_occ_residues.label_comp_id    SER 
_pdbx_unobs_or_zero_occ_residues.label_seq_id     117 
# 
loop_
_chem_comp_atom.comp_id 
_chem_comp_atom.atom_id 
_chem_comp_atom.type_symbol 
_chem_comp_atom.pdbx_aromatic_flag 
_chem_comp_atom.pdbx_stereo_config 
_chem_comp_atom.pdbx_ordinal 
ALA N    N N N 1   
ALA CA   C N S 2   
ALA C    C N N 3   
ALA O    O N N 4   
ALA CB   C N N 5   
ALA OXT  O N N 6   
ALA H    H N N 7   
ALA H2   H N N 8   
ALA HA   H N N 9   
ALA HB1  H N N 10  
ALA HB2  H N N 11  
ALA HB3  H N N 12  
ALA HXT  H N N 13  
ARG N    N N N 14  
ARG CA   C N S 15  
ARG C    C N N 16  
ARG O    O N N 17  
ARG CB   C N N 18  
ARG CG   C N N 19  
ARG CD   C N N 20  
ARG NE   N N N 21  
ARG CZ   C N N 22  
ARG NH1  N N N 23  
ARG NH2  N N N 24  
ARG OXT  O N N 25  
ARG H    H N N 26  
ARG H2   H N N 27  
ARG HA   H N N 28  
ARG HB2  H N N 29  
ARG HB3  H N N 30  
ARG HG2  H N N 31  
ARG HG3  H N N 32  
ARG HD2  H N N 33  
ARG HD3  H N N 34  
ARG HE   H N N 35  
ARG HH11 H N N 36  
ARG HH12 H N N 37  
ARG HH21 H N N 38  
ARG HH22 H N N 39  
ARG HXT  H N N 40  
ASN N    N N N 41  
ASN CA   C N S 42  
ASN C    C N N 43  
ASN O    O N N 44  
ASN CB   C N N 45  
ASN CG   C N N 46  
ASN OD1  O N N 47  
ASN ND2  N N N 48  
ASN OXT  O N N 49  
ASN H    H N N 50  
ASN H2   H N N 51  
ASN HA   H N N 52  
ASN HB2  H N N 53  
ASN HB3  H N N 54  
ASN HD21 H N N 55  
ASN HD22 H N N 56  
ASN HXT  H N N 57  
ASP N    N N N 58  
ASP CA   C N S 59  
ASP C    C N N 60  
ASP O    O N N 61  
ASP CB   C N N 62  
ASP CG   C N N 63  
ASP OD1  O N N 64  
ASP OD2  O N N 65  
ASP OXT  O N N 66  
ASP H    H N N 67  
ASP H2   H N N 68  
ASP HA   H N N 69  
ASP HB2  H N N 70  
ASP HB3  H N N 71  
ASP HD2  H N N 72  
ASP HXT  H N N 73  
CYS N    N N N 74  
CYS CA   C N R 75  
CYS C    C N N 76  
CYS O    O N N 77  
CYS CB   C N N 78  
CYS SG   S N N 79  
CYS OXT  O N N 80  
CYS H    H N N 81  
CYS H2   H N N 82  
CYS HA   H N N 83  
CYS HB2  H N N 84  
CYS HB3  H N N 85  
CYS HG   H N N 86  
CYS HXT  H N N 87  
D9T C13  C N N 88  
D9T C15  C N N 89  
D9T C17  C N N 90  
D9T C01  C N N 91  
D9T C03  C N N 92  
D9T C04  C N N 93  
D9T C05  C N N 94  
D9T C06  C N N 95  
D9T C07  C N N 96  
D9T C09  C N N 97  
D9T C12  C N N 98  
D9T C16  C N N 99  
D9T C18  C N N 100 
D9T C19  C N N 101 
D9T N02  N N N 102 
D9T N11  N N N 103 
D9T N14  N N N 104 
D9T O08  O N N 105 
D9T O10  O N N 106 
D9T H1   H N N 107 
D9T H2   H N N 108 
D9T H3   H N N 109 
D9T H4   H N N 110 
D9T H5   H N N 111 
D9T H6   H N N 112 
D9T H7   H N N 113 
D9T H8   H N N 114 
D9T H9   H N N 115 
D9T H10  H N N 116 
D9T H11  H N N 117 
D9T H12  H N N 118 
D9T H13  H N N 119 
D9T H14  H N N 120 
D9T H15  H N N 121 
D9T H16  H N N 122 
D9T H17  H N N 123 
D9T H18  H N N 124 
D9T H19  H N N 125 
D9T H20  H N N 126 
D9T H21  H N N 127 
GLN N    N N N 128 
GLN CA   C N S 129 
GLN C    C N N 130 
GLN O    O N N 131 
GLN CB   C N N 132 
GLN CG   C N N 133 
GLN CD   C N N 134 
GLN OE1  O N N 135 
GLN NE2  N N N 136 
GLN OXT  O N N 137 
GLN H    H N N 138 
GLN H2   H N N 139 
GLN HA   H N N 140 
GLN HB2  H N N 141 
GLN HB3  H N N 142 
GLN HG2  H N N 143 
GLN HG3  H N N 144 
GLN HE21 H N N 145 
GLN HE22 H N N 146 
GLN HXT  H N N 147 
GLU N    N N N 148 
GLU CA   C N S 149 
GLU C    C N N 150 
GLU O    O N N 151 
GLU CB   C N N 152 
GLU CG   C N N 153 
GLU CD   C N N 154 
GLU OE1  O N N 155 
GLU OE2  O N N 156 
GLU OXT  O N N 157 
GLU H    H N N 158 
GLU H2   H N N 159 
GLU HA   H N N 160 
GLU HB2  H N N 161 
GLU HB3  H N N 162 
GLU HG2  H N N 163 
GLU HG3  H N N 164 
GLU HE2  H N N 165 
GLU HXT  H N N 166 
GLY N    N N N 167 
GLY CA   C N N 168 
GLY C    C N N 169 
GLY O    O N N 170 
GLY OXT  O N N 171 
GLY H    H N N 172 
GLY H2   H N N 173 
GLY HA2  H N N 174 
GLY HA3  H N N 175 
GLY HXT  H N N 176 
HIS N    N N N 177 
HIS CA   C N S 178 
HIS C    C N N 179 
HIS O    O N N 180 
HIS CB   C N N 181 
HIS CG   C Y N 182 
HIS ND1  N Y N 183 
HIS CD2  C Y N 184 
HIS CE1  C Y N 185 
HIS NE2  N Y N 186 
HIS OXT  O N N 187 
HIS H    H N N 188 
HIS H2   H N N 189 
HIS HA   H N N 190 
HIS HB2  H N N 191 
HIS HB3  H N N 192 
HIS HD1  H N N 193 
HIS HD2  H N N 194 
HIS HE1  H N N 195 
HIS HE2  H N N 196 
HIS HXT  H N N 197 
HOH O    O N N 198 
HOH H1   H N N 199 
HOH H2   H N N 200 
ILE N    N N N 201 
ILE CA   C N S 202 
ILE C    C N N 203 
ILE O    O N N 204 
ILE CB   C N S 205 
ILE CG1  C N N 206 
ILE CG2  C N N 207 
ILE CD1  C N N 208 
ILE OXT  O N N 209 
ILE H    H N N 210 
ILE H2   H N N 211 
ILE HA   H N N 212 
ILE HB   H N N 213 
ILE HG12 H N N 214 
ILE HG13 H N N 215 
ILE HG21 H N N 216 
ILE HG22 H N N 217 
ILE HG23 H N N 218 
ILE HD11 H N N 219 
ILE HD12 H N N 220 
ILE HD13 H N N 221 
ILE HXT  H N N 222 
LEU N    N N N 223 
LEU CA   C N S 224 
LEU C    C N N 225 
LEU O    O N N 226 
LEU CB   C N N 227 
LEU CG   C N N 228 
LEU CD1  C N N 229 
LEU CD2  C N N 230 
LEU OXT  O N N 231 
LEU H    H N N 232 
LEU H2   H N N 233 
LEU HA   H N N 234 
LEU HB2  H N N 235 
LEU HB3  H N N 236 
LEU HG   H N N 237 
LEU HD11 H N N 238 
LEU HD12 H N N 239 
LEU HD13 H N N 240 
LEU HD21 H N N 241 
LEU HD22 H N N 242 
LEU HD23 H N N 243 
LEU HXT  H N N 244 
LYS N    N N N 245 
LYS CA   C N S 246 
LYS C    C N N 247 
LYS O    O N N 248 
LYS CB   C N N 249 
LYS CG   C N N 250 
LYS CD   C N N 251 
LYS CE   C N N 252 
LYS NZ   N N N 253 
LYS OXT  O N N 254 
LYS H    H N N 255 
LYS H2   H N N 256 
LYS HA   H N N 257 
LYS HB2  H N N 258 
LYS HB3  H N N 259 
LYS HG2  H N N 260 
LYS HG3  H N N 261 
LYS HD2  H N N 262 
LYS HD3  H N N 263 
LYS HE2  H N N 264 
LYS HE3  H N N 265 
LYS HZ1  H N N 266 
LYS HZ2  H N N 267 
LYS HZ3  H N N 268 
LYS HXT  H N N 269 
MET N    N N N 270 
MET CA   C N S 271 
MET C    C N N 272 
MET O    O N N 273 
MET CB   C N N 274 
MET CG   C N N 275 
MET SD   S N N 276 
MET CE   C N N 277 
MET OXT  O N N 278 
MET H    H N N 279 
MET H2   H N N 280 
MET HA   H N N 281 
MET HB2  H N N 282 
MET HB3  H N N 283 
MET HG2  H N N 284 
MET HG3  H N N 285 
MET HE1  H N N 286 
MET HE2  H N N 287 
MET HE3  H N N 288 
MET HXT  H N N 289 
PHE N    N N N 290 
PHE CA   C N S 291 
PHE C    C N N 292 
PHE O    O N N 293 
PHE CB   C N N 294 
PHE CG   C Y N 295 
PHE CD1  C Y N 296 
PHE CD2  C Y N 297 
PHE CE1  C Y N 298 
PHE CE2  C Y N 299 
PHE CZ   C Y N 300 
PHE OXT  O N N 301 
PHE H    H N N 302 
PHE H2   H N N 303 
PHE HA   H N N 304 
PHE HB2  H N N 305 
PHE HB3  H N N 306 
PHE HD1  H N N 307 
PHE HD2  H N N 308 
PHE HE1  H N N 309 
PHE HE2  H N N 310 
PHE HZ   H N N 311 
PHE HXT  H N N 312 
PRO N    N N N 313 
PRO CA   C N S 314 
PRO C    C N N 315 
PRO O    O N N 316 
PRO CB   C N N 317 
PRO CG   C N N 318 
PRO CD   C N N 319 
PRO OXT  O N N 320 
PRO H    H N N 321 
PRO HA   H N N 322 
PRO HB2  H N N 323 
PRO HB3  H N N 324 
PRO HG2  H N N 325 
PRO HG3  H N N 326 
PRO HD2  H N N 327 
PRO HD3  H N N 328 
PRO HXT  H N N 329 
SER N    N N N 330 
SER CA   C N S 331 
SER C    C N N 332 
SER O    O N N 333 
SER CB   C N N 334 
SER OG   O N N 335 
SER OXT  O N N 336 
SER H    H N N 337 
SER H2   H N N 338 
SER HA   H N N 339 
SER HB2  H N N 340 
SER HB3  H N N 341 
SER HG   H N N 342 
SER HXT  H N N 343 
THR N    N N N 344 
THR CA   C N S 345 
THR C    C N N 346 
THR O    O N N 347 
THR CB   C N R 348 
THR OG1  O N N 349 
THR CG2  C N N 350 
THR OXT  O N N 351 
THR H    H N N 352 
THR H2   H N N 353 
THR HA   H N N 354 
THR HB   H N N 355 
THR HG1  H N N 356 
THR HG21 H N N 357 
THR HG22 H N N 358 
THR HG23 H N N 359 
THR HXT  H N N 360 
TRP N    N N N 361 
TRP CA   C N S 362 
TRP C    C N N 363 
TRP O    O N N 364 
TRP CB   C N N 365 
TRP CG   C Y N 366 
TRP CD1  C Y N 367 
TRP CD2  C Y N 368 
TRP NE1  N Y N 369 
TRP CE2  C Y N 370 
TRP CE3  C Y N 371 
TRP CZ2  C Y N 372 
TRP CZ3  C Y N 373 
TRP CH2  C Y N 374 
TRP OXT  O N N 375 
TRP H    H N N 376 
TRP H2   H N N 377 
TRP HA   H N N 378 
TRP HB2  H N N 379 
TRP HB3  H N N 380 
TRP HD1  H N N 381 
TRP HE1  H N N 382 
TRP HE3  H N N 383 
TRP HZ2  H N N 384 
TRP HZ3  H N N 385 
TRP HH2  H N N 386 
TRP HXT  H N N 387 
TYR N    N N N 388 
TYR CA   C N S 389 
TYR C    C N N 390 
TYR O    O N N 391 
TYR CB   C N N 392 
TYR CG   C Y N 393 
TYR CD1  C Y N 394 
TYR CD2  C Y N 395 
TYR CE1  C Y N 396 
TYR CE2  C Y N 397 
TYR CZ   C Y N 398 
TYR OH   O N N 399 
TYR OXT  O N N 400 
TYR H    H N N 401 
TYR H2   H N N 402 
TYR HA   H N N 403 
TYR HB2  H N N 404 
TYR HB3  H N N 405 
TYR HD1  H N N 406 
TYR HD2  H N N 407 
TYR HE1  H N N 408 
TYR HE2  H N N 409 
TYR HH   H N N 410 
TYR HXT  H N N 411 
VAL N    N N N 412 
VAL CA   C N S 413 
VAL C    C N N 414 
VAL O    O N N 415 
VAL CB   C N N 416 
VAL CG1  C N N 417 
VAL CG2  C N N 418 
VAL OXT  O N N 419 
VAL H    H N N 420 
VAL H2   H N N 421 
VAL HA   H N N 422 
VAL HB   H N N 423 
VAL HG11 H N N 424 
VAL HG12 H N N 425 
VAL HG13 H N N 426 
VAL HG21 H N N 427 
VAL HG22 H N N 428 
VAL HG23 H N N 429 
VAL HXT  H N N 430 
# 
loop_
_chem_comp_bond.comp_id 
_chem_comp_bond.atom_id_1 
_chem_comp_bond.atom_id_2 
_chem_comp_bond.value_order 
_chem_comp_bond.pdbx_aromatic_flag 
_chem_comp_bond.pdbx_stereo_config 
_chem_comp_bond.pdbx_ordinal 
ALA N   CA   sing N N 1   
ALA N   H    sing N N 2   
ALA N   H2   sing N N 3   
ALA CA  C    sing N N 4   
ALA CA  CB   sing N N 5   
ALA CA  HA   sing N N 6   
ALA C   O    doub N N 7   
ALA C   OXT  sing N N 8   
ALA CB  HB1  sing N N 9   
ALA CB  HB2  sing N N 10  
ALA CB  HB3  sing N N 11  
ALA OXT HXT  sing N N 12  
ARG N   CA   sing N N 13  
ARG N   H    sing N N 14  
ARG N   H2   sing N N 15  
ARG CA  C    sing N N 16  
ARG CA  CB   sing N N 17  
ARG CA  HA   sing N N 18  
ARG C   O    doub N N 19  
ARG C   OXT  sing N N 20  
ARG CB  CG   sing N N 21  
ARG CB  HB2  sing N N 22  
ARG CB  HB3  sing N N 23  
ARG CG  CD   sing N N 24  
ARG CG  HG2  sing N N 25  
ARG CG  HG3  sing N N 26  
ARG CD  NE   sing N N 27  
ARG CD  HD2  sing N N 28  
ARG CD  HD3  sing N N 29  
ARG NE  CZ   sing N N 30  
ARG NE  HE   sing N N 31  
ARG CZ  NH1  sing N N 32  
ARG CZ  NH2  doub N N 33  
ARG NH1 HH11 sing N N 34  
ARG NH1 HH12 sing N N 35  
ARG NH2 HH21 sing N N 36  
ARG NH2 HH22 sing N N 37  
ARG OXT HXT  sing N N 38  
ASN N   CA   sing N N 39  
ASN N   H    sing N N 40  
ASN N   H2   sing N N 41  
ASN CA  C    sing N N 42  
ASN CA  CB   sing N N 43  
ASN CA  HA   sing N N 44  
ASN C   O    doub N N 45  
ASN C   OXT  sing N N 46  
ASN CB  CG   sing N N 47  
ASN CB  HB2  sing N N 48  
ASN CB  HB3  sing N N 49  
ASN CG  OD1  doub N N 50  
ASN CG  ND2  sing N N 51  
ASN ND2 HD21 sing N N 52  
ASN ND2 HD22 sing N N 53  
ASN OXT HXT  sing N N 54  
ASP N   CA   sing N N 55  
ASP N   H    sing N N 56  
ASP N   H2   sing N N 57  
ASP CA  C    sing N N 58  
ASP CA  CB   sing N N 59  
ASP CA  HA   sing N N 60  
ASP C   O    doub N N 61  
ASP C   OXT  sing N N 62  
ASP CB  CG   sing N N 63  
ASP CB  HB2  sing N N 64  
ASP CB  HB3  sing N N 65  
ASP CG  OD1  doub N N 66  
ASP CG  OD2  sing N N 67  
ASP OD2 HD2  sing N N 68  
ASP OXT HXT  sing N N 69  
CYS N   CA   sing N N 70  
CYS N   H    sing N N 71  
CYS N   H2   sing N N 72  
CYS CA  C    sing N N 73  
CYS CA  CB   sing N N 74  
CYS CA  HA   sing N N 75  
CYS C   O    doub N N 76  
CYS C   OXT  sing N N 77  
CYS CB  SG   sing N N 78  
CYS CB  HB2  sing N N 79  
CYS CB  HB3  sing N N 80  
CYS SG  HG   sing N N 81  
CYS OXT HXT  sing N N 82  
D9T O10 C09  doub N N 83  
D9T C09 N11  sing N N 84  
D9T C09 C04  sing N N 85  
D9T N14 C13  sing N N 86  
D9T C12 N11  sing N N 87  
D9T C12 C13  sing N N 88  
D9T C04 C03  doub N N 89  
D9T C04 C05  sing N N 90  
D9T C03 N02  sing N N 91  
D9T C15 C13  sing N N 92  
D9T C15 C16  sing N N 93  
D9T C05 C06  doub N N 94  
D9T C13 C19  sing N N 95  
D9T N02 C01  sing N N 96  
D9T N02 C07  sing N N 97  
D9T C06 C07  sing N N 98  
D9T C07 O08  doub N N 99  
D9T C16 C17  sing N N 100 
D9T C19 C18  sing N N 101 
D9T C17 C18  sing N N 102 
D9T C15 H1   sing N N 103 
D9T C15 H2   sing N N 104 
D9T C17 H3   sing N N 105 
D9T C17 H4   sing N N 106 
D9T C01 H5   sing N N 107 
D9T C01 H6   sing N N 108 
D9T C01 H7   sing N N 109 
D9T C03 H8   sing N N 110 
D9T C05 H9   sing N N 111 
D9T C06 H10  sing N N 112 
D9T C12 H11  sing N N 113 
D9T C12 H12  sing N N 114 
D9T C16 H13  sing N N 115 
D9T C16 H14  sing N N 116 
D9T C18 H15  sing N N 117 
D9T C18 H16  sing N N 118 
D9T C19 H17  sing N N 119 
D9T C19 H18  sing N N 120 
D9T N11 H19  sing N N 121 
D9T N14 H20  sing N N 122 
D9T N14 H21  sing N N 123 
GLN N   CA   sing N N 124 
GLN N   H    sing N N 125 
GLN N   H2   sing N N 126 
GLN CA  C    sing N N 127 
GLN CA  CB   sing N N 128 
GLN CA  HA   sing N N 129 
GLN C   O    doub N N 130 
GLN C   OXT  sing N N 131 
GLN CB  CG   sing N N 132 
GLN CB  HB2  sing N N 133 
GLN CB  HB3  sing N N 134 
GLN CG  CD   sing N N 135 
GLN CG  HG2  sing N N 136 
GLN CG  HG3  sing N N 137 
GLN CD  OE1  doub N N 138 
GLN CD  NE2  sing N N 139 
GLN NE2 HE21 sing N N 140 
GLN NE2 HE22 sing N N 141 
GLN OXT HXT  sing N N 142 
GLU N   CA   sing N N 143 
GLU N   H    sing N N 144 
GLU N   H2   sing N N 145 
GLU CA  C    sing N N 146 
GLU CA  CB   sing N N 147 
GLU CA  HA   sing N N 148 
GLU C   O    doub N N 149 
GLU C   OXT  sing N N 150 
GLU CB  CG   sing N N 151 
GLU CB  HB2  sing N N 152 
GLU CB  HB3  sing N N 153 
GLU CG  CD   sing N N 154 
GLU CG  HG2  sing N N 155 
GLU CG  HG3  sing N N 156 
GLU CD  OE1  doub N N 157 
GLU CD  OE2  sing N N 158 
GLU OE2 HE2  sing N N 159 
GLU OXT HXT  sing N N 160 
GLY N   CA   sing N N 161 
GLY N   H    sing N N 162 
GLY N   H2   sing N N 163 
GLY CA  C    sing N N 164 
GLY CA  HA2  sing N N 165 
GLY CA  HA3  sing N N 166 
GLY C   O    doub N N 167 
GLY C   OXT  sing N N 168 
GLY OXT HXT  sing N N 169 
HIS N   CA   sing N N 170 
HIS N   H    sing N N 171 
HIS N   H2   sing N N 172 
HIS CA  C    sing N N 173 
HIS CA  CB   sing N N 174 
HIS CA  HA   sing N N 175 
HIS C   O    doub N N 176 
HIS C   OXT  sing N N 177 
HIS CB  CG   sing N N 178 
HIS CB  HB2  sing N N 179 
HIS CB  HB3  sing N N 180 
HIS CG  ND1  sing Y N 181 
HIS CG  CD2  doub Y N 182 
HIS ND1 CE1  doub Y N 183 
HIS ND1 HD1  sing N N 184 
HIS CD2 NE2  sing Y N 185 
HIS CD2 HD2  sing N N 186 
HIS CE1 NE2  sing Y N 187 
HIS CE1 HE1  sing N N 188 
HIS NE2 HE2  sing N N 189 
HIS OXT HXT  sing N N 190 
HOH O   H1   sing N N 191 
HOH O   H2   sing N N 192 
ILE N   CA   sing N N 193 
ILE N   H    sing N N 194 
ILE N   H2   sing N N 195 
ILE CA  C    sing N N 196 
ILE CA  CB   sing N N 197 
ILE CA  HA   sing N N 198 
ILE C   O    doub N N 199 
ILE C   OXT  sing N N 200 
ILE CB  CG1  sing N N 201 
ILE CB  CG2  sing N N 202 
ILE CB  HB   sing N N 203 
ILE CG1 CD1  sing N N 204 
ILE CG1 HG12 sing N N 205 
ILE CG1 HG13 sing N N 206 
ILE CG2 HG21 sing N N 207 
ILE CG2 HG22 sing N N 208 
ILE CG2 HG23 sing N N 209 
ILE CD1 HD11 sing N N 210 
ILE CD1 HD12 sing N N 211 
ILE CD1 HD13 sing N N 212 
ILE OXT HXT  sing N N 213 
LEU N   CA   sing N N 214 
LEU N   H    sing N N 215 
LEU N   H2   sing N N 216 
LEU CA  C    sing N N 217 
LEU CA  CB   sing N N 218 
LEU CA  HA   sing N N 219 
LEU C   O    doub N N 220 
LEU C   OXT  sing N N 221 
LEU CB  CG   sing N N 222 
LEU CB  HB2  sing N N 223 
LEU CB  HB3  sing N N 224 
LEU CG  CD1  sing N N 225 
LEU CG  CD2  sing N N 226 
LEU CG  HG   sing N N 227 
LEU CD1 HD11 sing N N 228 
LEU CD1 HD12 sing N N 229 
LEU CD1 HD13 sing N N 230 
LEU CD2 HD21 sing N N 231 
LEU CD2 HD22 sing N N 232 
LEU CD2 HD23 sing N N 233 
LEU OXT HXT  sing N N 234 
LYS N   CA   sing N N 235 
LYS N   H    sing N N 236 
LYS N   H2   sing N N 237 
LYS CA  C    sing N N 238 
LYS CA  CB   sing N N 239 
LYS CA  HA   sing N N 240 
LYS C   O    doub N N 241 
LYS C   OXT  sing N N 242 
LYS CB  CG   sing N N 243 
LYS CB  HB2  sing N N 244 
LYS CB  HB3  sing N N 245 
LYS CG  CD   sing N N 246 
LYS CG  HG2  sing N N 247 
LYS CG  HG3  sing N N 248 
LYS CD  CE   sing N N 249 
LYS CD  HD2  sing N N 250 
LYS CD  HD3  sing N N 251 
LYS CE  NZ   sing N N 252 
LYS CE  HE2  sing N N 253 
LYS CE  HE3  sing N N 254 
LYS NZ  HZ1  sing N N 255 
LYS NZ  HZ2  sing N N 256 
LYS NZ  HZ3  sing N N 257 
LYS OXT HXT  sing N N 258 
MET N   CA   sing N N 259 
MET N   H    sing N N 260 
MET N   H2   sing N N 261 
MET CA  C    sing N N 262 
MET CA  CB   sing N N 263 
MET CA  HA   sing N N 264 
MET C   O    doub N N 265 
MET C   OXT  sing N N 266 
MET CB  CG   sing N N 267 
MET CB  HB2  sing N N 268 
MET CB  HB3  sing N N 269 
MET CG  SD   sing N N 270 
MET CG  HG2  sing N N 271 
MET CG  HG3  sing N N 272 
MET SD  CE   sing N N 273 
MET CE  HE1  sing N N 274 
MET CE  HE2  sing N N 275 
MET CE  HE3  sing N N 276 
MET OXT HXT  sing N N 277 
PHE N   CA   sing N N 278 
PHE N   H    sing N N 279 
PHE N   H2   sing N N 280 
PHE CA  C    sing N N 281 
PHE CA  CB   sing N N 282 
PHE CA  HA   sing N N 283 
PHE C   O    doub N N 284 
PHE C   OXT  sing N N 285 
PHE CB  CG   sing N N 286 
PHE CB  HB2  sing N N 287 
PHE CB  HB3  sing N N 288 
PHE CG  CD1  doub Y N 289 
PHE CG  CD2  sing Y N 290 
PHE CD1 CE1  sing Y N 291 
PHE CD1 HD1  sing N N 292 
PHE CD2 CE2  doub Y N 293 
PHE CD2 HD2  sing N N 294 
PHE CE1 CZ   doub Y N 295 
PHE CE1 HE1  sing N N 296 
PHE CE2 CZ   sing Y N 297 
PHE CE2 HE2  sing N N 298 
PHE CZ  HZ   sing N N 299 
PHE OXT HXT  sing N N 300 
PRO N   CA   sing N N 301 
PRO N   CD   sing N N 302 
PRO N   H    sing N N 303 
PRO CA  C    sing N N 304 
PRO CA  CB   sing N N 305 
PRO CA  HA   sing N N 306 
PRO C   O    doub N N 307 
PRO C   OXT  sing N N 308 
PRO CB  CG   sing N N 309 
PRO CB  HB2  sing N N 310 
PRO CB  HB3  sing N N 311 
PRO CG  CD   sing N N 312 
PRO CG  HG2  sing N N 313 
PRO CG  HG3  sing N N 314 
PRO CD  HD2  sing N N 315 
PRO CD  HD3  sing N N 316 
PRO OXT HXT  sing N N 317 
SER N   CA   sing N N 318 
SER N   H    sing N N 319 
SER N   H2   sing N N 320 
SER CA  C    sing N N 321 
SER CA  CB   sing N N 322 
SER CA  HA   sing N N 323 
SER C   O    doub N N 324 
SER C   OXT  sing N N 325 
SER CB  OG   sing N N 326 
SER CB  HB2  sing N N 327 
SER CB  HB3  sing N N 328 
SER OG  HG   sing N N 329 
SER OXT HXT  sing N N 330 
THR N   CA   sing N N 331 
THR N   H    sing N N 332 
THR N   H2   sing N N 333 
THR CA  C    sing N N 334 
THR CA  CB   sing N N 335 
THR CA  HA   sing N N 336 
THR C   O    doub N N 337 
THR C   OXT  sing N N 338 
THR CB  OG1  sing N N 339 
THR CB  CG2  sing N N 340 
THR CB  HB   sing N N 341 
THR OG1 HG1  sing N N 342 
THR CG2 HG21 sing N N 343 
THR CG2 HG22 sing N N 344 
THR CG2 HG23 sing N N 345 
THR OXT HXT  sing N N 346 
TRP N   CA   sing N N 347 
TRP N   H    sing N N 348 
TRP N   H2   sing N N 349 
TRP CA  C    sing N N 350 
TRP CA  CB   sing N N 351 
TRP CA  HA   sing N N 352 
TRP C   O    doub N N 353 
TRP C   OXT  sing N N 354 
TRP CB  CG   sing N N 355 
TRP CB  HB2  sing N N 356 
TRP CB  HB3  sing N N 357 
TRP CG  CD1  doub Y N 358 
TRP CG  CD2  sing Y N 359 
TRP CD1 NE1  sing Y N 360 
TRP CD1 HD1  sing N N 361 
TRP CD2 CE2  doub Y N 362 
TRP CD2 CE3  sing Y N 363 
TRP NE1 CE2  sing Y N 364 
TRP NE1 HE1  sing N N 365 
TRP CE2 CZ2  sing Y N 366 
TRP CE3 CZ3  doub Y N 367 
TRP CE3 HE3  sing N N 368 
TRP CZ2 CH2  doub Y N 369 
TRP CZ2 HZ2  sing N N 370 
TRP CZ3 CH2  sing Y N 371 
TRP CZ3 HZ3  sing N N 372 
TRP CH2 HH2  sing N N 373 
TRP OXT HXT  sing N N 374 
TYR N   CA   sing N N 375 
TYR N   H    sing N N 376 
TYR N   H2   sing N N 377 
TYR CA  C    sing N N 378 
TYR CA  CB   sing N N 379 
TYR CA  HA   sing N N 380 
TYR C   O    doub N N 381 
TYR C   OXT  sing N N 382 
TYR CB  CG   sing N N 383 
TYR CB  HB2  sing N N 384 
TYR CB  HB3  sing N N 385 
TYR CG  CD1  doub Y N 386 
TYR CG  CD2  sing Y N 387 
TYR CD1 CE1  sing Y N 388 
TYR CD1 HD1  sing N N 389 
TYR CD2 CE2  doub Y N 390 
TYR CD2 HD2  sing N N 391 
TYR CE1 CZ   doub Y N 392 
TYR CE1 HE1  sing N N 393 
TYR CE2 CZ   sing Y N 394 
TYR CE2 HE2  sing N N 395 
TYR CZ  OH   sing N N 396 
TYR OH  HH   sing N N 397 
TYR OXT HXT  sing N N 398 
VAL N   CA   sing N N 399 
VAL N   H    sing N N 400 
VAL N   H2   sing N N 401 
VAL CA  C    sing N N 402 
VAL CA  CB   sing N N 403 
VAL CA  HA   sing N N 404 
VAL C   O    doub N N 405 
VAL C   OXT  sing N N 406 
VAL CB  CG1  sing N N 407 
VAL CB  CG2  sing N N 408 
VAL CB  HB   sing N N 409 
VAL CG1 HG11 sing N N 410 
VAL CG1 HG12 sing N N 411 
VAL CG1 HG13 sing N N 412 
VAL CG2 HG21 sing N N 413 
VAL CG2 HG22 sing N N 414 
VAL CG2 HG23 sing N N 415 
VAL OXT HXT  sing N N 416 
# 
_pdbx_audit_support.funding_organization   'Swiss National Science Foundation' 
_pdbx_audit_support.country                Switzerland 
_pdbx_audit_support.grant_number           31003A_169007 
_pdbx_audit_support.ordinal                1 
# 
_pdbx_entity_instance_feature.ordinal        1 
_pdbx_entity_instance_feature.comp_id        D9T 
_pdbx_entity_instance_feature.asym_id        ? 
_pdbx_entity_instance_feature.seq_num        ? 
_pdbx_entity_instance_feature.auth_comp_id   D9T 
_pdbx_entity_instance_feature.auth_asym_id   ? 
_pdbx_entity_instance_feature.auth_seq_num   ? 
_pdbx_entity_instance_feature.feature_type   'SUBJECT OF INVESTIGATION' 
_pdbx_entity_instance_feature.details        ? 
# 
_pdbx_initial_refinement_model.id               1 
_pdbx_initial_refinement_model.entity_id_list   ? 
_pdbx_initial_refinement_model.type             'experimental model' 
_pdbx_initial_refinement_model.source_name      PDB 
_pdbx_initial_refinement_model.accession_code   5DYU 
_pdbx_initial_refinement_model.details          ? 
# 
_atom_sites.entry_id                    6FGT 
_atom_sites.fract_transf_matrix[1][1]   0.01005737 
_atom_sites.fract_transf_matrix[1][2]   -0.00404686 
_atom_sites.fract_transf_matrix[1][3]   -0.00571251 
_atom_sites.fract_transf_matrix[2][1]   -0.00100332 
_atom_sites.fract_transf_matrix[2][2]   0.00754777 
_atom_sites.fract_transf_matrix[2][3]   -0.00711343 
_atom_sites.fract_transf_matrix[3][1]   0.00976068 
_atom_sites.fract_transf_matrix[3][2]   0.01048964 
_atom_sites.fract_transf_matrix[3][3]   0.00975343 
_atom_sites.fract_transf_vector[1]      -0.213472 
_atom_sites.fract_transf_vector[2]      -0.208038 
_atom_sites.fract_transf_vector[3]      -0.036707 
# 
loop_
_atom_type.symbol 
C 
N 
O 
S 
# 
loop_
_atom_site.group_PDB 
_atom_site.id 
_atom_site.type_symbol 
_atom_site.label_atom_id 
_atom_site.label_alt_id 
_atom_site.label_comp_id 
_atom_site.label_asym_id 
_atom_site.label_entity_id 
_atom_site.label_seq_id 
_atom_site.pdbx_PDB_ins_code 
_atom_site.Cartn_x 
_atom_site.Cartn_y 
_atom_site.Cartn_z 
_atom_site.occupancy 
_atom_site.B_iso_or_equiv 
_atom_site.pdbx_formal_charge 
_atom_site.auth_seq_id 
_atom_site.auth_comp_id 
_atom_site.auth_asym_id 
_atom_site.auth_atom_id 
_atom_site.pdbx_PDB_model_num 
ATOM   1    N N   . SER A 1 1   ? 18.509  -21.857 -12.491 1.00 46.24 ? 1856 SER A N   1 
ATOM   2    C CA  . SER A 1 1   ? 18.118  -22.290 -13.826 1.00 48.14 ? 1856 SER A CA  1 
ATOM   3    C C   . SER A 1 1   ? 17.432  -23.651 -13.748 1.00 48.61 ? 1856 SER A C   1 
ATOM   4    O O   . SER A 1 1   ? 17.132  -24.137 -12.651 1.00 45.12 ? 1856 SER A O   1 
ATOM   5    C CB  . SER A 1 1   ? 19.335  -22.340 -14.752 1.00 46.27 ? 1856 SER A CB  1 
ATOM   6    O OG  . SER A 1 1   ? 20.320  -23.226 -14.248 1.00 42.68 ? 1856 SER A OG  1 
ATOM   7    N N   . MET A 1 2   ? 17.186  -24.261 -14.911 1.00 46.81 ? 1857 MET A N   1 
ATOM   8    C CA  . MET A 1 2   ? 16.490  -25.541 -14.980 1.00 45.92 ? 1857 MET A CA  1 
ATOM   9    C C   . MET A 1 2   ? 17.173  -26.583 -14.102 1.00 46.23 ? 1857 MET A C   1 
ATOM   10   O O   . MET A 1 2   ? 18.363  -26.875 -14.274 1.00 48.07 ? 1857 MET A O   1 
ATOM   11   C CB  . MET A 1 2   ? 16.434  -26.023 -16.435 1.00 44.86 ? 1857 MET A CB  1 
ATOM   12   C CG  . MET A 1 2   ? 15.271  -26.937 -16.733 1.00 47.46 ? 1857 MET A CG  1 
ATOM   13   S SD  . MET A 1 2   ? 15.406  -27.734 -18.347 1.00 43.89 ? 1857 MET A SD  1 
ATOM   14   C CE  . MET A 1 2   ? 15.733  -26.344 -19.415 1.00 42.05 ? 1857 MET A CE  1 
ATOM   15   N N   . SER A 1 3   ? 16.415  -27.121 -13.143 1.00 49.94 ? 1858 SER A N   1 
ATOM   16   C CA  . SER A 1 3   ? 16.892  -28.090 -12.155 1.00 46.76 ? 1858 SER A CA  1 
ATOM   17   C C   . SER A 1 3   ? 17.940  -27.516 -11.202 1.00 51.49 ? 1858 SER A C   1 
ATOM   18   O O   . SER A 1 3   ? 18.645  -28.276 -10.529 1.00 53.92 ? 1858 SER A O   1 
ATOM   19   C CB  . SER A 1 3   ? 17.450  -29.350 -12.822 1.00 51.53 ? 1858 SER A CB  1 
ATOM   20   O OG  . SER A 1 3   ? 16.511  -29.901 -13.729 1.00 50.13 ? 1858 SER A OG  1 
ATOM   21   N N   . VAL A 1 4   ? 18.082  -26.198 -11.123 1.00 47.68 ? 1859 VAL A N   1 
ATOM   22   C CA  . VAL A 1 4   ? 19.015  -25.578 -10.185 1.00 52.49 ? 1859 VAL A CA  1 
ATOM   23   C C   . VAL A 1 4   ? 18.191  -24.666 -9.289  1.00 52.18 ? 1859 VAL A C   1 
ATOM   24   O O   . VAL A 1 4   ? 17.898  -23.516 -9.640  1.00 51.05 ? 1859 VAL A O   1 
ATOM   25   C CB  . VAL A 1 4   ? 20.148  -24.828 -10.889 1.00 47.02 ? 1859 VAL A CB  1 
ATOM   26   C CG1 . VAL A 1 4   ? 21.034  -24.103 -9.877  1.00 46.30 ? 1859 VAL A CG1 1 
ATOM   27   C CG2 . VAL A 1 4   ? 20.972  -25.822 -11.688 1.00 49.13 ? 1859 VAL A CG2 1 
ATOM   28   N N   . LYS A 1 5   ? 17.810  -25.196 -8.130  1.00 57.08 ? 1860 LYS A N   1 
ATOM   29   C CA  . LYS A 1 5   ? 16.843  -24.572 -7.240  1.00 56.77 ? 1860 LYS A CA  1 
ATOM   30   C C   . LYS A 1 5   ? 17.571  -23.661 -6.266  1.00 57.48 ? 1860 LYS A C   1 
ATOM   31   O O   . LYS A 1 5   ? 18.434  -24.117 -5.507  1.00 56.69 ? 1860 LYS A O   1 
ATOM   32   C CB  . LYS A 1 5   ? 16.049  -25.636 -6.479  1.00 56.10 ? 1860 LYS A CB  1 
ATOM   33   C CG  . LYS A 1 5   ? 15.274  -26.624 -7.364  1.00 57.66 ? 1860 LYS A CG  1 
ATOM   34   C CD  . LYS A 1 5   ? 14.112  -25.946 -8.099  1.00 61.11 ? 1860 LYS A CD  1 
ATOM   35   C CE  . LYS A 1 5   ? 14.440  -25.673 -9.569  1.00 62.74 ? 1860 LYS A CE  1 
ATOM   36   N NZ  . LYS A 1 5   ? 13.370  -24.902 -10.280 1.00 59.95 ? 1860 LYS A NZ  1 
ATOM   37   N N   . LYS A 1 6   ? 17.240  -22.385 -6.312  1.00 59.99 ? 1861 LYS A N   1 
ATOM   38   C CA  . LYS A 1 6   ? 17.677  -21.423 -5.316  1.00 60.85 ? 1861 LYS A CA  1 
ATOM   39   C C   . LYS A 1 6   ? 16.871  -21.620 -4.034  1.00 64.12 ? 1861 LYS A C   1 
ATOM   40   O O   . LYS A 1 6   ? 15.653  -21.815 -4.090  1.00 67.23 ? 1861 LYS A O   1 
ATOM   41   C CB  . LYS A 1 6   ? 17.485  -20.001 -5.843  1.00 56.65 ? 1861 LYS A CB  1 
ATOM   42   C CG  . LYS A 1 6   ? 18.176  -18.914 -5.051  1.00 60.65 ? 1861 LYS A CG  1 
ATOM   43   C CD  . LYS A 1 6   ? 17.844  -17.546 -5.637  1.00 64.97 ? 1861 LYS A CD  1 
ATOM   44   C CE  . LYS A 1 6   ? 18.913  -16.515 -5.321  1.00 63.84 ? 1861 LYS A CE  1 
ATOM   45   N NZ  . LYS A 1 6   ? 19.240  -16.469 -3.867  1.00 65.45 ? 1861 LYS A NZ  1 
ATOM   46   N N   . PRO A 1 7   ? 17.518  -21.608 -2.871  1.00 65.14 ? 1862 PRO A N   1 
ATOM   47   C CA  . PRO A 1 7   ? 16.752  -21.670 -1.623  1.00 67.38 ? 1862 PRO A CA  1 
ATOM   48   C C   . PRO A 1 7   ? 15.857  -20.446 -1.521  1.00 67.51 ? 1862 PRO A C   1 
ATOM   49   O O   . PRO A 1 7   ? 16.248  -19.336 -1.893  1.00 65.95 ? 1862 PRO A O   1 
ATOM   50   C CB  . PRO A 1 7   ? 17.833  -21.687 -0.534  1.00 69.59 ? 1862 PRO A CB  1 
ATOM   51   C CG  . PRO A 1 7   ? 19.091  -22.113 -1.241  1.00 68.28 ? 1862 PRO A CG  1 
ATOM   52   C CD  . PRO A 1 7   ? 18.966  -21.534 -2.624  1.00 65.36 ? 1862 PRO A CD  1 
ATOM   53   N N   . LYS A 1 8   ? 14.631  -20.664 -1.056  1.00 68.92 ? 1863 LYS A N   1 
ATOM   54   C CA  . LYS A 1 8   ? 13.633  -19.608 -1.011  1.00 73.06 ? 1863 LYS A CA  1 
ATOM   55   C C   . LYS A 1 8   ? 13.074  -19.482 0.397   1.00 71.33 ? 1863 LYS A C   1 
ATOM   56   O O   . LYS A 1 8   ? 12.966  -20.466 1.134   1.00 68.94 ? 1863 LYS A O   1 
ATOM   57   C CB  . LYS A 1 8   ? 12.499  -19.866 -2.019  1.00 72.90 ? 1863 LYS A CB  1 
ATOM   58   C CG  . LYS A 1 8   ? 12.095  -21.328 -2.138  1.00 76.38 ? 1863 LYS A CG  1 
ATOM   59   C CD  . LYS A 1 8   ? 11.231  -21.559 -3.365  1.00 78.86 ? 1863 LYS A CD  1 
ATOM   60   C CE  . LYS A 1 8   ? 11.940  -21.103 -4.635  1.00 81.67 ? 1863 LYS A CE  1 
ATOM   61   N NZ  . LYS A 1 8   ? 11.151  -21.426 -5.863  1.00 80.39 ? 1863 LYS A NZ  1 
ATOM   62   N N   . ARG A 1 9   ? 12.731  -18.249 0.766   1.00 68.58 ? 1864 ARG A N   1 
ATOM   63   C CA  . ARG A 1 9   ? 12.192  -17.985 2.091   1.00 66.52 ? 1864 ARG A CA  1 
ATOM   64   C C   . ARG A 1 9   ? 10.819  -18.626 2.256   1.00 65.77 ? 1864 ARG A C   1 
ATOM   65   O O   . ARG A 1 9   ? 10.063  -18.792 1.297   1.00 64.58 ? 1864 ARG A O   1 
ATOM   66   C CB  . ARG A 1 9   ? 12.101  -16.478 2.338   1.00 63.36 ? 1864 ARG A CB  1 
ATOM   67   C CG  . ARG A 1 9   ? 11.487  -15.690 1.190   1.00 65.46 ? 1864 ARG A CG  1 
ATOM   68   C CD  . ARG A 1 9   ? 11.334  -14.212 1.539   1.00 66.59 ? 1864 ARG A CD  1 
ATOM   69   N NE  . ARG A 1 9   ? 10.502  -14.017 2.725   1.00 66.42 ? 1864 ARG A NE  1 
ATOM   70   C CZ  . ARG A 1 9   ? 9.172   -14.029 2.712   1.00 62.13 ? 1864 ARG A CZ  1 
ATOM   71   N NH1 . ARG A 1 9   ? 8.492   -13.849 3.838   1.00 59.06 ? 1864 ARG A NH1 1 
ATOM   72   N NH2 . ARG A 1 9   ? 8.518   -14.229 1.574   1.00 60.47 ? 1864 ARG A NH2 1 
ATOM   73   N N   . ASP A 1 10  ? 10.509  -19.001 3.491   1.00 62.93 ? 1865 ASP A N   1 
ATOM   74   C CA  . ASP A 1 10  ? 9.171   -19.469 3.825   1.00 61.05 ? 1865 ASP A CA  1 
ATOM   75   C C   . ASP A 1 10  ? 8.172   -18.333 3.628   1.00 60.47 ? 1865 ASP A C   1 
ATOM   76   O O   . ASP A 1 10  ? 8.249   -17.303 4.305   1.00 59.76 ? 1865 ASP A O   1 
ATOM   77   C CB  . ASP A 1 10  ? 9.159   -19.966 5.269   1.00 58.69 ? 1865 ASP A CB  1 
ATOM   78   C CG  . ASP A 1 10  ? 7.838   -20.578 5.672   1.00 63.71 ? 1865 ASP A CG  1 
ATOM   79   O OD1 . ASP A 1 10  ? 6.954   -20.747 4.802   1.00 62.81 ? 1865 ASP A OD1 1 
ATOM   80   O OD2 . ASP A 1 10  ? 7.690   -20.899 6.873   1.00 65.53 ? 1865 ASP A OD2 1 
ATOM   81   N N   . ASP A 1 11  ? 7.246   -18.507 2.690   1.00 55.98 ? 1866 ASP A N   1 
ATOM   82   C CA  . ASP A 1 11  ? 6.254   -17.484 2.390   1.00 56.54 ? 1866 ASP A CA  1 
ATOM   83   C C   . ASP A 1 11  ? 4.882   -17.810 2.965   1.00 53.22 ? 1866 ASP A C   1 
ATOM   84   O O   . ASP A 1 11  ? 3.925   -17.067 2.721   1.00 49.55 ? 1866 ASP A O   1 
ATOM   85   C CB  . ASP A 1 11  ? 6.153   -17.276 0.874   1.00 54.45 ? 1866 ASP A CB  1 
ATOM   86   C CG  . ASP A 1 11  ? 5.690   -18.529 0.133   1.00 57.45 ? 1866 ASP A CG  1 
ATOM   87   O OD1 . ASP A 1 11  ? 5.380   -19.541 0.788   1.00 57.85 ? 1866 ASP A OD1 1 
ATOM   88   O OD2 . ASP A 1 11  ? 5.638   -18.501 -1.114  1.00 60.81 ? 1866 ASP A OD2 1 
ATOM   89   N N   . SER A 1 12  ? 4.768   -18.898 3.723   1.00 51.70 ? 1867 SER A N   1 
ATOM   90   C CA  . SER A 1 12  ? 3.459   -19.414 4.107   1.00 51.95 ? 1867 SER A CA  1 
ATOM   91   C C   . SER A 1 12  ? 2.702   -18.478 5.040   1.00 50.40 ? 1867 SER A C   1 
ATOM   92   O O   . SER A 1 12  ? 1.472   -18.559 5.108   1.00 49.35 ? 1867 SER A O   1 
ATOM   93   C CB  . SER A 1 12  ? 3.613   -20.781 4.768   1.00 53.37 ? 1867 SER A CB  1 
ATOM   94   O OG  . SER A 1 12  ? 4.357   -20.670 5.961   1.00 54.73 ? 1867 SER A OG  1 
ATOM   95   N N   . LYS A 1 13  ? 3.399   -17.598 5.754   1.00 47.70 ? 1868 LYS A N   1 
ATOM   96   C CA  . LYS A 1 13  ? 2.763   -16.635 6.641   1.00 49.90 ? 1868 LYS A CA  1 
ATOM   97   C C   . LYS A 1 13  ? 2.568   -15.272 5.996   1.00 46.38 ? 1868 LYS A C   1 
ATOM   98   O O   . LYS A 1 13  ? 2.097   -14.349 6.671   1.00 42.78 ? 1868 LYS A O   1 
ATOM   99   C CB  . LYS A 1 13  ? 3.584   -16.468 7.923   1.00 50.79 ? 1868 LYS A CB  1 
ATOM   100  C CG  . LYS A 1 13  ? 3.630   -17.723 8.799   1.00 56.80 ? 1868 LYS A CG  1 
ATOM   101  C CD  . LYS A 1 13  ? 2.223   -18.198 9.133   1.00 55.69 ? 1868 LYS A CD  1 
ATOM   102  C CE  . LYS A 1 13  ? 2.236   -19.464 9.985   1.00 67.66 ? 1868 LYS A CE  1 
ATOM   103  N NZ  . LYS A 1 13  ? 0.858   -20.017 10.164  1.00 70.29 ? 1868 LYS A NZ  1 
ATOM   104  N N   . ASP A 1 14  ? 2.930   -15.116 4.723   1.00 45.69 ? 1869 ASP A N   1 
ATOM   105  C CA  . ASP A 1 14  ? 2.921   -13.789 4.110   1.00 44.36 ? 1869 ASP A CA  1 
ATOM   106  C C   . ASP A 1 14  ? 1.527   -13.172 4.114   1.00 42.73 ? 1869 ASP A C   1 
ATOM   107  O O   . ASP A 1 14  ? 1.373   -11.983 4.417   1.00 41.66 ? 1869 ASP A O   1 
ATOM   108  C CB  . ASP A 1 14  ? 3.471   -13.859 2.686   1.00 44.71 ? 1869 ASP A CB  1 
ATOM   109  C CG  . ASP A 1 14  ? 4.982   -13.972 2.648   1.00 49.48 ? 1869 ASP A CG  1 
ATOM   110  O OD1 . ASP A 1 14  ? 5.598   -14.010 3.728   1.00 52.89 ? 1869 ASP A OD1 1 
ATOM   111  O OD2 . ASP A 1 14  ? 5.559   -14.007 1.540   1.00 49.62 ? 1869 ASP A OD2 1 
ATOM   112  N N   . LEU A 1 15  ? 0.495   -13.959 3.782   1.00 39.73 ? 1870 LEU A N   1 
ATOM   113  C CA  . LEU A 1 15  ? -0.852  -13.398 3.698   1.00 41.61 ? 1870 LEU A CA  1 
ATOM   114  C C   . LEU A 1 15  ? -1.277  -12.799 5.031   1.00 43.55 ? 1870 LEU A C   1 
ATOM   115  O O   . LEU A 1 15  ? -1.747  -11.655 5.094   1.00 41.96 ? 1870 LEU A O   1 
ATOM   116  C CB  . LEU A 1 15  ? -1.850  -14.468 3.249   1.00 43.81 ? 1870 LEU A CB  1 
ATOM   117  C CG  . LEU A 1 15  ? -3.319  -14.042 3.172   1.00 43.75 ? 1870 LEU A CG  1 
ATOM   118  C CD1 . LEU A 1 15  ? -3.529  -12.996 2.083   1.00 43.93 ? 1870 LEU A CD1 1 
ATOM   119  C CD2 . LEU A 1 15  ? -4.233  -15.249 2.935   1.00 43.52 ? 1870 LEU A CD2 1 
ATOM   120  N N   . ALA A 1 16  ? -1.085  -13.552 6.116   1.00 40.51 ? 1871 ALA A N   1 
ATOM   121  C CA  . ALA A 1 16  ? -1.483  -13.087 7.439   1.00 41.61 ? 1871 ALA A CA  1 
ATOM   122  C C   . ALA A 1 16  ? -0.640  -11.907 7.918   1.00 41.13 ? 1871 ALA A C   1 
ATOM   123  O O   . ALA A 1 16  ? -1.156  -11.036 8.626   1.00 40.99 ? 1871 ALA A O   1 
ATOM   124  C CB  . ALA A 1 16  ? -1.399  -14.240 8.438   1.00 40.14 ? 1871 ALA A CB  1 
ATOM   125  N N   . LEU A 1 17  ? 0.648   -11.860 7.563   1.00 38.80 ? 1872 LEU A N   1 
ATOM   126  C CA  . LEU A 1 17  ? 1.477   -10.727 7.963   1.00 41.65 ? 1872 LEU A CA  1 
ATOM   127  C C   . LEU A 1 17  ? 1.120   -9.468  7.173   1.00 40.89 ? 1872 LEU A C   1 
ATOM   128  O O   . LEU A 1 17  ? 1.079   -8.369  7.735   1.00 41.17 ? 1872 LEU A O   1 
ATOM   129  C CB  . LEU A 1 17  ? 2.955   -11.075 7.796   1.00 43.75 ? 1872 LEU A CB  1 
ATOM   130  C CG  . LEU A 1 17  ? 3.423   -12.185 8.746   1.00 47.61 ? 1872 LEU A CG  1 
ATOM   131  C CD1 . LEU A 1 17  ? 4.803   -12.686 8.357   1.00 48.33 ? 1872 LEU A CD1 1 
ATOM   132  C CD2 . LEU A 1 17  ? 3.424   -11.665 10.176  1.00 42.97 ? 1872 LEU A CD2 1 
ATOM   133  N N   . CYS A 1 18  ? 0.865   -9.604  5.869   1.00 37.25 ? 1873 CYS A N   1 
ATOM   134  C CA  . CYS A 1 18  ? 0.424   -8.444  5.091   1.00 40.13 ? 1873 CYS A CA  1 
ATOM   135  C C   . CYS A 1 18  ? -0.928  -7.942  5.580   1.00 38.66 ? 1873 CYS A C   1 
ATOM   136  O O   . CYS A 1 18  ? -1.186  -6.734  5.587   1.00 39.96 ? 1873 CYS A O   1 
ATOM   137  C CB  . CYS A 1 18  ? 0.358   -8.798  3.607   1.00 40.49 ? 1873 CYS A CB  1 
ATOM   138  S SG  . CYS A 1 18  ? 1.957   -8.944  2.794   1.00 39.82 ? 1873 CYS A SG  1 
ATOM   139  N N   . SER A 1 19  ? -1.802  -8.858  5.997   1.00 38.50 ? 1874 SER A N   1 
ATOM   140  C CA  . SER A 1 19  ? -3.097  -8.457  6.533   1.00 38.90 ? 1874 SER A CA  1 
ATOM   141  C C   . SER A 1 19  ? -2.934  -7.673  7.827   1.00 41.55 ? 1874 SER A C   1 
ATOM   142  O O   . SER A 1 19  ? -3.582  -6.637  8.023   1.00 40.85 ? 1874 SER A O   1 
ATOM   143  C CB  . SER A 1 19  ? -3.977  -9.690  6.754   1.00 41.44 ? 1874 SER A CB  1 
ATOM   144  O OG  . SER A 1 19  ? -5.256  -9.304  7.221   1.00 40.97 ? 1874 SER A OG  1 
ATOM   145  N N   . MET A 1 20  ? -2.063  -8.154  8.724   1.00 38.67 ? 1875 MET A N   1 
ATOM   146  C CA  . MET A 1 20  ? -1.804  -7.434  9.969   1.00 41.77 ? 1875 MET A CA  1 
ATOM   147  C C   . MET A 1 20  ? -1.208  -6.060  9.708   1.00 39.89 ? 1875 MET A C   1 
ATOM   148  O O   . MET A 1 20  ? -1.597  -5.080  10.351  1.00 44.09 ? 1875 MET A O   1 
ATOM   149  C CB  . MET A 1 20  ? -0.883  -8.258  10.868  1.00 41.12 ? 1875 MET A CB  1 
ATOM   150  C CG  . MET A 1 20  ? -1.559  -9.534  11.380  1.00 50.70 ? 1875 MET A CG  1 
ATOM   151  S SD  . MET A 1 20  ? -0.472  -10.648 12.299  1.00 69.90 ? 1875 MET A SD  1 
ATOM   152  C CE  . MET A 1 20  ? 0.230   -9.520  13.501  1.00 61.27 ? 1875 MET A CE  1 
ATOM   153  N N   . ILE A 1 21  ? -0.255  -5.967  8.778   1.00 39.41 ? 1876 ILE A N   1 
ATOM   154  C CA  . ILE A 1 21  ? 0.314   -4.666  8.434   1.00 40.86 ? 1876 ILE A CA  1 
ATOM   155  C C   . ILE A 1 21  ? -0.772  -3.738  7.902   1.00 38.54 ? 1876 ILE A C   1 
ATOM   156  O O   . ILE A 1 21  ? -0.863  -2.571  8.299   1.00 41.36 ? 1876 ILE A O   1 
ATOM   157  C CB  . ILE A 1 21  ? 1.462   -4.826  7.423   1.00 40.09 ? 1876 ILE A CB  1 
ATOM   158  C CG1 . ILE A 1 21  ? 2.651   -5.529  8.066   1.00 37.75 ? 1876 ILE A CG1 1 
ATOM   159  C CG2 . ILE A 1 21  ? 1.897   -3.470  6.903   1.00 39.90 ? 1876 ILE A CG2 1 
ATOM   160  C CD1 . ILE A 1 21  ? 3.747   -5.829  7.086   1.00 39.98 ? 1876 ILE A CD1 1 
ATOM   161  N N   . LEU A 1 22  ? -1.616  -4.242  6.998   1.00 39.38 ? 1877 LEU A N   1 
ATOM   162  C CA  . LEU A 1 22  ? -2.692  -3.411  6.464   1.00 36.84 ? 1877 LEU A CA  1 
ATOM   163  C C   . LEU A 1 22  ? -3.645  -2.963  7.566   1.00 40.39 ? 1877 LEU A C   1 
ATOM   164  O O   . LEU A 1 22  ? -4.099  -1.814  7.571   1.00 37.23 ? 1877 LEU A O   1 
ATOM   165  C CB  . LEU A 1 22  ? -3.448  -4.168  5.370   1.00 34.32 ? 1877 LEU A CB  1 
ATOM   166  C CG  . LEU A 1 22  ? -4.451  -3.358  4.553   1.00 37.96 ? 1877 LEU A CG  1 
ATOM   167  C CD1 . LEU A 1 22  ? -3.755  -2.176  3.888   1.00 38.73 ? 1877 LEU A CD1 1 
ATOM   168  C CD2 . LEU A 1 22  ? -5.119  -4.262  3.511   1.00 34.61 ? 1877 LEU A CD2 1 
ATOM   169  N N   . THR A 1 23  ? -3.954  -3.853  8.518   1.00 37.62 ? 1878 THR A N   1 
ATOM   170  C CA  . THR A 1 23  ? -4.777  -3.461  9.661   1.00 38.37 ? 1878 THR A CA  1 
ATOM   171  C C   . THR A 1 23  ? -4.145  -2.309  10.436  1.00 40.36 ? 1878 THR A C   1 
ATOM   172  O O   . THR A 1 23  ? -4.843  -1.379  10.868  1.00 40.35 ? 1878 THR A O   1 
ATOM   173  C CB  . THR A 1 23  ? -4.991  -4.656  10.590  1.00 45.58 ? 1878 THR A CB  1 
ATOM   174  O OG1 . THR A 1 23  ? -5.757  -5.656  9.914   1.00 42.92 ? 1878 THR A OG1 1 
ATOM   175  C CG2 . THR A 1 23  ? -5.733  -4.226  11.845  1.00 46.27 ? 1878 THR A CG2 1 
ATOM   176  N N   . GLU A 1 24  ? -2.829  -2.358  10.638  1.00 41.75 ? 1879 GLU A N   1 
ATOM   177  C CA  . GLU A 1 24  ? -2.152  -1.256  11.318  1.00 42.79 ? 1879 GLU A CA  1 
ATOM   178  C C   . GLU A 1 24  ? -2.310  0.044   10.541  1.00 41.86 ? 1879 GLU A C   1 
ATOM   179  O O   . GLU A 1 24  ? -2.514  1.112   11.131  1.00 43.65 ? 1879 GLU A O   1 
ATOM   180  C CB  . GLU A 1 24  ? -0.673  -1.585  11.498  1.00 44.52 ? 1879 GLU A CB  1 
ATOM   181  C CG  . GLU A 1 24  ? -0.419  -2.886  12.244  1.00 52.02 ? 1879 GLU A CG  1 
ATOM   182  C CD  . GLU A 1 24  ? -0.098  -2.653  13.690  1.00 60.11 ? 1879 GLU A CD  1 
ATOM   183  O OE1 . GLU A 1 24  ? 0.934   -3.179  14.155  1.00 71.20 ? 1879 GLU A OE1 1 
ATOM   184  O OE2 . GLU A 1 24  ? -0.867  -1.925  14.357  1.00 64.32 ? 1879 GLU A OE2 1 
ATOM   185  N N   . MET A 1 25  ? -2.201  -0.027  9.215   1.00 38.84 ? 1880 MET A N   1 
ATOM   186  C CA  . MET A 1 25  ? -2.355  1.172   8.393   1.00 37.54 ? 1880 MET A CA  1 
ATOM   187  C C   . MET A 1 25  ? -3.763  1.727   8.511   1.00 42.93 ? 1880 MET A C   1 
ATOM   188  O O   . MET A 1 25  ? -3.956  2.932   8.710   1.00 40.60 ? 1880 MET A O   1 
ATOM   189  C CB  . MET A 1 25  ? -2.050  0.835   6.939   1.00 46.20 ? 1880 MET A CB  1 
ATOM   190  C CG  . MET A 1 25  ? -0.823  0.012   6.772   1.00 44.17 ? 1880 MET A CG  1 
ATOM   191  S SD  . MET A 1 25  ? 0.584   1.086   6.704   1.00 56.24 ? 1880 MET A SD  1 
ATOM   192  C CE  . MET A 1 25  ? 0.500   1.441   4.957   1.00 45.79 ? 1880 MET A CE  1 
ATOM   193  N N   . GLU A 1 26  ? -4.762  0.848   8.376   1.00 42.20 ? 1881 GLU A N   1 
ATOM   194  C CA  . GLU A 1 26  ? -6.161  1.259   8.389   1.00 42.28 ? 1881 GLU A CA  1 
ATOM   195  C C   . GLU A 1 26  ? -6.531  1.974   9.682   1.00 43.47 ? 1881 GLU A C   1 
ATOM   196  O O   . GLU A 1 26  ? -7.406  2.847   9.675   1.00 46.89 ? 1881 GLU A O   1 
ATOM   197  C CB  . GLU A 1 26  ? -7.056  0.030   8.173   1.00 40.60 ? 1881 GLU A CB  1 
ATOM   198  C CG  . GLU A 1 26  ? -6.924  -0.609  6.781   1.00 39.03 ? 1881 GLU A CG  1 
ATOM   199  C CD  . GLU A 1 26  ? -7.572  -2.003  6.672   1.00 42.03 ? 1881 GLU A CD  1 
ATOM   200  O OE1 . GLU A 1 26  ? -7.632  -2.735  7.682   1.00 41.01 ? 1881 GLU A OE1 1 
ATOM   201  O OE2 . GLU A 1 26  ? -8.014  -2.378  5.563   1.00 41.62 ? 1881 GLU A OE2 1 
ATOM   202  N N   . THR A 1 27  ? -5.875  1.631   10.789  1.00 42.39 ? 1882 THR A N   1 
ATOM   203  C CA  . THR A 1 27  ? -6.205  2.170   12.102  1.00 44.21 ? 1882 THR A CA  1 
ATOM   204  C C   . THR A 1 27  ? -5.314  3.340   12.505  1.00 48.68 ? 1882 THR A C   1 
ATOM   205  O O   . THR A 1 27  ? -5.533  3.939   13.564  1.00 48.89 ? 1882 THR A O   1 
ATOM   206  C CB  . THR A 1 27  ? -6.119  1.058   13.154  1.00 46.03 ? 1882 THR A CB  1 
ATOM   207  O OG1 . THR A 1 27  ? -4.806  0.483   13.135  1.00 48.13 ? 1882 THR A OG1 1 
ATOM   208  C CG2 . THR A 1 27  ? -7.124  -0.033  12.840  1.00 44.91 ? 1882 THR A CG2 1 
ATOM   209  N N   . HIS A 1 28  ? -4.328  3.684   11.687  1.00 41.93 ? 1883 HIS A N   1 
ATOM   210  C CA  . HIS A 1 28  ? -3.488  4.835   11.963  1.00 43.62 ? 1883 HIS A CA  1 
ATOM   211  C C   . HIS A 1 28  ? -4.304  6.118   11.863  1.00 45.41 ? 1883 HIS A C   1 
ATOM   212  O O   . HIS A 1 28  ? -5.172  6.259   10.997  1.00 45.84 ? 1883 HIS A O   1 
ATOM   213  C CB  . HIS A 1 28  ? -2.329  4.856   10.978  1.00 41.48 ? 1883 HIS A CB  1 
ATOM   214  C CG  . HIS A 1 28  ? -1.247  5.833   11.313  1.00 45.03 ? 1883 HIS A CG  1 
ATOM   215  N ND1 . HIS A 1 28  ? -1.454  7.196   11.343  1.00 43.60 ? 1883 HIS A ND1 1 
ATOM   216  C CD2 . HIS A 1 28  ? 0.075   5.649   11.546  1.00 42.96 ? 1883 HIS A CD2 1 
ATOM   217  C CE1 . HIS A 1 28  ? -0.314  7.807   11.611  1.00 45.04 ? 1883 HIS A CE1 1 
ATOM   218  N NE2 . HIS A 1 28  ? 0.629   6.892   11.732  1.00 44.79 ? 1883 HIS A NE2 1 
ATOM   219  N N   . GLU A 1 29  ? -4.014  7.057   12.762  1.00 47.48 ? 1884 GLU A N   1 
ATOM   220  C CA  . GLU A 1 29  ? -4.754  8.315   12.825  1.00 43.48 ? 1884 GLU A CA  1 
ATOM   221  C C   . GLU A 1 29  ? -4.722  9.058   11.496  1.00 43.99 ? 1884 GLU A C   1 
ATOM   222  O O   . GLU A 1 29  ? -5.693  9.730   11.122  1.00 45.72 ? 1884 GLU A O   1 
ATOM   223  C CB  . GLU A 1 29  ? -4.168  9.186   13.945  1.00 45.45 ? 1884 GLU A CB  1 
ATOM   224  C CG  . GLU A 1 29  ? -4.957  10.439  14.224  1.00 52.68 ? 1884 GLU A CG  1 
ATOM   225  C CD  . GLU A 1 29  ? -4.150  11.472  14.967  1.00 50.90 ? 1884 GLU A CD  1 
ATOM   226  O OE1 . GLU A 1 29  ? -3.347  11.087  15.846  1.00 54.56 ? 1884 GLU A OE1 1 
ATOM   227  O OE2 . GLU A 1 29  ? -4.310  12.669  14.654  1.00 52.70 ? 1884 GLU A OE2 1 
ATOM   228  N N   . ASP A 1 30  ? -3.615  8.968   10.771  1.00 41.56 ? 1885 ASP A N   1 
ATOM   229  C CA  . ASP A 1 30  ? -3.459  9.690   9.516   1.00 40.11 ? 1885 ASP A CA  1 
ATOM   230  C C   . ASP A 1 30  ? -3.932  8.891   8.298   1.00 41.40 ? 1885 ASP A C   1 
ATOM   231  O O   . ASP A 1 30  ? -3.606  9.268   7.165   1.00 38.94 ? 1885 ASP A O   1 
ATOM   232  C CB  . ASP A 1 30  ? -2.000  10.095  9.323   1.00 37.55 ? 1885 ASP A CB  1 
ATOM   233  C CG  . ASP A 1 30  ? -1.512  11.077  10.389  1.00 45.62 ? 1885 ASP A CG  1 
ATOM   234  O OD1 . ASP A 1 30  ? -2.348  11.642  11.136  1.00 42.13 ? 1885 ASP A OD1 1 
ATOM   235  O OD2 . ASP A 1 30  ? -0.286  11.271  10.472  1.00 41.29 ? 1885 ASP A OD2 1 
ATOM   236  N N   . ALA A 1 31  ? -4.690  7.808   8.498   1.00 40.08 ? 1886 ALA A N   1 
ATOM   237  C CA  . ALA A 1 31  ? -5.145  6.984   7.377   1.00 41.28 ? 1886 ALA A CA  1 
ATOM   238  C C   . ALA A 1 31  ? -6.344  7.566   6.631   1.00 40.96 ? 1886 ALA A C   1 
ATOM   239  O O   . ALA A 1 31  ? -6.625  7.118   5.511   1.00 39.35 ? 1886 ALA A O   1 
ATOM   240  C CB  . ALA A 1 31  ? -5.504  5.576   7.859   1.00 41.96 ? 1886 ALA A CB  1 
ATOM   241  N N   . TRP A 1 32  ? -7.046  8.544   7.204   1.00 44.72 ? 1887 TRP A N   1 
ATOM   242  C CA  . TRP A 1 32  ? -8.311  8.998   6.625   1.00 44.60 ? 1887 TRP A CA  1 
ATOM   243  C C   . TRP A 1 32  ? -8.257  9.376   5.146   1.00 40.73 ? 1887 TRP A C   1 
ATOM   244  O O   . TRP A 1 32  ? -9.246  9.096   4.442   1.00 43.60 ? 1887 TRP A O   1 
ATOM   245  C CB  . TRP A 1 32  ? -8.882  10.166  7.446   1.00 45.99 ? 1887 TRP A CB  1 
ATOM   246  C CG  . TRP A 1 32  ? -7.966  11.328  7.625   1.00 44.38 ? 1887 TRP A CG  1 
ATOM   247  C CD1 . TRP A 1 32  ? -7.067  11.513  8.636   1.00 48.03 ? 1887 TRP A CD1 1 
ATOM   248  C CD2 . TRP A 1 32  ? -7.874  12.488  6.789   1.00 49.55 ? 1887 TRP A CD2 1 
ATOM   249  N NE1 . TRP A 1 32  ? -6.408  12.712  8.472   1.00 50.18 ? 1887 TRP A NE1 1 
ATOM   250  C CE2 . TRP A 1 32  ? -6.883  13.328  7.344   1.00 51.12 ? 1887 TRP A CE2 1 
ATOM   251  C CE3 . TRP A 1 32  ? -8.518  12.891  5.617   1.00 48.96 ? 1887 TRP A CE3 1 
ATOM   252  C CZ2 . TRP A 1 32  ? -6.529  14.548  6.766   1.00 51.82 ? 1887 TRP A CZ2 1 
ATOM   253  C CZ3 . TRP A 1 32  ? -8.163  14.106  5.045   1.00 51.92 ? 1887 TRP A CZ3 1 
ATOM   254  C CH2 . TRP A 1 32  ? -7.179  14.916  5.620   1.00 51.17 ? 1887 TRP A CH2 1 
ATOM   255  N N   . PRO A 1 33  ? -7.192  9.975   4.594   1.00 40.10 ? 1888 PRO A N   1 
ATOM   256  C CA  . PRO A 1 33  ? -7.228  10.286  3.154   1.00 43.52 ? 1888 PRO A CA  1 
ATOM   257  C C   . PRO A 1 33  ? -7.153  9.055   2.270   1.00 43.19 ? 1888 PRO A C   1 
ATOM   258  O O   . PRO A 1 33  ? -7.391  9.170   1.063   1.00 38.80 ? 1888 PRO A O   1 
ATOM   259  C CB  . PRO A 1 33  ? -5.995  11.179  2.940   1.00 44.67 ? 1888 PRO A CB  1 
ATOM   260  C CG  . PRO A 1 33  ? -5.544  11.606  4.315   1.00 40.31 ? 1888 PRO A CG  1 
ATOM   261  C CD  . PRO A 1 33  ? -5.920  10.434  5.188   1.00 41.65 ? 1888 PRO A CD  1 
ATOM   262  N N   . PHE A 1 34  ? -6.822  7.890   2.823   1.00 37.29 ? 1889 PHE A N   1 
ATOM   263  C CA  . PHE A 1 34  ? -6.464  6.729   2.019   1.00 40.28 ? 1889 PHE A CA  1 
ATOM   264  C C   . PHE A 1 34  ? -7.380  5.543   2.265   1.00 37.22 ? 1889 PHE A C   1 
ATOM   265  O O   . PHE A 1 34  ? -7.125  4.454   1.737   1.00 38.67 ? 1889 PHE A O   1 
ATOM   266  C CB  . PHE A 1 34  ? -5.007  6.345   2.300   1.00 39.61 ? 1889 PHE A CB  1 
ATOM   267  C CG  . PHE A 1 34  ? -4.076  7.529   2.322   1.00 39.22 ? 1889 PHE A CG  1 
ATOM   268  C CD1 . PHE A 1 34  ? -3.726  8.169   1.142   1.00 38.15 ? 1889 PHE A CD1 1 
ATOM   269  C CD2 . PHE A 1 34  ? -3.577  8.018   3.518   1.00 41.28 ? 1889 PHE A CD2 1 
ATOM   270  C CE1 . PHE A 1 34  ? -2.892  9.266   1.149   1.00 39.14 ? 1889 PHE A CE1 1 
ATOM   271  C CE2 . PHE A 1 34  ? -2.728  9.120   3.534   1.00 41.00 ? 1889 PHE A CE2 1 
ATOM   272  C CZ  . PHE A 1 34  ? -2.387  9.741   2.352   1.00 38.57 ? 1889 PHE A CZ  1 
ATOM   273  N N   . LEU A 1 35  ? -8.431  5.720   3.064   1.00 38.96 ? 1890 LEU A N   1 
ATOM   274  C CA  . LEU A 1 35  ? -9.259  4.584   3.439   1.00 37.26 ? 1890 LEU A CA  1 
ATOM   275  C C   . LEU A 1 35  ? -10.193 4.168   2.315   1.00 41.65 ? 1890 LEU A C   1 
ATOM   276  O O   . LEU A 1 35  ? -10.520 2.983   2.206   1.00 42.85 ? 1890 LEU A O   1 
ATOM   277  C CB  . LEU A 1 35  ? -10.072 4.907   4.695   1.00 42.28 ? 1890 LEU A CB  1 
ATOM   278  C CG  . LEU A 1 35  ? -9.308  5.102   6.011   1.00 43.54 ? 1890 LEU A CG  1 
ATOM   279  C CD1 . LEU A 1 35  ? -10.261 5.545   7.109   1.00 45.32 ? 1890 LEU A CD1 1 
ATOM   280  C CD2 . LEU A 1 35  ? -8.589  3.813   6.411   1.00 43.23 ? 1890 LEU A CD2 1 
ATOM   281  N N   . LEU A 1 36  ? -10.627 5.111   1.489   1.00 41.56 ? 1891 LEU A N   1 
ATOM   282  C CA  . LEU A 1 36  ? -11.586 4.867   0.419   1.00 45.29 ? 1891 LEU A CA  1 
ATOM   283  C C   . LEU A 1 36  ? -11.042 5.441   -0.877  1.00 44.42 ? 1891 LEU A C   1 
ATOM   284  O O   . LEU A 1 36  ? -10.164 6.309   -0.858  1.00 40.06 ? 1891 LEU A O   1 
ATOM   285  C CB  . LEU A 1 36  ? -12.946 5.502   0.742   1.00 46.27 ? 1891 LEU A CB  1 
ATOM   286  C CG  . LEU A 1 36  ? -13.676 4.903   1.940   1.00 48.87 ? 1891 LEU A CG  1 
ATOM   287  C CD1 . LEU A 1 36  ? -14.980 5.647   2.174   1.00 53.16 ? 1891 LEU A CD1 1 
ATOM   288  C CD2 . LEU A 1 36  ? -13.926 3.430   1.699   1.00 49.71 ? 1891 LEU A CD2 1 
ATOM   289  N N   . PRO A 1 37  ? -11.538 4.969   -2.024  1.00 43.66 ? 1892 PRO A N   1 
ATOM   290  C CA  . PRO A 1 37  ? -11.091 5.547   -3.296  1.00 42.01 ? 1892 PRO A CA  1 
ATOM   291  C C   . PRO A 1 37  ? -11.399 7.030   -3.331  1.00 43.98 ? 1892 PRO A C   1 
ATOM   292  O O   . PRO A 1 37  ? -12.404 7.485   -2.780  1.00 47.85 ? 1892 PRO A O   1 
ATOM   293  C CB  . PRO A 1 37  ? -11.911 4.786   -4.347  1.00 40.88 ? 1892 PRO A CB  1 
ATOM   294  C CG  . PRO A 1 37  ? -12.384 3.568   -3.662  1.00 43.23 ? 1892 PRO A CG  1 
ATOM   295  C CD  . PRO A 1 37  ? -12.549 3.914   -2.226  1.00 43.89 ? 1892 PRO A CD  1 
ATOM   296  N N   . VAL A 1 38  ? -10.502 7.792   -3.954  1.00 38.30 ? 1893 VAL A N   1 
ATOM   297  C CA  . VAL A 1 38  ? -10.779 9.202   -4.191  1.00 47.04 ? 1893 VAL A CA  1 
ATOM   298  C C   . VAL A 1 38  ? -12.003 9.304   -5.083  1.00 50.03 ? 1893 VAL A C   1 
ATOM   299  O O   . VAL A 1 38  ? -12.143 8.551   -6.055  1.00 48.47 ? 1893 VAL A O   1 
ATOM   300  C CB  . VAL A 1 38  ? -9.557  9.891   -4.815  1.00 49.65 ? 1893 VAL A CB  1 
ATOM   301  C CG1 . VAL A 1 38  ? -9.905  11.304  -5.273  1.00 53.34 ? 1893 VAL A CG1 1 
ATOM   302  C CG2 . VAL A 1 38  ? -8.402  9.909   -3.826  1.00 45.49 ? 1893 VAL A CG2 1 
ATOM   303  N N   . ASN A 1 39  ? -12.916 10.207  -4.736  1.00 52.56 ? 1894 ASN A N   1 
ATOM   304  C CA  . ASN A 1 39  ? -14.169 10.350  -5.470  1.00 57.50 ? 1894 ASN A CA  1 
ATOM   305  C C   . ASN A 1 39  ? -13.873 11.029  -6.800  1.00 60.43 ? 1894 ASN A C   1 
ATOM   306  O O   . ASN A 1 39  ? -13.681 12.246  -6.863  1.00 58.80 ? 1894 ASN A O   1 
ATOM   307  C CB  . ASN A 1 39  ? -15.181 11.140  -4.648  1.00 59.17 ? 1894 ASN A CB  1 
ATOM   308  C CG  . ASN A 1 39  ? -16.599 10.984  -5.168  1.00 68.48 ? 1894 ASN A CG  1 
ATOM   309  O OD1 . ASN A 1 39  ? -16.825 10.865  -6.376  1.00 65.20 ? 1894 ASN A OD1 1 
ATOM   310  N ND2 . ASN A 1 39  ? -17.563 10.968  -4.256  1.00 72.65 ? 1894 ASN A ND2 1 
ATOM   311  N N   . LEU A 1 40  ? -13.829 10.237  -7.875  1.00 54.96 ? 1895 LEU A N   1 
ATOM   312  C CA  . LEU A 1 40  ? -13.391 10.768  -9.164  1.00 61.89 ? 1895 LEU A CA  1 
ATOM   313  C C   . LEU A 1 40  ? -14.337 11.823  -9.721  1.00 61.51 ? 1895 LEU A C   1 
ATOM   314  O O   . LEU A 1 40  ? -13.932 12.601  -10.591 1.00 62.66 ? 1895 LEU A O   1 
ATOM   315  C CB  . LEU A 1 40  ? -13.230 9.632   -10.176 1.00 59.17 ? 1895 LEU A CB  1 
ATOM   316  C CG  . LEU A 1 40  ? -12.081 8.664   -9.901  1.00 57.90 ? 1895 LEU A CG  1 
ATOM   317  C CD1 . LEU A 1 40  ? -11.929 7.692   -11.062 1.00 54.69 ? 1895 LEU A CD1 1 
ATOM   318  C CD2 . LEU A 1 40  ? -10.774 9.412   -9.633  1.00 52.61 ? 1895 LEU A CD2 1 
ATOM   319  N N   . LYS A 1 41  ? -15.579 11.873  -9.243  1.00 65.33 ? 1896 LYS A N   1 
ATOM   320  C CA  . LYS A 1 41  ? -16.540 12.855  -9.726  1.00 67.12 ? 1896 LYS A CA  1 
ATOM   321  C C   . LYS A 1 41  ? -16.532 14.137  -8.912  1.00 66.71 ? 1896 LYS A C   1 
ATOM   322  O O   . LYS A 1 41  ? -17.052 15.155  -9.382  1.00 70.90 ? 1896 LYS A O   1 
ATOM   323  C CB  . LYS A 1 41  ? -17.958 12.264  -9.725  1.00 70.10 ? 1896 LYS A CB  1 
ATOM   324  C CG  . LYS A 1 41  ? -18.065 10.897  -10.386 1.00 68.21 ? 1896 LYS A CG  1 
ATOM   325  C CD  . LYS A 1 41  ? -17.438 10.901  -11.773 1.00 70.13 ? 1896 LYS A CD  1 
ATOM   326  C CE  . LYS A 1 41  ? -17.024 9.497   -12.209 1.00 69.68 ? 1896 LYS A CE  1 
ATOM   327  N NZ  . LYS A 1 41  ? -16.185 9.531   -13.441 1.00 72.17 ? 1896 LYS A NZ  1 
ATOM   328  N N   . LEU A 1 42  ? -15.945 14.118  -7.719  1.00 64.83 ? 1897 LEU A N   1 
ATOM   329  C CA  . LEU A 1 42  ? -15.941 15.271  -6.834  1.00 60.65 ? 1897 LEU A CA  1 
ATOM   330  C C   . LEU A 1 42  ? -14.558 15.871  -6.631  1.00 62.68 ? 1897 LEU A C   1 
ATOM   331  O O   . LEU A 1 42  ? -14.431 16.858  -5.898  1.00 66.79 ? 1897 LEU A O   1 
ATOM   332  C CB  . LEU A 1 42  ? -16.534 14.894  -5.469  1.00 65.51 ? 1897 LEU A CB  1 
ATOM   333  C CG  . LEU A 1 42  ? -17.914 14.229  -5.444  1.00 70.54 ? 1897 LEU A CG  1 
ATOM   334  C CD1 . LEU A 1 42  ? -18.411 14.057  -4.011  1.00 69.52 ? 1897 LEU A CD1 1 
ATOM   335  C CD2 . LEU A 1 42  ? -18.917 15.017  -6.280  1.00 70.72 ? 1897 LEU A CD2 1 
ATOM   336  N N   . VAL A 1 43  ? -13.518 15.308  -7.237  1.00 59.79 ? 1898 VAL A N   1 
ATOM   337  C CA  . VAL A 1 43  ? -12.167 15.816  -7.004  1.00 59.58 ? 1898 VAL A CA  1 
ATOM   338  C C   . VAL A 1 43  ? -11.549 16.229  -8.330  1.00 59.37 ? 1898 VAL A C   1 
ATOM   339  O O   . VAL A 1 43  ? -11.133 15.367  -9.118  1.00 56.01 ? 1898 VAL A O   1 
ATOM   340  C CB  . VAL A 1 43  ? -11.282 14.788  -6.285  1.00 61.20 ? 1898 VAL A CB  1 
ATOM   341  C CG1 . VAL A 1 43  ? -9.891  15.376  -6.038  1.00 55.91 ? 1898 VAL A CG1 1 
ATOM   342  C CG2 . VAL A 1 43  ? -11.930 14.361  -4.971  1.00 58.83 ? 1898 VAL A CG2 1 
ATOM   343  N N   . PRO A 1 44  ? -11.446 17.533  -8.595  1.00 60.65 ? 1899 PRO A N   1 
ATOM   344  C CA  . PRO A 1 44  ? -10.982 18.007  -9.907  1.00 61.02 ? 1899 PRO A CA  1 
ATOM   345  C C   . PRO A 1 44  ? -9.556  17.568  -10.205 1.00 55.70 ? 1899 PRO A C   1 
ATOM   346  O O   . PRO A 1 44  ? -8.653  17.716  -9.376  1.00 53.07 ? 1899 PRO A O   1 
ATOM   347  C CB  . PRO A 1 44  ? -11.075 19.538  -9.787  1.00 63.00 ? 1899 PRO A CB  1 
ATOM   348  C CG  . PRO A 1 44  ? -11.935 19.805  -8.593  1.00 63.56 ? 1899 PRO A CG  1 
ATOM   349  C CD  . PRO A 1 44  ? -11.739 18.640  -7.672  1.00 64.51 ? 1899 PRO A CD  1 
ATOM   350  N N   . GLY A 1 45  ? -9.354  17.058  -11.418 1.00 50.21 ? 1900 GLY A N   1 
ATOM   351  C CA  . GLY A 1 45  ? -8.046  16.658  -11.883 1.00 51.93 ? 1900 GLY A CA  1 
ATOM   352  C C   . GLY A 1 45  ? -7.662  15.218  -11.591 1.00 51.83 ? 1900 GLY A C   1 
ATOM   353  O O   . GLY A 1 45  ? -6.828  14.659  -12.320 1.00 51.99 ? 1900 GLY A O   1 
ATOM   354  N N   . TYR A 1 46  ? -8.250  14.592  -10.566 1.00 51.06 ? 1901 TYR A N   1 
ATOM   355  C CA  . TYR A 1 46  ? -7.714  13.315  -10.095 1.00 52.03 ? 1901 TYR A CA  1 
ATOM   356  C C   . TYR A 1 46  ? -7.711  12.269  -11.203 1.00 48.15 ? 1901 TYR A C   1 
ATOM   357  O O   . TYR A 1 46  ? -6.688  11.616  -11.453 1.00 43.37 ? 1901 TYR A O   1 
ATOM   358  C CB  . TYR A 1 46  ? -8.496  12.804  -8.887  1.00 51.60 ? 1901 TYR A CB  1 
ATOM   359  C CG  . TYR A 1 46  ? -7.638  11.868  -8.074  1.00 48.71 ? 1901 TYR A CG  1 
ATOM   360  C CD1 . TYR A 1 46  ? -6.733  12.371  -7.160  1.00 47.32 ? 1901 TYR A CD1 1 
ATOM   361  C CD2 . TYR A 1 46  ? -7.684  10.496  -8.269  1.00 46.55 ? 1901 TYR A CD2 1 
ATOM   362  C CE1 . TYR A 1 46  ? -5.920  11.546  -6.432  1.00 46.87 ? 1901 TYR A CE1 1 
ATOM   363  C CE2 . TYR A 1 46  ? -6.873  9.648   -7.535  1.00 45.86 ? 1901 TYR A CE2 1 
ATOM   364  C CZ  . TYR A 1 46  ? -5.987  10.186  -6.618  1.00 46.21 ? 1901 TYR A CZ  1 
ATOM   365  O OH  . TYR A 1 46  ? -5.162  9.373   -5.872  1.00 44.15 ? 1901 TYR A OH  1 
ATOM   366  N N   . LYS A 1 47  ? -8.839  12.134  -11.907 1.00 52.64 ? 1902 LYS A N   1 
ATOM   367  C CA  . LYS A 1 47  ? -8.993  11.071  -12.895 1.00 50.86 ? 1902 LYS A CA  1 
ATOM   368  C C   . LYS A 1 47  ? -7.954  11.183  -14.009 1.00 48.89 ? 1902 LYS A C   1 
ATOM   369  O O   . LYS A 1 47  ? -7.354  10.181  -14.418 1.00 47.23 ? 1902 LYS A O   1 
ATOM   370  C CB  . LYS A 1 47  ? -10.414 11.103  -13.466 1.00 52.46 ? 1902 LYS A CB  1 
ATOM   371  C CG  . LYS A 1 47  ? -10.864 9.792   -14.102 1.00 60.74 ? 1902 LYS A CG  1 
ATOM   372  C CD  . LYS A 1 47  ? -12.299 9.899   -14.633 1.00 61.21 ? 1902 LYS A CD  1 
ATOM   373  C CE  . LYS A 1 47  ? -12.758 8.603   -15.279 1.00 67.99 ? 1902 LYS A CE  1 
ATOM   374  N NZ  . LYS A 1 47  ? -13.773 8.854   -16.340 1.00 71.84 ? 1902 LYS A NZ  1 
ATOM   375  N N   . LYS A 1 48  ? -7.719  12.395  -14.514 1.00 48.32 ? 1903 LYS A N   1 
ATOM   376  C CA  . LYS A 1 48  ? -6.779  12.545  -15.621 1.00 47.02 ? 1903 LYS A CA  1 
ATOM   377  C C   . LYS A 1 48  ? -5.338  12.437  -15.144 1.00 47.30 ? 1903 LYS A C   1 
ATOM   378  O O   . LYS A 1 48  ? -4.491  11.865  -15.842 1.00 48.52 ? 1903 LYS A O   1 
ATOM   379  C CB  . LYS A 1 48  ? -6.998  13.881  -16.340 1.00 46.98 ? 1903 LYS A CB  1 
ATOM   380  C CG  . LYS A 1 48  ? -6.069  14.083  -17.522 1.00 45.06 ? 1903 LYS A CG  1 
ATOM   381  C CD  . LYS A 1 48  ? -6.339  13.051  -18.611 1.00 51.66 ? 1903 LYS A CD  1 
ATOM   382  C CE  . LYS A 1 48  ? -5.580  13.366  -19.890 1.00 51.14 ? 1903 LYS A CE  1 
ATOM   383  N NZ  . LYS A 1 48  ? -6.022  14.655  -20.485 1.00 52.15 ? 1903 LYS A NZ  1 
ATOM   384  N N   . VAL A 1 49  ? -5.040  12.980  -13.962 1.00 42.94 ? 1904 VAL A N   1 
ATOM   385  C CA  . VAL A 1 49  ? -3.658  13.033  -13.491 1.00 44.33 ? 1904 VAL A CA  1 
ATOM   386  C C   . VAL A 1 49  ? -3.195  11.681  -12.948 1.00 49.27 ? 1904 VAL A C   1 
ATOM   387  O O   . VAL A 1 49  ? -2.053  11.268  -13.188 1.00 49.07 ? 1904 VAL A O   1 
ATOM   388  C CB  . VAL A 1 49  ? -3.509  14.145  -12.437 1.00 45.83 ? 1904 VAL A CB  1 
ATOM   389  C CG1 . VAL A 1 49  ? -2.115  14.142  -11.824 1.00 44.41 ? 1904 VAL A CG1 1 
ATOM   390  C CG2 . VAL A 1 49  ? -3.804  15.509  -13.053 1.00 47.30 ? 1904 VAL A CG2 1 
ATOM   391  N N   . ILE A 1 50  ? -4.048  10.975  -12.211 1.00 44.21 ? 1905 ILE A N   1 
ATOM   392  C CA  . ILE A 1 50  ? -3.631  9.792   -11.451 1.00 43.44 ? 1905 ILE A CA  1 
ATOM   393  C C   . ILE A 1 50  ? -4.026  8.572   -12.267 1.00 42.01 ? 1905 ILE A C   1 
ATOM   394  O O   . ILE A 1 50  ? -5.195  8.191   -12.320 1.00 42.44 ? 1905 ILE A O   1 
ATOM   395  C CB  . ILE A 1 50  ? -4.238  9.761   -10.047 1.00 43.34 ? 1905 ILE A CB  1 
ATOM   396  C CG1 . ILE A 1 50  ? -3.748  10.956  -9.227  1.00 42.66 ? 1905 ILE A CG1 1 
ATOM   397  C CG2 . ILE A 1 50  ? -3.911  8.416   -9.340  1.00 43.26 ? 1905 ILE A CG2 1 
ATOM   398  C CD1 . ILE A 1 50  ? -2.241  11.080  -9.157  1.00 42.98 ? 1905 ILE A CD1 1 
ATOM   399  N N   . LYS A 1 51  ? -3.036  7.956   -12.907 1.00 44.32 ? 1906 LYS A N   1 
ATOM   400  C CA  . LYS A 1 51  ? -3.321  6.926   -13.889 1.00 45.52 ? 1906 LYS A CA  1 
ATOM   401  C C   . LYS A 1 51  ? -3.718  5.599   -13.246 1.00 46.97 ? 1906 LYS A C   1 
ATOM   402  O O   . LYS A 1 51  ? -4.534  4.875   -13.817 1.00 44.55 ? 1906 LYS A O   1 
ATOM   403  C CB  . LYS A 1 51  ? -2.118  6.754   -14.818 1.00 52.54 ? 1906 LYS A CB  1 
ATOM   404  C CG  . LYS A 1 51  ? -1.824  8.010   -15.674 1.00 53.91 ? 1906 LYS A CG  1 
ATOM   405  C CD  . LYS A 1 51  ? -3.101  8.562   -16.316 1.00 53.84 ? 1906 LYS A CD  1 
ATOM   406  C CE  . LYS A 1 51  ? -2.812  9.667   -17.338 1.00 58.83 ? 1906 LYS A CE  1 
ATOM   407  N NZ  . LYS A 1 51  ? -2.297  10.924  -16.699 1.00 53.69 ? 1906 LYS A NZ  1 
ATOM   408  N N   . LYS A 1 52  ? -3.177  5.263   -12.073 1.00 48.58 ? 1907 LYS A N   1 
ATOM   409  C CA  . LYS A 1 52  ? -3.570  4.056   -11.342 1.00 43.82 ? 1907 LYS A CA  1 
ATOM   410  C C   . LYS A 1 52  ? -3.941  4.460   -9.920  1.00 39.71 ? 1907 LYS A C   1 
ATOM   411  O O   . LYS A 1 52  ? -3.078  4.519   -9.033  1.00 42.39 ? 1907 LYS A O   1 
ATOM   412  C CB  . LYS A 1 52  ? -2.460  3.006   -11.337 1.00 44.76 ? 1907 LYS A CB  1 
ATOM   413  C CG  . LYS A 1 52  ? -1.781  2.802   -12.684 1.00 53.76 ? 1907 LYS A CG  1 
ATOM   414  C CD  . LYS A 1 52  ? -1.138  1.427   -12.794 1.00 60.11 ? 1907 LYS A CD  1 
ATOM   415  C CE  . LYS A 1 52  ? -0.221  1.127   -11.614 1.00 60.46 ? 1907 LYS A CE  1 
ATOM   416  N NZ  . LYS A 1 52  ? 1.035   1.931   -11.641 1.00 66.11 ? 1907 LYS A NZ  1 
ATOM   417  N N   . PRO A 1 53  ? -5.209  4.773   -9.673  1.00 37.51 ? 1908 PRO A N   1 
ATOM   418  C CA  . PRO A 1 53  ? -5.629  5.097   -8.306  1.00 39.96 ? 1908 PRO A CA  1 
ATOM   419  C C   . PRO A 1 53  ? -5.574  3.862   -7.418  1.00 38.41 ? 1908 PRO A C   1 
ATOM   420  O O   . PRO A 1 53  ? -5.742  2.728   -7.878  1.00 36.26 ? 1908 PRO A O   1 
ATOM   421  C CB  . PRO A 1 53  ? -7.072  5.590   -8.482  1.00 39.79 ? 1908 PRO A CB  1 
ATOM   422  C CG  . PRO A 1 53  ? -7.189  5.945   -9.945  1.00 44.34 ? 1908 PRO A CG  1 
ATOM   423  C CD  . PRO A 1 53  ? -6.301  4.952   -10.641 1.00 44.28 ? 1908 PRO A CD  1 
ATOM   424  N N   . MET A 1 54  ? -5.347  4.092   -6.128  1.00 34.16 ? 1909 MET A N   1 
ATOM   425  C CA  . MET A 1 54  ? -5.292  2.990   -5.178  1.00 36.29 ? 1909 MET A CA  1 
ATOM   426  C C   . MET A 1 54  ? -5.606  3.536   -3.795  1.00 37.79 ? 1909 MET A C   1 
ATOM   427  O O   . MET A 1 54  ? -5.310  4.697   -3.496  1.00 37.03 ? 1909 MET A O   1 
ATOM   428  C CB  . MET A 1 54  ? -3.926  2.286   -5.219  1.00 32.88 ? 1909 MET A CB  1 
ATOM   429  C CG  . MET A 1 54  ? -3.829  1.010   -4.371  1.00 31.39 ? 1909 MET A CG  1 
ATOM   430  S SD  . MET A 1 54  ? -5.083  -0.219  -4.797  1.00 35.68 ? 1909 MET A SD  1 
ATOM   431  C CE  . MET A 1 54  ? -4.736  -0.501  -6.540  1.00 36.66 ? 1909 MET A CE  1 
ATOM   432  N N   . ASP A 1 55  ? -6.229  2.695   -2.964  1.00 31.98 ? 1910 ASP A N   1 
ATOM   433  C CA  . ASP A 1 55  ? -6.582  3.064   -1.597  1.00 35.83 ? 1910 ASP A CA  1 
ATOM   434  C C   . ASP A 1 55  ? -6.555  1.804   -0.739  1.00 35.82 ? 1910 ASP A C   1 
ATOM   435  O O   . ASP A 1 55  ? -6.489  0.689   -1.256  1.00 35.16 ? 1910 ASP A O   1 
ATOM   436  C CB  . ASP A 1 55  ? -7.959  3.733   -1.533  1.00 34.21 ? 1910 ASP A CB  1 
ATOM   437  C CG  . ASP A 1 55  ? -9.074  2.785   -1.912  1.00 41.87 ? 1910 ASP A CG  1 
ATOM   438  O OD1 . ASP A 1 55  ? -9.212  2.486   -3.123  1.00 39.96 ? 1910 ASP A OD1 1 
ATOM   439  O OD2 . ASP A 1 55  ? -9.794  2.313   -0.997  1.00 41.62 ? 1910 ASP A OD2 1 
ATOM   440  N N   . PHE A 1 56  ? -6.636  1.989   0.588   1.00 34.83 ? 1911 PHE A N   1 
ATOM   441  C CA  . PHE A 1 56  ? -6.540  0.841   1.497   1.00 36.41 ? 1911 PHE A CA  1 
ATOM   442  C C   . PHE A 1 56  ? -7.693  -0.139  1.297   1.00 38.39 ? 1911 PHE A C   1 
ATOM   443  O O   . PHE A 1 56  ? -7.503  -1.356  1.410   1.00 37.41 ? 1911 PHE A O   1 
ATOM   444  C CB  . PHE A 1 56  ? -6.501  1.297   2.960   1.00 34.76 ? 1911 PHE A CB  1 
ATOM   445  C CG  . PHE A 1 56  ? -5.258  2.088   3.336   1.00 38.86 ? 1911 PHE A CG  1 
ATOM   446  C CD1 . PHE A 1 56  ? -4.166  2.161   2.481   1.00 37.59 ? 1911 PHE A CD1 1 
ATOM   447  C CD2 . PHE A 1 56  ? -5.188  2.746   4.561   1.00 35.56 ? 1911 PHE A CD2 1 
ATOM   448  C CE1 . PHE A 1 56  ? -3.025  2.884   2.836   1.00 33.66 ? 1911 PHE A CE1 1 
ATOM   449  C CE2 . PHE A 1 56  ? -4.058  3.478   4.920   1.00 38.98 ? 1911 PHE A CE2 1 
ATOM   450  C CZ  . PHE A 1 56  ? -2.974  3.544   4.060   1.00 36.08 ? 1911 PHE A CZ  1 
ATOM   451  N N   . SER A 1 57  ? -8.904  0.359   1.036   1.00 38.66 ? 1912 SER A N   1 
ATOM   452  C CA  . SER A 1 57  ? -10.031 -0.566  0.911   1.00 38.83 ? 1912 SER A CA  1 
ATOM   453  C C   . SER A 1 57  ? -9.896  -1.449  -0.322  1.00 40.34 ? 1912 SER A C   1 
ATOM   454  O O   . SER A 1 57  ? -10.288 -2.623  -0.288  1.00 42.03 ? 1912 SER A O   1 
ATOM   455  C CB  . SER A 1 57  ? -11.357 0.193   0.872   1.00 42.39 ? 1912 SER A CB  1 
ATOM   456  O OG  . SER A 1 57  ? -11.525 0.856   -0.366  1.00 41.01 ? 1912 SER A OG  1 
ATOM   457  N N   . THR A 1 58  ? -9.341  -0.914  -1.412  1.00 35.75 ? 1913 THR A N   1 
ATOM   458  C CA  . THR A 1 58  ? -9.099  -1.727  -2.603  1.00 38.50 ? 1913 THR A CA  1 
ATOM   459  C C   . THR A 1 58  ? -8.013  -2.760  -2.342  1.00 40.76 ? 1913 THR A C   1 
ATOM   460  O O   . THR A 1 58  ? -8.132  -3.922  -2.758  1.00 37.50 ? 1913 THR A O   1 
ATOM   461  C CB  . THR A 1 58  ? -8.723  -0.828  -3.782  1.00 39.82 ? 1913 THR A CB  1 
ATOM   462  O OG1 . THR A 1 58  ? -9.772  0.125   -4.002  1.00 39.68 ? 1913 THR A OG1 1 
ATOM   463  C CG2 . THR A 1 58  ? -8.521  -1.645  -5.063  1.00 39.67 ? 1913 THR A CG2 1 
ATOM   464  N N   . ILE A 1 59  ? -6.958  -2.354  -1.638  1.00 35.62 ? 1914 ILE A N   1 
ATOM   465  C CA  . ILE A 1 59  ? -5.903  -3.281  -1.243  1.00 35.51 ? 1914 ILE A CA  1 
ATOM   466  C C   . ILE A 1 59  ? -6.471  -4.386  -0.365  1.00 36.47 ? 1914 ILE A C   1 
ATOM   467  O O   . ILE A 1 59  ? -6.131  -5.567  -0.529  1.00 36.09 ? 1914 ILE A O   1 
ATOM   468  C CB  . ILE A 1 59  ? -4.770  -2.506  -0.530  1.00 34.76 ? 1914 ILE A CB  1 
ATOM   469  C CG1 . ILE A 1 59  ? -4.104  -1.531  -1.508  1.00 32.80 ? 1914 ILE A CG1 1 
ATOM   470  C CG2 . ILE A 1 59  ? -3.737  -3.459  0.072   1.00 30.89 ? 1914 ILE A CG2 1 
ATOM   471  C CD1 . ILE A 1 59  ? -3.053  -0.632  -0.827  1.00 38.18 ? 1914 ILE A CD1 1 
ATOM   472  N N   . ARG A 1 60  ? -7.341  -4.024  0.587   1.00 35.34 ? 1915 ARG A N   1 
ATOM   473  C CA  . ARG A 1 60  ? -7.943  -5.027  1.466   1.00 36.59 ? 1915 ARG A CA  1 
ATOM   474  C C   . ARG A 1 60  ? -8.799  -6.009  0.671   1.00 38.30 ? 1915 ARG A C   1 
ATOM   475  O O   . ARG A 1 60  ? -8.771  -7.222  0.926   1.00 38.92 ? 1915 ARG A O   1 
ATOM   476  C CB  . ARG A 1 60  ? -8.773  -4.336  2.548   1.00 39.28 ? 1915 ARG A CB  1 
ATOM   477  C CG  . ARG A 1 60  ? -9.542  -5.296  3.459   1.00 38.44 ? 1915 ARG A CG  1 
ATOM   478  C CD  . ARG A 1 60  ? -8.618  -6.199  4.220   1.00 38.14 ? 1915 ARG A CD  1 
ATOM   479  N NE  . ARG A 1 60  ? -7.906  -5.499  5.294   1.00 40.26 ? 1915 ARG A NE  1 
ATOM   480  C CZ  . ARG A 1 60  ? -7.080  -6.098  6.147   1.00 39.45 ? 1915 ARG A CZ  1 
ATOM   481  N NH1 . ARG A 1 60  ? -6.857  -7.398  6.049   1.00 37.69 ? 1915 ARG A NH1 1 
ATOM   482  N NH2 . ARG A 1 60  ? -6.469  -5.403  7.100   1.00 42.28 ? 1915 ARG A NH2 1 
ATOM   483  N N   . GLU A 1 61  ? -9.546  -5.508  -0.315  1.00 35.87 ? 1916 GLU A N   1 
ATOM   484  C CA  . GLU A 1 61  ? -10.353 -6.391  -1.156  1.00 41.29 ? 1916 GLU A CA  1 
ATOM   485  C C   . GLU A 1 61  ? -9.468  -7.348  -1.949  1.00 42.06 ? 1916 GLU A C   1 
ATOM   486  O O   . GLU A 1 61  ? -9.710  -8.565  -1.978  1.00 38.62 ? 1916 GLU A O   1 
ATOM   487  C CB  . GLU A 1 61  ? -11.231 -5.560  -2.101  1.00 35.86 ? 1916 GLU A CB  1 
ATOM   488  C CG  . GLU A 1 61  ? -12.204 -6.398  -2.955  1.00 41.07 ? 1916 GLU A CG  1 
ATOM   489  C CD  . GLU A 1 61  ? -13.177 -7.236  -2.125  1.00 45.41 ? 1916 GLU A CD  1 
ATOM   490  O OE1 . GLU A 1 61  ? -13.641 -6.760  -1.069  1.00 51.33 ? 1916 GLU A OE1 1 
ATOM   491  O OE2 . GLU A 1 61  ? -13.490 -8.376  -2.532  1.00 47.18 ? 1916 GLU A OE2 1 
ATOM   492  N N   . LYS A 1 62  ? -8.432  -6.807  -2.600  1.00 39.01 ? 1917 LYS A N   1 
ATOM   493  C CA  . LYS A 1 62  ? -7.502  -7.630  -3.368  1.00 40.62 ? 1917 LYS A CA  1 
ATOM   494  C C   . LYS A 1 62  ? -6.809  -8.663  -2.485  1.00 39.94 ? 1917 LYS A C   1 
ATOM   495  O O   . LYS A 1 62  ? -6.593  -9.808  -2.909  1.00 38.58 ? 1917 LYS A O   1 
ATOM   496  C CB  . LYS A 1 62  ? -6.472  -6.734  -4.063  1.00 38.86 ? 1917 LYS A CB  1 
ATOM   497  C CG  . LYS A 1 62  ? -7.052  -5.903  -5.200  1.00 40.67 ? 1917 LYS A CG  1 
ATOM   498  C CD  . LYS A 1 62  ? -6.034  -4.900  -5.749  1.00 39.75 ? 1917 LYS A CD  1 
ATOM   499  C CE  . LYS A 1 62  ? -4.991  -5.579  -6.625  1.00 42.03 ? 1917 LYS A CE  1 
ATOM   500  N NZ  . LYS A 1 62  ? -4.110  -4.563  -7.280  1.00 35.91 ? 1917 LYS A NZ  1 
ATOM   501  N N   . LEU A 1 63  ? -6.463  -8.285  -1.248  1.00 38.85 ? 1918 LEU A N   1 
ATOM   502  C CA  . LEU A 1 63  ? -5.802  -9.229  -0.351  1.00 38.27 ? 1918 LEU A CA  1 
ATOM   503  C C   . LEU A 1 63  ? -6.768  -10.317 0.109   1.00 42.95 ? 1918 LEU A C   1 
ATOM   504  O O   . LEU A 1 63  ? -6.384  -11.486 0.223   1.00 47.32 ? 1918 LEU A O   1 
ATOM   505  C CB  . LEU A 1 63  ? -5.207  -8.489  0.850   1.00 40.63 ? 1918 LEU A CB  1 
ATOM   506  C CG  . LEU A 1 63  ? -4.243  -9.237  1.784   1.00 43.05 ? 1918 LEU A CG  1 
ATOM   507  C CD1 . LEU A 1 63  ? -2.935  -9.589  1.086   1.00 39.67 ? 1918 LEU A CD1 1 
ATOM   508  C CD2 . LEU A 1 63  ? -3.967  -8.419  3.047   1.00 40.52 ? 1918 LEU A CD2 1 
ATOM   509  N N   . SER A 1 64  ? -8.027  -9.956  0.367   1.00 41.81 ? 1919 SER A N   1 
ATOM   510  C CA  . SER A 1 64  ? -9.035  -10.910 0.819   1.00 43.10 ? 1919 SER A CA  1 
ATOM   511  C C   . SER A 1 64  ? -9.551  -11.811 -0.295  1.00 40.50 ? 1919 SER A C   1 
ATOM   512  O O   . SER A 1 64  ? -10.316 -12.744 -0.012  1.00 41.26 ? 1919 SER A O   1 
ATOM   513  C CB  . SER A 1 64  ? -10.216 -10.163 1.454   1.00 43.48 ? 1919 SER A CB  1 
ATOM   514  O OG  . SER A 1 64  ? -9.811  -9.476  2.631   1.00 43.21 ? 1919 SER A OG  1 
ATOM   515  N N   . SER A 1 65  ? -9.156  -11.568 -1.549  1.00 36.95 ? 1920 SER A N   1 
ATOM   516  C CA  . SER A 1 65  ? -9.689  -12.314 -2.685  1.00 39.65 ? 1920 SER A CA  1 
ATOM   517  C C   . SER A 1 65  ? -8.583  -12.920 -3.545  1.00 39.00 ? 1920 SER A C   1 
ATOM   518  O O   . SER A 1 65  ? -8.831  -13.256 -4.704  1.00 37.95 ? 1920 SER A O   1 
ATOM   519  C CB  . SER A 1 65  ? -10.597 -11.426 -3.551  1.00 40.24 ? 1920 SER A CB  1 
ATOM   520  O OG  . SER A 1 65  ? -9.868  -10.337 -4.106  1.00 36.21 ? 1920 SER A OG  1 
ATOM   521  N N   . GLY A 1 66  ? -7.368  -13.052 -3.015  1.00 39.27 ? 1921 GLY A N   1 
ATOM   522  C CA  . GLY A 1 66  ? -6.324  -13.762 -3.733  1.00 38.59 ? 1921 GLY A CA  1 
ATOM   523  C C   . GLY A 1 66  ? -5.798  -13.064 -4.966  1.00 41.87 ? 1921 GLY A C   1 
ATOM   524  O O   . GLY A 1 66  ? -5.362  -13.732 -5.908  1.00 41.44 ? 1921 GLY A O   1 
ATOM   525  N N   . GLN A 1 67  ? -5.814  -11.733 -4.986  1.00 41.25 ? 1922 GLN A N   1 
ATOM   526  C CA  . GLN A 1 67  ? -5.369  -10.982 -6.151  1.00 45.26 ? 1922 GLN A CA  1 
ATOM   527  C C   . GLN A 1 67  ? -3.923  -10.503 -6.049  1.00 44.19 ? 1922 GLN A C   1 
ATOM   528  O O   . GLN A 1 67  ? -3.419  -9.912  -7.007  1.00 42.65 ? 1922 GLN A O   1 
ATOM   529  C CB  . GLN A 1 67  ? -6.308  -9.795  -6.397  1.00 41.82 ? 1922 GLN A CB  1 
ATOM   530  C CG  . GLN A 1 67  ? -7.751  -10.247 -6.618  1.00 40.59 ? 1922 GLN A CG  1 
ATOM   531  C CD  . GLN A 1 67  ? -8.655  -9.147  -7.138  1.00 43.93 ? 1922 GLN A CD  1 
ATOM   532  O OE1 . GLN A 1 67  ? -8.355  -8.509  -8.145  1.00 45.20 ? 1922 GLN A OE1 1 
ATOM   533  N NE2 . GLN A 1 67  ? -9.766  -8.911  -6.445  1.00 41.91 ? 1922 GLN A NE2 1 
ATOM   534  N N   . TYR A 1 68  ? -3.243  -10.745 -4.923  1.00 41.51 ? 1923 TYR A N   1 
ATOM   535  C CA  . TYR A 1 68  ? -1.804  -10.514 -4.839  1.00 44.48 ? 1923 TYR A CA  1 
ATOM   536  C C   . TYR A 1 68  ? -1.075  -11.840 -4.961  1.00 43.98 ? 1923 TYR A C   1 
ATOM   537  O O   . TYR A 1 68  ? -1.254  -12.719 -4.100  1.00 42.08 ? 1923 TYR A O   1 
ATOM   538  C CB  . TYR A 1 68  ? -1.423  -9.819  -3.530  1.00 39.65 ? 1923 TYR A CB  1 
ATOM   539  C CG  . TYR A 1 68  ? -1.930  -8.394  -3.464  1.00 39.29 ? 1923 TYR A CG  1 
ATOM   540  C CD1 . TYR A 1 68  ? -1.517  -7.449  -4.387  1.00 40.05 ? 1923 TYR A CD1 1 
ATOM   541  C CD2 . TYR A 1 68  ? -2.845  -8.004  -2.495  1.00 39.10 ? 1923 TYR A CD2 1 
ATOM   542  C CE1 . TYR A 1 68  ? -1.995  -6.150  -4.343  1.00 37.79 ? 1923 TYR A CE1 1 
ATOM   543  C CE2 . TYR A 1 68  ? -3.335  -6.717  -2.451  1.00 36.24 ? 1923 TYR A CE2 1 
ATOM   544  C CZ  . TYR A 1 68  ? -2.907  -5.796  -3.377  1.00 35.42 ? 1923 TYR A CZ  1 
ATOM   545  O OH  . TYR A 1 68  ? -3.399  -4.518  -3.329  1.00 37.25 ? 1923 TYR A OH  1 
ATOM   546  N N   . PRO A 1 69  ? -0.261  -12.037 -6.001  1.00 45.91 ? 1924 PRO A N   1 
ATOM   547  C CA  . PRO A 1 69  ? 0.455   -13.315 -6.133  1.00 46.99 ? 1924 PRO A CA  1 
ATOM   548  C C   . PRO A 1 69  ? 1.548   -13.496 -5.101  1.00 49.10 ? 1924 PRO A C   1 
ATOM   549  O O   . PRO A 1 69  ? 1.852   -14.636 -4.726  1.00 50.27 ? 1924 PRO A O   1 
ATOM   550  C CB  . PRO A 1 69  ? 1.032   -13.251 -7.555  1.00 50.18 ? 1924 PRO A CB  1 
ATOM   551  C CG  . PRO A 1 69  ? 0.289   -12.146 -8.240  1.00 47.68 ? 1924 PRO A CG  1 
ATOM   552  C CD  . PRO A 1 69  ? -0.074  -11.171 -7.174  1.00 44.43 ? 1924 PRO A CD  1 
ATOM   553  N N   . ASN A 1 70  ? 2.146   -12.405 -4.627  1.00 48.60 ? 1925 ASN A N   1 
ATOM   554  C CA  . ASN A 1 70  ? 3.280   -12.472 -3.720  1.00 47.12 ? 1925 ASN A CA  1 
ATOM   555  C C   . ASN A 1 70  ? 3.328   -11.175 -2.927  1.00 48.00 ? 1925 ASN A C   1 
ATOM   556  O O   . ASN A 1 70  ? 2.640   -10.202 -3.245  1.00 42.80 ? 1925 ASN A O   1 
ATOM   557  C CB  . ASN A 1 70  ? 4.590   -12.700 -4.486  1.00 47.91 ? 1925 ASN A CB  1 
ATOM   558  C CG  . ASN A 1 70  ? 4.827   -11.649 -5.556  1.00 50.28 ? 1925 ASN A CG  1 
ATOM   559  O OD1 . ASN A 1 70  ? 4.848   -10.454 -5.272  1.00 50.42 ? 1925 ASN A OD1 1 
ATOM   560  N ND2 . ASN A 1 70  ? 5.004   -12.090 -6.796  1.00 50.65 ? 1925 ASN A ND2 1 
ATOM   561  N N   . LEU A 1 71  ? 4.168   -11.154 -1.894  1.00 48.09 ? 1926 LEU A N   1 
ATOM   562  C CA  . LEU A 1 71  ? 4.194   -9.978  -1.035  1.00 44.16 ? 1926 LEU A CA  1 
ATOM   563  C C   . LEU A 1 71  ? 4.713   -8.750  -1.775  1.00 47.15 ? 1926 LEU A C   1 
ATOM   564  O O   . LEU A 1 71  ? 4.307   -7.627  -1.456  1.00 48.75 ? 1926 LEU A O   1 
ATOM   565  C CB  . LEU A 1 71  ? 5.011   -10.257 0.229   1.00 50.59 ? 1926 LEU A CB  1 
ATOM   566  C CG  . LEU A 1 71  ? 6.535   -10.378 0.225   1.00 52.37 ? 1926 LEU A CG  1 
ATOM   567  C CD1 . LEU A 1 71  ? 7.004   -10.638 1.648   1.00 51.70 ? 1926 LEU A CD1 1 
ATOM   568  C CD2 . LEU A 1 71  ? 7.035   -11.474 -0.703  1.00 52.84 ? 1926 LEU A CD2 1 
ATOM   569  N N   . GLU A 1 72  ? 5.567   -8.932  -2.791  1.00 47.87 ? 1927 GLU A N   1 
ATOM   570  C CA  A GLU A 1 72  ? 6.099   -7.794  -3.538  0.51 49.59 ? 1927 GLU A CA  1 
ATOM   571  C CA  B GLU A 1 72  ? 6.088   -7.763  -3.488  0.49 49.51 ? 1927 GLU A CA  1 
ATOM   572  C C   . GLU A 1 72  ? 4.989   -7.019  -4.240  1.00 48.48 ? 1927 GLU A C   1 
ATOM   573  O O   . GLU A 1 72  ? 5.027   -5.787  -4.311  1.00 48.76 ? 1927 GLU A O   1 
ATOM   574  C CB  A GLU A 1 72  ? 7.135   -8.272  -4.560  0.51 51.53 ? 1927 GLU A CB  1 
ATOM   575  C CB  B GLU A 1 72  ? 7.220   -8.156  -4.438  0.49 51.51 ? 1927 GLU A CB  1 
ATOM   576  C CG  A GLU A 1 72  ? 8.465   -8.720  -3.969  0.51 51.40 ? 1927 GLU A CG  1 
ATOM   577  C CG  B GLU A 1 72  ? 8.434   -8.788  -3.752  0.49 51.44 ? 1927 GLU A CG  1 
ATOM   578  C CD  A GLU A 1 72  ? 8.586   -10.231 -3.831  0.51 53.38 ? 1927 GLU A CD  1 
ATOM   579  C CD  B GLU A 1 72  ? 9.072   -7.905  -2.680  0.49 53.23 ? 1927 GLU A CD  1 
ATOM   580  O OE1 A GLU A 1 72  ? 7.584   -10.946 -4.050  0.51 50.73 ? 1927 GLU A OE1 1 
ATOM   581  O OE1 B GLU A 1 72  ? 9.013   -6.657  -2.786  0.49 51.24 ? 1927 GLU A OE1 1 
ATOM   582  O OE2 A GLU A 1 72  ? 9.696   -10.701 -3.503  0.51 56.33 ? 1927 GLU A OE2 1 
ATOM   583  O OE2 B GLU A 1 72  ? 9.644   -8.470  -1.724  0.49 54.85 ? 1927 GLU A OE2 1 
ATOM   584  N N   . THR A 1 73  ? 3.997   -7.725  -4.785  1.00 45.55 ? 1928 THR A N   1 
ATOM   585  C CA  . THR A 1 73  ? 2.913   -7.020  -5.461  1.00 43.19 ? 1928 THR A CA  1 
ATOM   586  C C   . THR A 1 73  ? 2.027   -6.285  -4.465  1.00 42.26 ? 1928 THR A C   1 
ATOM   587  O O   . THR A 1 73  ? 1.444   -5.249  -4.803  1.00 38.87 ? 1928 THR A O   1 
ATOM   588  C CB  . THR A 1 73  ? 2.071   -7.990  -6.299  1.00 46.96 ? 1928 THR A CB  1 
ATOM   589  O OG1 . THR A 1 73  ? 1.549   -9.023  -5.458  1.00 47.35 ? 1928 THR A OG1 1 
ATOM   590  C CG2 . THR A 1 73  ? 2.907   -8.622  -7.400  1.00 48.65 ? 1928 THR A CG2 1 
ATOM   591  N N   . PHE A 1 74  ? 1.906   -6.805  -3.242  1.00 38.71 ? 1929 PHE A N   1 
ATOM   592  C CA  . PHE A 1 74  ? 1.170   -6.094  -2.202  1.00 39.01 ? 1929 PHE A CA  1 
ATOM   593  C C   . PHE A 1 74  ? 1.867   -4.788  -1.828  1.00 39.20 ? 1929 PHE A C   1 
ATOM   594  O O   . PHE A 1 74  ? 1.220   -3.736  -1.719  1.00 38.68 ? 1929 PHE A O   1 
ATOM   595  C CB  . PHE A 1 74  ? 1.014   -6.996  -0.974  1.00 34.69 ? 1929 PHE A CB  1 
ATOM   596  C CG  . PHE A 1 74  ? 0.556   -6.274  0.272   1.00 37.77 ? 1929 PHE A CG  1 
ATOM   597  C CD1 . PHE A 1 74  ? -0.793  -6.081  0.527   1.00 35.67 ? 1929 PHE A CD1 1 
ATOM   598  C CD2 . PHE A 1 74  ? 1.480   -5.822  1.206   1.00 40.43 ? 1929 PHE A CD2 1 
ATOM   599  C CE1 . PHE A 1 74  ? -1.207  -5.436  1.690   1.00 33.73 ? 1929 PHE A CE1 1 
ATOM   600  C CE2 . PHE A 1 74  ? 1.073   -5.172  2.373   1.00 41.62 ? 1929 PHE A CE2 1 
ATOM   601  C CZ  . PHE A 1 74  ? -0.272  -4.978  2.608   1.00 40.04 ? 1929 PHE A CZ  1 
ATOM   602  N N   . ALA A 1 75  ? 3.185   -4.825  -1.629  1.00 37.20 ? 1930 ALA A N   1 
ATOM   603  C CA  . ALA A 1 75  ? 3.892   -3.589  -1.296  1.00 38.95 ? 1930 ALA A CA  1 
ATOM   604  C C   . ALA A 1 75  ? 3.855   -2.588  -2.449  1.00 39.50 ? 1930 ALA A C   1 
ATOM   605  O O   . ALA A 1 75  ? 3.907   -1.375  -2.217  1.00 39.28 ? 1930 ALA A O   1 
ATOM   606  C CB  . ALA A 1 75  ? 5.332   -3.905  -0.888  1.00 39.58 ? 1930 ALA A CB  1 
ATOM   607  N N   . LEU A 1 76  ? 3.736   -3.060  -3.692  1.00 42.55 ? 1931 LEU A N   1 
ATOM   608  C CA  . LEU A 1 76  ? 3.646   -2.122  -4.808  1.00 40.54 ? 1931 LEU A CA  1 
ATOM   609  C C   . LEU A 1 76  ? 2.363   -1.299  -4.739  1.00 42.21 ? 1931 LEU A C   1 
ATOM   610  O O   . LEU A 1 76  ? 2.385   -0.081  -4.965  1.00 42.69 ? 1931 LEU A O   1 
ATOM   611  C CB  . LEU A 1 76  ? 3.734   -2.872  -6.136  1.00 46.48 ? 1931 LEU A CB  1 
ATOM   612  C CG  . LEU A 1 76  ? 5.134   -3.370  -6.509  1.00 48.12 ? 1931 LEU A CG  1 
ATOM   613  C CD1 . LEU A 1 76  ? 5.079   -4.117  -7.826  1.00 50.55 ? 1931 LEU A CD1 1 
ATOM   614  C CD2 . LEU A 1 76  ? 6.103   -2.203  -6.601  1.00 56.64 ? 1931 LEU A CD2 1 
ATOM   615  N N   . ASP A 1 77  ? 1.234   -1.946  -4.425  1.00 40.11 ? 1932 ASP A N   1 
ATOM   616  C CA  . ASP A 1 77  ? -0.026  -1.221  -4.268  1.00 36.83 ? 1932 ASP A CA  1 
ATOM   617  C C   . ASP A 1 77  ? 0.024   -0.271  -3.077  1.00 37.60 ? 1932 ASP A C   1 
ATOM   618  O O   . ASP A 1 77  ? -0.517  0.840   -3.137  1.00 35.34 ? 1932 ASP A O   1 
ATOM   619  C CB  . ASP A 1 77  ? -1.194  -2.199  -4.116  1.00 34.57 ? 1932 ASP A CB  1 
ATOM   620  C CG  . ASP A 1 77  ? -1.823  -2.581  -5.453  1.00 38.71 ? 1932 ASP A CG  1 
ATOM   621  O OD1 . ASP A 1 77  ? -1.328  -2.118  -6.505  1.00 42.26 ? 1932 ASP A OD1 1 
ATOM   622  O OD2 . ASP A 1 77  ? -2.824  -3.330  -5.455  1.00 36.98 ? 1932 ASP A OD2 1 
ATOM   623  N N   . VAL A 1 78  ? 0.649   -0.689  -1.972  1.00 35.77 ? 1933 VAL A N   1 
ATOM   624  C CA  . VAL A 1 78  ? 0.764   0.211   -0.832  1.00 33.79 ? 1933 VAL A CA  1 
ATOM   625  C C   . VAL A 1 78  ? 1.571   1.447   -1.225  1.00 36.87 ? 1933 VAL A C   1 
ATOM   626  O O   . VAL A 1 78  ? 1.161   2.586   -0.973  1.00 34.65 ? 1933 VAL A O   1 
ATOM   627  C CB  . VAL A 1 78  ? 1.391   -0.510  0.379   1.00 35.27 ? 1933 VAL A CB  1 
ATOM   628  C CG1 . VAL A 1 78  ? 1.676   0.485   1.491   1.00 35.56 ? 1933 VAL A CG1 1 
ATOM   629  C CG2 . VAL A 1 78  ? 0.483   -1.634  0.879   1.00 34.03 ? 1933 VAL A CG2 1 
ATOM   630  N N   . ARG A 1 79  ? 2.729   1.235   -1.858  1.00 35.00 ? 1934 ARG A N   1 
ATOM   631  C CA  . ARG A 1 79  ? 3.572   2.358   -2.239  1.00 37.93 ? 1934 ARG A CA  1 
ATOM   632  C C   . ARG A 1 79  ? 2.871   3.239   -3.266  1.00 41.06 ? 1934 ARG A C   1 
ATOM   633  O O   . ARG A 1 79  ? 3.015   4.465   -3.226  1.00 37.86 ? 1934 ARG A O   1 
ATOM   634  C CB  . ARG A 1 79  ? 4.918   1.836   -2.754  1.00 41.30 ? 1934 ARG A CB  1 
ATOM   635  C CG  . ARG A 1 79  ? 5.825   1.353   -1.618  1.00 46.38 ? 1934 ARG A CG  1 
ATOM   636  C CD  . ARG A 1 79  ? 6.965   0.446   -2.065  1.00 45.40 ? 1934 ARG A CD  1 
ATOM   637  N NE  . ARG A 1 79  ? 7.630   -0.138  -0.894  1.00 48.34 ? 1934 ARG A NE  1 
ATOM   638  C CZ  . ARG A 1 79  ? 8.391   -1.230  -0.915  1.00 50.58 ? 1934 ARG A CZ  1 
ATOM   639  N NH1 . ARG A 1 79  ? 8.595   -1.878  -2.055  1.00 49.97 ? 1934 ARG A NH1 1 
ATOM   640  N NH2 . ARG A 1 79  ? 8.941   -1.684  0.214   1.00 47.20 ? 1934 ARG A NH2 1 
ATOM   641  N N   . LEU A 1 80  ? 2.066   2.631   -4.149  1.00 37.09 ? 1935 LEU A N   1 
ATOM   642  C CA  . LEU A 1 80  ? 1.288   3.391   -5.128  1.00 37.49 ? 1935 LEU A CA  1 
ATOM   643  C C   . LEU A 1 80  ? 0.358   4.393   -4.450  1.00 38.19 ? 1935 LEU A C   1 
ATOM   644  O O   . LEU A 1 80  ? 0.200   5.524   -4.926  1.00 38.48 ? 1935 LEU A O   1 
ATOM   645  C CB  . LEU A 1 80  ? 0.481   2.427   -5.999  1.00 37.19 ? 1935 LEU A CB  1 
ATOM   646  C CG  . LEU A 1 80  ? -0.452  3.030   -7.047  1.00 40.28 ? 1935 LEU A CG  1 
ATOM   647  C CD1 . LEU A 1 80  ? 0.342   3.914   -8.003  1.00 39.25 ? 1935 LEU A CD1 1 
ATOM   648  C CD2 . LEU A 1 80  ? -1.187  1.922   -7.789  1.00 36.97 ? 1935 LEU A CD2 1 
ATOM   649  N N   . VAL A 1 81  ? -0.277  3.988   -3.340  1.00 32.97 ? 1936 VAL A N   1 
ATOM   650  C CA  . VAL A 1 81  ? -1.137  4.897   -2.581  1.00 33.52 ? 1936 VAL A CA  1 
ATOM   651  C C   . VAL A 1 81  ? -0.387  6.185   -2.250  1.00 38.69 ? 1936 VAL A C   1 
ATOM   652  O O   . VAL A 1 81  ? -0.910  7.291   -2.426  1.00 40.43 ? 1936 VAL A O   1 
ATOM   653  C CB  . VAL A 1 81  ? -1.659  4.206   -1.302  1.00 37.43 ? 1936 VAL A CB  1 
ATOM   654  C CG1 . VAL A 1 81  ? -2.407  5.206   -0.417  1.00 37.35 ? 1936 VAL A CG1 1 
ATOM   655  C CG2 . VAL A 1 81  ? -2.555  2.988   -1.639  1.00 32.08 ? 1936 VAL A CG2 1 
ATOM   656  N N   . PHE A 1 82  ? 0.862   6.061   -1.806  1.00 35.65 ? 1937 PHE A N   1 
ATOM   657  C CA  . PHE A 1 82  ? 1.608   7.228   -1.334  1.00 38.29 ? 1937 PHE A CA  1 
ATOM   658  C C   . PHE A 1 82  ? 2.307   7.971   -2.466  1.00 39.40 ? 1937 PHE A C   1 
ATOM   659  O O   . PHE A 1 82  ? 2.479   9.195   -2.381  1.00 41.31 ? 1937 PHE A O   1 
ATOM   660  C CB  . PHE A 1 82  ? 2.611   6.799   -0.258  1.00 36.25 ? 1937 PHE A CB  1 
ATOM   661  C CG  . PHE A 1 82  ? 1.979   6.008   0.852   1.00 37.75 ? 1937 PHE A CG  1 
ATOM   662  C CD1 . PHE A 1 82  ? 0.792   6.442   1.435   1.00 35.58 ? 1937 PHE A CD1 1 
ATOM   663  C CD2 . PHE A 1 82  ? 2.520   4.806   1.262   1.00 37.40 ? 1937 PHE A CD2 1 
ATOM   664  C CE1 . PHE A 1 82  ? 0.175   5.700   2.425   1.00 38.64 ? 1937 PHE A CE1 1 
ATOM   665  C CE2 . PHE A 1 82  ? 1.917   4.059   2.272   1.00 37.27 ? 1937 PHE A CE2 1 
ATOM   666  C CZ  . PHE A 1 82  ? 0.739   4.503   2.850   1.00 37.10 ? 1937 PHE A CZ  1 
ATOM   667  N N   . ASP A 1 83  ? 2.682   7.261   -3.534  1.00 40.95 ? 1938 ASP A N   1 
ATOM   668  C CA  . ASP A 1 83  ? 3.153   7.927   -4.747  1.00 41.01 ? 1938 ASP A CA  1 
ATOM   669  C C   . ASP A 1 83  ? 2.061   8.794   -5.358  1.00 39.75 ? 1938 ASP A C   1 
ATOM   670  O O   . ASP A 1 83  ? 2.314   9.933   -5.759  1.00 43.15 ? 1938 ASP A O   1 
ATOM   671  C CB  . ASP A 1 83  ? 3.642   6.896   -5.762  1.00 41.18 ? 1938 ASP A CB  1 
ATOM   672  C CG  . ASP A 1 83  ? 4.896   6.186   -5.306  1.00 42.64 ? 1938 ASP A CG  1 
ATOM   673  O OD1 . ASP A 1 83  ? 5.553   6.676   -4.364  1.00 41.37 ? 1938 ASP A OD1 1 
ATOM   674  O OD2 . ASP A 1 83  ? 5.223   5.136   -5.899  1.00 48.44 ? 1938 ASP A OD2 1 
ATOM   675  N N   . ASN A 1 84  ? 0.843   8.257   -5.470  1.00 41.87 ? 1939 ASN A N   1 
ATOM   676  C CA  . ASN A 1 84  ? -0.275  9.064   -5.956  1.00 41.99 ? 1939 ASN A CA  1 
ATOM   677  C C   . ASN A 1 84  ? -0.469  10.292  -5.083  1.00 44.13 ? 1939 ASN A C   1 
ATOM   678  O O   . ASN A 1 84  ? -0.652  11.415  -5.578  1.00 41.99 ? 1939 ASN A O   1 
ATOM   679  C CB  . ASN A 1 84  ? -1.556  8.236   -5.978  1.00 39.58 ? 1939 ASN A CB  1 
ATOM   680  C CG  . ASN A 1 84  ? -1.537  7.153   -7.039  1.00 40.99 ? 1939 ASN A CG  1 
ATOM   681  O OD1 . ASN A 1 84  ? -0.735  7.198   -7.973  1.00 40.72 ? 1939 ASN A OD1 1 
ATOM   682  N ND2 . ASN A 1 84  ? -2.430  6.170   -6.898  1.00 36.42 ? 1939 ASN A ND2 1 
ATOM   683  N N   . CYS A 1 85  ? -0.426  10.092  -3.767  1.00 35.19 ? 1940 CYS A N   1 
ATOM   684  C CA  . CYS A 1 85  ? -0.629  11.199  -2.850  1.00 39.52 ? 1940 CYS A CA  1 
ATOM   685  C C   . CYS A 1 85  ? 0.430   12.276  -3.054  1.00 40.79 ? 1940 CYS A C   1 
ATOM   686  O O   . CYS A 1 85  ? 0.115   13.470  -3.041  1.00 43.55 ? 1940 CYS A O   1 
ATOM   687  C CB  . CYS A 1 85  ? -0.622  10.680  -1.417  1.00 39.85 ? 1940 CYS A CB  1 
ATOM   688  S SG  . CYS A 1 85  ? -0.876  11.934  -0.165  1.00 37.60 ? 1940 CYS A SG  1 
ATOM   689  N N   . GLU A 1 86  ? 1.686   11.869  -3.278  1.00 40.10 ? 1941 GLU A N   1 
ATOM   690  C CA  . GLU A 1 86  ? 2.760   12.843  -3.492  1.00 42.98 ? 1941 GLU A CA  1 
ATOM   691  C C   . GLU A 1 86  ? 2.593   13.567  -4.822  1.00 43.92 ? 1941 GLU A C   1 
ATOM   692  O O   . GLU A 1 86  ? 2.867   14.768  -4.921  1.00 47.97 ? 1941 GLU A O   1 
ATOM   693  C CB  . GLU A 1 86  ? 4.123   12.153  -3.444  1.00 43.21 ? 1941 GLU A CB  1 
ATOM   694  C CG  . GLU A 1 86  ? 4.933   12.475  -2.212  1.00 47.34 ? 1941 GLU A CG  1 
ATOM   695  C CD  . GLU A 1 86  ? 6.382   12.030  -2.332  1.00 50.51 ? 1941 GLU A CD  1 
ATOM   696  O OE1 . GLU A 1 86  ? 6.648   10.821  -2.208  1.00 49.11 ? 1941 GLU A OE1 1 
ATOM   697  O OE2 . GLU A 1 86  ? 7.262   12.887  -2.555  1.00 48.63 ? 1941 GLU A OE2 1 
ATOM   698  N N   . THR A 1 87  ? 2.167   12.843  -5.857  1.00 42.56 ? 1942 THR A N   1 
ATOM   699  C CA  . THR A 1 87  ? 1.924   13.459  -7.159  1.00 42.96 ? 1942 THR A CA  1 
ATOM   700  C C   . THR A 1 87  ? 0.871   14.560  -7.073  1.00 43.34 ? 1942 THR A C   1 
ATOM   701  O O   . THR A 1 87  ? 0.985   15.594  -7.741  1.00 41.92 ? 1942 THR A O   1 
ATOM   702  C CB  . THR A 1 87  ? 1.498   12.379  -8.156  1.00 42.24 ? 1942 THR A CB  1 
ATOM   703  O OG1 . THR A 1 87  ? 2.583   11.459  -8.336  1.00 46.26 ? 1942 THR A OG1 1 
ATOM   704  C CG2 . THR A 1 87  ? 1.112   12.986  -9.515  1.00 44.96 ? 1942 THR A CG2 1 
ATOM   705  N N   . PHE A 1 88  ? -0.159  14.366  -6.249  1.00 44.36 ? 1943 PHE A N   1 
ATOM   706  C CA  . PHE A 1 88  ? -1.333  15.227  -6.301  1.00 46.24 ? 1943 PHE A CA  1 
ATOM   707  C C   . PHE A 1 88  ? -1.381  16.285  -5.209  1.00 48.26 ? 1943 PHE A C   1 
ATOM   708  O O   . PHE A 1 88  ? -2.157  17.236  -5.340  1.00 47.47 ? 1943 PHE A O   1 
ATOM   709  C CB  . PHE A 1 88  ? -2.610  14.375  -6.221  1.00 40.65 ? 1943 PHE A CB  1 
ATOM   710  C CG  . PHE A 1 88  ? -3.841  15.050  -6.799  1.00 45.19 ? 1943 PHE A CG  1 
ATOM   711  C CD1 . PHE A 1 88  ? -4.055  15.081  -8.167  1.00 46.34 ? 1943 PHE A CD1 1 
ATOM   712  C CD2 . PHE A 1 88  ? -4.793  15.624  -5.968  1.00 44.51 ? 1943 PHE A CD2 1 
ATOM   713  C CE1 . PHE A 1 88  ? -5.193  15.685  -8.699  1.00 45.77 ? 1943 PHE A CE1 1 
ATOM   714  C CE2 . PHE A 1 88  ? -5.932  16.217  -6.491  1.00 45.99 ? 1943 PHE A CE2 1 
ATOM   715  C CZ  . PHE A 1 88  ? -6.131  16.253  -7.858  1.00 46.18 ? 1943 PHE A CZ  1 
ATOM   716  N N   . ASN A 1 89  ? -0.585  16.157  -4.143  1.00 43.26 ? 1944 ASN A N   1 
ATOM   717  C CA  . ASN A 1 89  ? -0.754  16.993  -2.965  1.00 44.49 ? 1944 ASN A CA  1 
ATOM   718  C C   . ASN A 1 89  ? 0.558   17.672  -2.588  1.00 45.37 ? 1944 ASN A C   1 
ATOM   719  O O   . ASN A 1 89  ? 1.641   17.088  -2.721  1.00 43.33 ? 1944 ASN A O   1 
ATOM   720  C CB  . ASN A 1 89  ? -1.270  16.166  -1.761  1.00 43.32 ? 1944 ASN A CB  1 
ATOM   721  C CG  . ASN A 1 89  ? -2.653  15.568  -2.000  1.00 47.51 ? 1944 ASN A CG  1 
ATOM   722  O OD1 . ASN A 1 89  ? -3.671  16.229  -1.795  1.00 47.97 ? 1944 ASN A OD1 1 
ATOM   723  N ND2 . ASN A 1 89  ? -2.693  14.294  -2.395  1.00 39.20 ? 1944 ASN A ND2 1 
ATOM   724  N N   . GLU A 1 90  ? 0.453   18.904  -2.102  1.00 46.18 ? 1945 GLU A N   1 
ATOM   725  C CA  . GLU A 1 90  ? 1.617   19.600  -1.568  1.00 46.07 ? 1945 GLU A CA  1 
ATOM   726  C C   . GLU A 1 90  ? 2.153   18.869  -0.341  1.00 46.66 ? 1945 GLU A C   1 
ATOM   727  O O   . GLU A 1 90  ? 1.379   18.381  0.488   1.00 42.26 ? 1945 GLU A O   1 
ATOM   728  C CB  . GLU A 1 90  ? 1.239   21.036  -1.207  1.00 47.92 ? 1945 GLU A CB  1 
ATOM   729  C CG  . GLU A 1 90  ? 0.832   21.876  -2.402  1.00 51.41 ? 1945 GLU A CG  1 
ATOM   730  C CD  . GLU A 1 90  ? 2.011   22.615  -2.995  1.00 59.93 ? 1945 GLU A CD  1 
ATOM   731  O OE1 . GLU A 1 90  ? 2.535   23.524  -2.321  1.00 63.18 ? 1945 GLU A OE1 1 
ATOM   732  O OE2 . GLU A 1 90  ? 2.425   22.279  -4.126  1.00 64.79 ? 1945 GLU A OE2 1 
ATOM   733  N N   . ASP A 1 91  ? 3.491   18.807  -0.227  1.00 48.34 ? 1946 ASP A N   1 
ATOM   734  C CA  . ASP A 1 91  ? 4.137   18.130  0.899   1.00 49.92 ? 1946 ASP A CA  1 
ATOM   735  C C   . ASP A 1 91  ? 3.591   18.582  2.244   1.00 48.23 ? 1946 ASP A C   1 
ATOM   736  O O   . ASP A 1 91  ? 3.493   17.776  3.178   1.00 51.08 ? 1946 ASP A O   1 
ATOM   737  C CB  . ASP A 1 91  ? 5.650   18.367  0.881   1.00 48.94 ? 1946 ASP A CB  1 
ATOM   738  C CG  . ASP A 1 91  ? 6.351   17.576  -0.200  1.00 51.34 ? 1946 ASP A CG  1 
ATOM   739  O OD1 . ASP A 1 91  ? 5.711   16.681  -0.794  1.00 51.42 ? 1946 ASP A OD1 1 
ATOM   740  O OD2 . ASP A 1 91  ? 7.540   17.864  -0.466  1.00 52.24 ? 1946 ASP A OD2 1 
ATOM   741  N N   . ASP A 1 92  ? 3.229   19.850  2.368   1.00 50.62 ? 1947 ASP A N   1 
ATOM   742  C CA  . ASP A 1 92  ? 2.862   20.412  3.659   1.00 50.55 ? 1947 ASP A CA  1 
ATOM   743  C C   . ASP A 1 92  ? 1.358   20.479  3.891   1.00 51.41 ? 1947 ASP A C   1 
ATOM   744  O O   . ASP A 1 92  ? 0.938   20.786  5.012   1.00 56.12 ? 1947 ASP A O   1 
ATOM   745  C CB  . ASP A 1 92  ? 3.479   21.807  3.808   1.00 58.73 ? 1947 ASP A CB  1 
ATOM   746  C CG  . ASP A 1 92  ? 4.992   21.756  3.978   1.00 59.33 ? 1947 ASP A CG  1 
ATOM   747  O OD1 . ASP A 1 92  ? 5.481   20.865  4.711   1.00 61.67 ? 1947 ASP A OD1 1 
ATOM   748  O OD2 . ASP A 1 92  ? 5.693   22.596  3.376   1.00 65.26 ? 1947 ASP A OD2 1 
ATOM   749  N N   . SER A 1 93  ? 0.541   20.188  2.878   1.00 47.26 ? 1948 SER A N   1 
ATOM   750  C CA  . SER A 1 93  ? -0.893  20.060  3.091   1.00 46.85 ? 1948 SER A CA  1 
ATOM   751  C C   . SER A 1 93  ? -1.175  18.954  4.101   1.00 48.02 ? 1948 SER A C   1 
ATOM   752  O O   . SER A 1 93  ? -0.320  18.113  4.390   1.00 45.43 ? 1948 SER A O   1 
ATOM   753  C CB  . SER A 1 93  ? -1.601  19.741  1.779   1.00 48.90 ? 1948 SER A CB  1 
ATOM   754  O OG  . SER A 1 93  ? -1.036  18.581  1.201   1.00 43.80 ? 1948 SER A OG  1 
ATOM   755  N N   . ASP A 1 94  ? -2.393  18.963  4.648   1.00 47.92 ? 1949 ASP A N   1 
ATOM   756  C CA  . ASP A 1 94  ? -2.777  17.917  5.591   1.00 49.98 ? 1949 ASP A CA  1 
ATOM   757  C C   . ASP A 1 94  ? -2.699  16.540  4.940   1.00 47.42 ? 1949 ASP A C   1 
ATOM   758  O O   . ASP A 1 94  ? -2.121  15.607  5.511   1.00 43.48 ? 1949 ASP A O   1 
ATOM   759  C CB  . ASP A 1 94  ? -4.181  18.182  6.140   1.00 51.69 ? 1949 ASP A CB  1 
ATOM   760  C CG  . ASP A 1 94  ? -4.237  19.410  7.036   1.00 55.16 ? 1949 ASP A CG  1 
ATOM   761  O OD1 . ASP A 1 94  ? -3.419  19.512  7.982   1.00 57.87 ? 1949 ASP A OD1 1 
ATOM   762  O OD2 . ASP A 1 94  ? -5.100  20.277  6.793   1.00 53.41 ? 1949 ASP A OD2 1 
ATOM   763  N N   . ILE A 1 95  ? -3.268  16.400  3.735   1.00 43.62 ? 1950 ILE A N   1 
ATOM   764  C CA  . ILE A 1 95  ? -3.237  15.121  3.027   1.00 45.33 ? 1950 ILE A CA  1 
ATOM   765  C C   . ILE A 1 95  ? -1.809  14.760  2.637   1.00 44.39 ? 1950 ILE A C   1 
ATOM   766  O O   . ILE A 1 95  ? -1.384  13.607  2.775   1.00 36.90 ? 1950 ILE A O   1 
ATOM   767  C CB  . ILE A 1 95  ? -4.160  15.172  1.792   1.00 44.55 ? 1950 ILE A CB  1 
ATOM   768  C CG1 . ILE A 1 95  ? -5.627  15.274  2.217   1.00 47.05 ? 1950 ILE A CG1 1 
ATOM   769  C CG2 . ILE A 1 95  ? -3.928  13.966  0.891   1.00 42.57 ? 1950 ILE A CG2 1 
ATOM   770  C CD1 . ILE A 1 95  ? -6.590  15.404  1.059   1.00 53.67 ? 1950 ILE A CD1 1 
ATOM   771  N N   . GLY A 1 96  ? -1.051  15.737  2.139   1.00 39.74 ? 1951 GLY A N   1 
ATOM   772  C CA  . GLY A 1 96  ? 0.327   15.470  1.744   1.00 43.15 ? 1951 GLY A CA  1 
ATOM   773  C C   . GLY A 1 96  ? 1.201   15.000  2.898   1.00 43.83 ? 1951 GLY A C   1 
ATOM   774  O O   . GLY A 1 96  ? 1.954   14.030  2.767   1.00 40.28 ? 1951 GLY A O   1 
ATOM   775  N N   . ARG A 1 97  ? 1.131   15.685  4.039   1.00 42.18 ? 1952 ARG A N   1 
ATOM   776  C CA  . ARG A 1 97  ? 1.927   15.233  5.180   1.00 43.53 ? 1952 ARG A CA  1 
ATOM   777  C C   . ARG A 1 97  ? 1.455   13.866  5.662   1.00 41.06 ? 1952 ARG A C   1 
ATOM   778  O O   . ARG A 1 97  ? 2.276   13.009  6.010   1.00 39.86 ? 1952 ARG A O   1 
ATOM   779  C CB  . ARG A 1 97  ? 1.882   16.243  6.323   1.00 43.14 ? 1952 ARG A CB  1 
ATOM   780  C CG  . ARG A 1 97  ? 2.786   15.847  7.520   1.00 48.08 ? 1952 ARG A CG  1 
ATOM   781  C CD  . ARG A 1 97  ? 4.224   15.554  7.087   1.00 45.09 ? 1952 ARG A CD  1 
ATOM   782  N NE  . ARG A 1 97  ? 4.763   16.622  6.239   1.00 50.00 ? 1952 ARG A NE  1 
ATOM   783  C CZ  . ARG A 1 97  ? 5.970   16.605  5.674   1.00 50.78 ? 1952 ARG A CZ  1 
ATOM   784  N NH1 . ARG A 1 97  ? 6.362   17.622  4.908   1.00 46.61 ? 1952 ARG A NH1 1 
ATOM   785  N NH2 . ARG A 1 97  ? 6.783   15.571  5.875   1.00 52.58 ? 1952 ARG A NH2 1 
ATOM   786  N N   . ALA A 1 98  ? 0.138   13.636  5.665   1.00 42.17 ? 1953 ALA A N   1 
ATOM   787  C CA  . ALA A 1 98  ? -0.380  12.321  6.025   1.00 42.93 ? 1953 ALA A CA  1 
ATOM   788  C C   . ALA A 1 98  ? 0.251   11.236  5.167   1.00 40.12 ? 1953 ALA A C   1 
ATOM   789  O O   . ALA A 1 98  ? 0.622   10.171  5.672   1.00 39.96 ? 1953 ALA A O   1 
ATOM   790  C CB  . ALA A 1 98  ? -1.903  12.298  5.885   1.00 43.00 ? 1953 ALA A CB  1 
ATOM   791  N N   . GLY A 1 99  ? 0.383   11.489  3.865   1.00 37.24 ? 1954 GLY A N   1 
ATOM   792  C CA  . GLY A 1 99  ? 0.989   10.499  2.992   1.00 39.26 ? 1954 GLY A CA  1 
ATOM   793  C C   . GLY A 1 99  ? 2.430   10.209  3.358   1.00 38.18 ? 1954 GLY A C   1 
ATOM   794  O O   . GLY A 1 99  ? 2.848   9.049   3.406   1.00 37.61 ? 1954 GLY A O   1 
ATOM   795  N N   . HIS A 1 100 ? 3.206   11.259  3.632   1.00 38.58 ? 1955 HIS A N   1 
ATOM   796  C CA  . HIS A 1 100 ? 4.595   11.074  4.038   1.00 35.75 ? 1955 HIS A CA  1 
ATOM   797  C C   . HIS A 1 100 ? 4.681   10.291  5.338   1.00 36.40 ? 1955 HIS A C   1 
ATOM   798  O O   . HIS A 1 100 ? 5.510   9.385   5.474   1.00 39.40 ? 1955 HIS A O   1 
ATOM   799  C CB  . HIS A 1 100 ? 5.285   12.438  4.188   1.00 37.10 ? 1955 HIS A CB  1 
ATOM   800  C CG  . HIS A 1 100 ? 5.596   13.102  2.885   1.00 38.16 ? 1955 HIS A CG  1 
ATOM   801  N ND1 . HIS A 1 100 ? 6.356   12.497  1.906   1.00 39.86 ? 1955 HIS A ND1 1 
ATOM   802  C CD2 . HIS A 1 100 ? 5.251   14.317  2.394   1.00 39.32 ? 1955 HIS A CD2 1 
ATOM   803  C CE1 . HIS A 1 100 ? 6.466   13.309  0.868   1.00 42.20 ? 1955 HIS A CE1 1 
ATOM   804  N NE2 . HIS A 1 100 ? 5.803   14.419  1.139   1.00 42.32 ? 1955 HIS A NE2 1 
ATOM   805  N N   . ASN A 1 101 ? 3.855   10.659  6.326   1.00 37.21 ? 1956 ASN A N   1 
ATOM   806  C CA  . ASN A 1 101 ? 3.816   9.932   7.589   1.00 33.40 ? 1956 ASN A CA  1 
ATOM   807  C C   . ASN A 1 101 ? 3.476   8.456   7.373   1.00 39.80 ? 1956 ASN A C   1 
ATOM   808  O O   . ASN A 1 101 ? 4.099   7.572   7.973   1.00 37.05 ? 1956 ASN A O   1 
ATOM   809  C CB  . ASN A 1 101 ? 2.782   10.564  8.516   1.00 35.44 ? 1956 ASN A CB  1 
ATOM   810  C CG  . ASN A 1 101 ? 3.229   11.882  9.100   1.00 40.13 ? 1956 ASN A CG  1 
ATOM   811  O OD1 . ASN A 1 101 ? 4.329   12.375  8.824   1.00 36.68 ? 1956 ASN A OD1 1 
ATOM   812  N ND2 . ASN A 1 101 ? 2.360   12.472  9.914   1.00 35.82 ? 1956 ASN A ND2 1 
ATOM   813  N N   . MET A 1 102 ? 2.475   8.173   6.529   1.00 37.45 ? 1957 MET A N   1 
ATOM   814  C CA  . MET A 1 102 ? 2.047   6.788   6.307   1.00 34.60 ? 1957 MET A CA  1 
ATOM   815  C C   . MET A 1 102 ? 3.108   5.979   5.582   1.00 35.64 ? 1957 MET A C   1 
ATOM   816  O O   . MET A 1 102 ? 3.248   4.773   5.821   1.00 40.00 ? 1957 MET A O   1 
ATOM   817  C CB  . MET A 1 102 ? 0.769   6.739   5.488   1.00 40.09 ? 1957 MET A CB  1 
ATOM   818  C CG  . MET A 1 102 ? -0.455  7.382   6.052   1.00 43.58 ? 1957 MET A CG  1 
ATOM   819  S SD  . MET A 1 102 ? -1.385  6.225   7.021   1.00 59.63 ? 1957 MET A SD  1 
ATOM   820  C CE  . MET A 1 102 ? -0.572  6.708   8.478   1.00 39.51 ? 1957 MET A CE  1 
ATOM   821  N N   . ARG A 1 103 ? 3.828   6.608   4.658   1.00 34.71 ? 1958 ARG A N   1 
ATOM   822  C CA  . ARG A 1 103 ? 4.868   5.890   3.933   1.00 37.85 ? 1958 ARG A CA  1 
ATOM   823  C C   . ARG A 1 103 ? 5.957   5.423   4.880   1.00 38.49 ? 1958 ARG A C   1 
ATOM   824  O O   . ARG A 1 103 ? 6.360   4.255   4.853   1.00 37.51 ? 1958 ARG A O   1 
ATOM   825  C CB  . ARG A 1 103 ? 5.463   6.775   2.837   1.00 38.02 ? 1958 ARG A CB  1 
ATOM   826  C CG  . ARG A 1 103 ? 6.459   6.018   1.980   1.00 40.04 ? 1958 ARG A CG  1 
ATOM   827  C CD  . ARG A 1 103 ? 7.338   6.943   1.169   1.00 37.41 ? 1958 ARG A CD  1 
ATOM   828  N NE  . ARG A 1 103 ? 6.596   7.711   0.173   1.00 38.43 ? 1958 ARG A NE  1 
ATOM   829  C CZ  . ARG A 1 103 ? 6.156   7.215   -0.984  1.00 42.95 ? 1958 ARG A CZ  1 
ATOM   830  N NH1 . ARG A 1 103 ? 6.358   5.936   -1.286  1.00 40.14 ? 1958 ARG A NH1 1 
ATOM   831  N NH2 . ARG A 1 103 ? 5.506   7.997   -1.844  1.00 43.26 ? 1958 ARG A NH2 1 
ATOM   832  N N   . LYS A 1 104 ? 6.442   6.335   5.735   1.00 35.43 ? 1959 LYS A N   1 
ATOM   833  C CA  . LYS A 1 104 ? 7.446   5.972   6.729   1.00 37.39 ? 1959 LYS A CA  1 
ATOM   834  C C   . LYS A 1 104 ? 6.921   4.886   7.656   1.00 38.37 ? 1959 LYS A C   1 
ATOM   835  O O   . LYS A 1 104 ? 7.600   3.886   7.913   1.00 39.50 ? 1959 LYS A O   1 
ATOM   836  C CB  . LYS A 1 104 ? 7.856   7.211   7.530   1.00 37.99 ? 1959 LYS A CB  1 
ATOM   837  C CG  . LYS A 1 104 ? 8.998   6.972   8.520   1.00 43.67 ? 1959 LYS A CG  1 
ATOM   838  C CD  . LYS A 1 104 ? 10.292  6.712   7.766   1.00 49.92 ? 1959 LYS A CD  1 
ATOM   839  C CE  . LYS A 1 104 ? 11.503  6.708   8.682   1.00 56.67 ? 1959 LYS A CE  1 
ATOM   840  N NZ  . LYS A 1 104 ? 12.759  6.629   7.878   1.00 62.56 ? 1959 LYS A NZ  1 
ATOM   841  N N   . TYR A 1 105 ? 5.700   5.071   8.164   1.00 36.89 ? 1960 TYR A N   1 
ATOM   842  C CA  . TYR A 1 105 ? 5.070   4.069   9.013   1.00 37.90 ? 1960 TYR A CA  1 
ATOM   843  C C   . TYR A 1 105 ? 5.027   2.695   8.336   1.00 42.75 ? 1960 TYR A C   1 
ATOM   844  O O   . TYR A 1 105 ? 5.338   1.673   8.969   1.00 38.68 ? 1960 TYR A O   1 
ATOM   845  C CB  . TYR A 1 105 ? 3.668   4.556   9.388   1.00 37.96 ? 1960 TYR A CB  1 
ATOM   846  C CG  . TYR A 1 105 ? 2.965   3.728   10.435  1.00 39.34 ? 1960 TYR A CG  1 
ATOM   847  C CD1 . TYR A 1 105 ? 3.296   3.851   11.783  1.00 42.34 ? 1960 TYR A CD1 1 
ATOM   848  C CD2 . TYR A 1 105 ? 1.957   2.833   10.080  1.00 43.59 ? 1960 TYR A CD2 1 
ATOM   849  C CE1 . TYR A 1 105 ? 2.653   3.099   12.755  1.00 41.17 ? 1960 TYR A CE1 1 
ATOM   850  C CE2 . TYR A 1 105 ? 1.302   2.068   11.052  1.00 43.76 ? 1960 TYR A CE2 1 
ATOM   851  C CZ  . TYR A 1 105 ? 1.657   2.211   12.388  1.00 46.89 ? 1960 TYR A CZ  1 
ATOM   852  O OH  . TYR A 1 105 ? 1.022   1.467   13.361  1.00 47.49 ? 1960 TYR A OH  1 
ATOM   853  N N   . PHE A 1 106 ? 4.677   2.652   7.042   1.00 35.93 ? 1961 PHE A N   1 
ATOM   854  C CA  . PHE A 1 106 ? 4.622   1.380   6.317   1.00 37.54 ? 1961 PHE A CA  1 
ATOM   855  C C   . PHE A 1 106 ? 6.001   0.755   6.173   1.00 39.97 ? 1961 PHE A C   1 
ATOM   856  O O   . PHE A 1 106 ? 6.183   -0.438  6.450   1.00 40.95 ? 1961 PHE A O   1 
ATOM   857  C CB  . PHE A 1 106 ? 4.009   1.549   4.923   1.00 36.53 ? 1961 PHE A CB  1 
ATOM   858  C CG  . PHE A 1 106 ? 4.177   0.318   4.045   1.00 38.52 ? 1961 PHE A CG  1 
ATOM   859  C CD1 . PHE A 1 106 ? 3.533   -0.872  4.363   1.00 41.11 ? 1961 PHE A CD1 1 
ATOM   860  C CD2 . PHE A 1 106 ? 5.008   0.342   2.935   1.00 39.32 ? 1961 PHE A CD2 1 
ATOM   861  C CE1 . PHE A 1 106 ? 3.693   -2.010  3.570   1.00 38.40 ? 1961 PHE A CE1 1 
ATOM   862  C CE2 . PHE A 1 106 ? 5.172   -0.786  2.138   1.00 41.20 ? 1961 PHE A CE2 1 
ATOM   863  C CZ  . PHE A 1 106 ? 4.514   -1.964  2.454   1.00 41.33 ? 1961 PHE A CZ  1 
ATOM   864  N N   . GLU A 1 107 ? 6.981   1.535   5.706   1.00 37.98 ? 1962 GLU A N   1 
ATOM   865  C CA  . GLU A 1 107 ? 8.274   0.946   5.376   1.00 42.39 ? 1962 GLU A CA  1 
ATOM   866  C C   . GLU A 1 107 ? 8.967   0.375   6.609   1.00 44.85 ? 1962 GLU A C   1 
ATOM   867  O O   . GLU A 1 107 ? 9.673   -0.633  6.502   1.00 45.30 ? 1962 GLU A O   1 
ATOM   868  C CB  . GLU A 1 107 ? 9.172   1.965   4.670   1.00 41.31 ? 1962 GLU A CB  1 
ATOM   869  C CG  . GLU A 1 107 ? 8.602   2.527   3.348   1.00 38.32 ? 1962 GLU A CG  1 
ATOM   870  C CD  . GLU A 1 107 ? 8.434   1.471   2.240   1.00 44.68 ? 1962 GLU A CD  1 
ATOM   871  O OE1 . GLU A 1 107 ? 8.876   0.314   2.414   1.00 47.59 ? 1962 GLU A OE1 1 
ATOM   872  O OE2 . GLU A 1 107 ? 7.860   1.806   1.178   1.00 45.41 ? 1962 GLU A OE2 1 
ATOM   873  N N   . LYS A 1 108 ? 8.767   0.974   7.789   1.00 43.91 ? 1963 LYS A N   1 
ATOM   874  C CA  . LYS A 1 108 ? 9.369   0.382   8.985   1.00 43.83 ? 1963 LYS A CA  1 
ATOM   875  C C   . LYS A 1 108 ? 8.731   -0.959  9.315   1.00 46.09 ? 1963 LYS A C   1 
ATOM   876  O O   . LYS A 1 108 ? 9.434   -1.915  9.664   1.00 49.74 ? 1963 LYS A O   1 
ATOM   877  C CB  . LYS A 1 108 ? 9.260   1.318   10.188  1.00 46.06 ? 1963 LYS A CB  1 
ATOM   878  C CG  . LYS A 1 108 ? 9.904   0.693   11.452  1.00 45.21 ? 1963 LYS A CG  1 
ATOM   879  C CD  . LYS A 1 108 ? 9.681   1.512   12.699  1.00 51.08 ? 1963 LYS A CD  1 
ATOM   880  C CE  . LYS A 1 108 ? 10.294  0.818   13.924  1.00 55.34 ? 1963 LYS A CE  1 
ATOM   881  N NZ  . LYS A 1 108 ? 11.721  0.428   13.691  1.00 53.27 ? 1963 LYS A NZ  1 
ATOM   882  N N   . LYS A 1 109 ? 7.399   -1.051  9.227   1.00 46.92 ? 1964 LYS A N   1 
ATOM   883  C CA  . LYS A 1 109 ? 6.735   -2.330  9.459   1.00 50.94 ? 1964 LYS A CA  1 
ATOM   884  C C   . LYS A 1 109 ? 7.172   -3.366  8.437   1.00 47.10 ? 1964 LYS A C   1 
ATOM   885  O O   . LYS A 1 109 ? 7.325   -4.546  8.768   1.00 45.51 ? 1964 LYS A O   1 
ATOM   886  C CB  . LYS A 1 109 ? 5.218   -2.160  9.420   1.00 50.28 ? 1964 LYS A CB  1 
ATOM   887  C CG  . LYS A 1 109 ? 4.699   -1.213  10.468  1.00 52.89 ? 1964 LYS A CG  1 
ATOM   888  C CD  . LYS A 1 109 ? 3.242   -1.481  10.756  1.00 55.66 ? 1964 LYS A CD  1 
ATOM   889  C CE  . LYS A 1 109 ? 2.870   -0.834  12.073  1.00 57.14 ? 1964 LYS A CE  1 
ATOM   890  N NZ  . LYS A 1 109 ? 3.856   -1.168  13.125  1.00 56.46 ? 1964 LYS A NZ  1 
ATOM   891  N N   . TRP A 1 110 ? 7.389   -2.939  7.194   1.00 43.64 ? 1965 TRP A N   1 
ATOM   892  C CA  . TRP A 1 110 ? 7.828   -3.860  6.154   1.00 46.74 ? 1965 TRP A CA  1 
ATOM   893  C C   . TRP A 1 110 ? 9.212   -4.422  6.459   1.00 50.73 ? 1965 TRP A C   1 
ATOM   894  O O   . TRP A 1 110 ? 9.434   -5.637  6.374   1.00 48.30 ? 1965 TRP A O   1 
ATOM   895  C CB  . TRP A 1 110 ? 7.818   -3.149  4.806   1.00 42.87 ? 1965 TRP A CB  1 
ATOM   896  C CG  . TRP A 1 110 ? 7.880   -4.073  3.645   1.00 45.54 ? 1965 TRP A CG  1 
ATOM   897  C CD1 . TRP A 1 110 ? 8.938   -4.267  2.809   1.00 49.54 ? 1965 TRP A CD1 1 
ATOM   898  C CD2 . TRP A 1 110 ? 6.830   -4.935  3.175   1.00 45.62 ? 1965 TRP A CD2 1 
ATOM   899  N NE1 . TRP A 1 110 ? 8.613   -5.192  1.844   1.00 52.54 ? 1965 TRP A NE1 1 
ATOM   900  C CE2 . TRP A 1 110 ? 7.327   -5.619  2.048   1.00 47.27 ? 1965 TRP A CE2 1 
ATOM   901  C CE3 . TRP A 1 110 ? 5.521   -5.187  3.595   1.00 42.57 ? 1965 TRP A CE3 1 
ATOM   902  C CZ2 . TRP A 1 110 ? 6.561   -6.544  1.334   1.00 48.07 ? 1965 TRP A CZ2 1 
ATOM   903  C CZ3 . TRP A 1 110 ? 4.756   -6.113  2.877   1.00 45.73 ? 1965 TRP A CZ3 1 
ATOM   904  C CH2 . TRP A 1 110 ? 5.282   -6.773  1.762   1.00 43.48 ? 1965 TRP A CH2 1 
ATOM   905  N N   . THR A 1 111 ? 10.165  -3.551  6.806   1.00 48.09 ? 1966 THR A N   1 
ATOM   906  C CA  . THR A 1 111 ? 11.487  -4.024  7.207   1.00 49.46 ? 1966 THR A CA  1 
ATOM   907  C C   . THR A 1 111 ? 11.413  -4.855  8.482   1.00 51.31 ? 1966 THR A C   1 
ATOM   908  O O   . THR A 1 111 ? 12.029  -5.923  8.574   1.00 56.51 ? 1966 THR A O   1 
ATOM   909  C CB  . THR A 1 111 ? 12.442  -2.839  7.396   1.00 46.86 ? 1966 THR A CB  1 
ATOM   910  O OG1 . THR A 1 111 ? 12.567  -2.135  6.159   1.00 52.04 ? 1966 THR A OG1 1 
ATOM   911  C CG2 . THR A 1 111 ? 13.811  -3.327  7.803   1.00 55.27 ? 1966 THR A CG2 1 
ATOM   912  N N   . ASP A 1 112 ? 10.658  -4.383  9.476   1.00 50.47 ? 1967 ASP A N   1 
ATOM   913  C CA  . ASP A 1 112 ? 10.573  -5.096  10.745  1.00 45.74 ? 1967 ASP A CA  1 
ATOM   914  C C   . ASP A 1 112 ? 9.915   -6.460  10.597  1.00 52.33 ? 1967 ASP A C   1 
ATOM   915  O O   . ASP A 1 112 ? 10.237  -7.386  11.350  1.00 51.15 ? 1967 ASP A O   1 
ATOM   916  C CB  . ASP A 1 112 ? 9.796   -4.271  11.763  1.00 47.21 ? 1967 ASP A CB  1 
ATOM   917  C CG  . ASP A 1 112 ? 10.605  -3.112  12.333  1.00 51.81 ? 1967 ASP A CG  1 
ATOM   918  O OD1 . ASP A 1 112 ? 11.710  -2.797  11.817  1.00 48.83 ? 1967 ASP A OD1 1 
ATOM   919  O OD2 . ASP A 1 112 ? 10.113  -2.514  13.311  1.00 49.51 ? 1967 ASP A OD2 1 
ATOM   920  N N   . THR A 1 113 ? 8.973   -6.600  9.666   1.00 48.53 ? 1968 THR A N   1 
ATOM   921  C CA  . THR A 1 113 ? 8.249   -7.857  9.530   1.00 49.33 ? 1968 THR A CA  1 
ATOM   922  C C   . THR A 1 113 ? 8.983   -8.859  8.644   1.00 52.18 ? 1968 THR A C   1 
ATOM   923  O O   . THR A 1 113 ? 8.986   -10.057 8.944   1.00 56.78 ? 1968 THR A O   1 
ATOM   924  C CB  . THR A 1 113 ? 6.844   -7.597  8.978   1.00 46.57 ? 1968 THR A CB  1 
ATOM   925  O OG1 . THR A 1 113 ? 6.155   -6.673  9.829   1.00 43.73 ? 1968 THR A OG1 1 
ATOM   926  C CG2 . THR A 1 113 ? 6.035   -8.882  8.900   1.00 46.54 ? 1968 THR A CG2 1 
ATOM   927  N N   . PHE A 1 114 ? 9.623   -8.401  7.565   1.00 54.53 ? 1969 PHE A N   1 
ATOM   928  C CA  . PHE A 1 114 ? 10.142  -9.313  6.555   1.00 58.71 ? 1969 PHE A CA  1 
ATOM   929  C C   . PHE A 1 114 ? 11.653  -9.291  6.379   1.00 64.34 ? 1969 PHE A C   1 
ATOM   930  O O   . PHE A 1 114 ? 12.211  -10.282 5.899   1.00 68.86 ? 1969 PHE A O   1 
ATOM   931  C CB  . PHE A 1 114 ? 9.481   -9.034  5.199   1.00 58.11 ? 1969 PHE A CB  1 
ATOM   932  C CG  . PHE A 1 114 ? 8.004   -9.290  5.195   1.00 53.05 ? 1969 PHE A CG  1 
ATOM   933  C CD1 . PHE A 1 114 ? 7.516   -10.583 5.246   1.00 52.31 ? 1969 PHE A CD1 1 
ATOM   934  C CD2 . PHE A 1 114 ? 7.105   -8.237  5.160   1.00 50.43 ? 1969 PHE A CD2 1 
ATOM   935  C CE1 . PHE A 1 114 ? 6.152   -10.821 5.248   1.00 51.82 ? 1969 PHE A CE1 1 
ATOM   936  C CE2 . PHE A 1 114 ? 5.747   -8.462  5.167   1.00 48.42 ? 1969 PHE A CE2 1 
ATOM   937  C CZ  . PHE A 1 114 ? 5.265   -9.756  5.206   1.00 47.35 ? 1969 PHE A CZ  1 
ATOM   938  N N   . LYS A 1 115 ? 12.334  -8.211  6.749   1.00 66.86 ? 1970 LYS A N   1 
ATOM   939  C CA  . LYS A 1 115 ? 13.797  -8.198  6.706   1.00 71.56 ? 1970 LYS A CA  1 
ATOM   940  C C   . LYS A 1 115 ? 14.325  -8.788  8.018   1.00 75.15 ? 1970 LYS A C   1 
ATOM   941  O O   . LYS A 1 115 ? 14.941  -8.119  8.851   1.00 74.20 ? 1970 LYS A O   1 
ATOM   942  C CB  . LYS A 1 115 ? 14.311  -6.789  6.446   1.00 68.19 ? 1970 LYS A CB  1 
ATOM   943  C CG  . LYS A 1 115 ? 13.712  -6.139  5.192   1.00 66.57 ? 1970 LYS A CG  1 
ATOM   944  C CD  . LYS A 1 115 ? 14.145  -6.853  3.917   1.00 71.62 ? 1970 LYS A CD  1 
ATOM   945  C CE  . LYS A 1 115 ? 13.296  -6.440  2.722   1.00 71.24 ? 1970 LYS A CE  1 
ATOM   946  N NZ  . LYS A 1 115 ? 11.977  -7.146  2.699   1.00 70.38 ? 1970 LYS A NZ  1 
ATOM   947  N N   . VAL A 1 116 ? 14.054  -10.084 8.190   1.00 75.44 ? 1971 VAL A N   1 
ATOM   948  C CA  . VAL A 1 116 ? 14.404  -10.817 9.408   1.00 82.69 ? 1971 VAL A CA  1 
ATOM   949  C C   . VAL A 1 116 ? 15.921  -10.941 9.565   1.00 86.37 ? 1971 VAL A C   1 
ATOM   950  O O   . VAL A 1 116 ? 16.437  -11.061 10.680  1.00 88.14 ? 1971 VAL A O   1 
ATOM   951  C CB  . VAL A 1 116 ? 13.743  -12.219 9.423   1.00 83.21 ? 1971 VAL A CB  1 
ATOM   952  C CG1 . VAL A 1 116 ? 14.418  -13.148 8.414   1.00 83.41 ? 1971 VAL A CG1 1 
ATOM   953  C CG2 . VAL A 1 116 ? 13.777  -12.820 10.824  1.00 84.76 ? 1971 VAL A CG2 1 
HETATM 954  C C13 A D9T B 2 .   ? -12.124 14.287  1.294   0.38 68.59 ? 2001 D9T A C13 1 
HETATM 955  C C13 B D9T B 2 .   ? -12.270 13.684  1.557   0.52 69.42 ? 2001 D9T A C13 1 
HETATM 956  C C15 A D9T B 2 .   ? -13.300 14.337  2.296   0.38 68.80 ? 2001 D9T A C15 1 
HETATM 957  C C15 B D9T B 2 .   ? -13.695 13.084  1.666   0.52 68.68 ? 2001 D9T A C15 1 
HETATM 958  C C17 A D9T B 2 .   ? -12.632 16.723  2.935   0.38 69.20 ? 2001 D9T A C17 1 
HETATM 959  C C17 B D9T B 2 .   ? -13.243 12.835  4.203   0.52 68.96 ? 2001 D9T A C17 1 
HETATM 960  C C01 A D9T B 2 .   ? -5.362  10.698  -1.087  0.38 47.06 ? 2001 D9T A C01 1 
HETATM 961  C C01 B D9T B 2 .   ? -5.404  10.755  -1.327  0.52 47.17 ? 2001 D9T A C01 1 
HETATM 962  C C03 A D9T B 2 .   ? -7.668  11.922  -0.970  0.38 54.83 ? 2001 D9T A C03 1 
HETATM 963  C C03 B D9T B 2 .   ? -7.626  12.099  -1.064  0.52 54.92 ? 2001 D9T A C03 1 
HETATM 964  C C04 A D9T B 2 .   ? -8.600  13.053  -1.445  0.38 57.40 ? 2001 D9T A C04 1 
HETATM 965  C C04 B D9T B 2 .   ? -8.512  13.302  -1.432  0.52 57.34 ? 2001 D9T A C04 1 
HETATM 966  C C05 A D9T B 2 .   ? -8.128  14.041  -2.478  0.38 55.21 ? 2001 D9T A C05 1 
HETATM 967  C C05 B D9T B 2 .   ? -8.036  14.324  -2.429  0.52 54.96 ? 2001 D9T A C05 1 
HETATM 968  C C06 A D9T B 2 .   ? -6.749  13.917  -3.046  0.38 52.31 ? 2001 D9T A C06 1 
HETATM 969  C C06 B D9T B 2 .   ? -6.686  14.154  -3.056  0.52 52.25 ? 2001 D9T A C06 1 
HETATM 970  C C07 A D9T B 2 .   ? -5.810  12.764  -2.561  0.38 49.23 ? 2001 D9T A C07 1 
HETATM 971  C C07 B D9T B 2 .   ? -5.792  12.923  -2.670  0.52 49.23 ? 2001 D9T A C07 1 
HETATM 972  C C09 A D9T B 2 .   ? -10.033 13.156  -0.841  0.38 62.40 ? 2001 D9T A C09 1 
HETATM 973  C C09 B D9T B 2 .   ? -9.903  13.383  -0.736  0.52 62.59 ? 2001 D9T A C09 1 
HETATM 974  C C12 A D9T B 2 .   ? -11.648 12.820  1.144   0.38 68.09 ? 2001 D9T A C12 1 
HETATM 975  C C12 B D9T B 2 .   ? -11.312 12.474  1.353   0.52 67.56 ? 2001 D9T A C12 1 
HETATM 976  C C16 A D9T B 2 .   ? -13.782 15.787  2.518   0.38 68.74 ? 2001 D9T A C16 1 
HETATM 977  C C16 B D9T B 2 .   ? -13.949 12.266  2.956   0.52 68.68 ? 2001 D9T A C16 1 
HETATM 978  C C18 A D9T B 2 .   ? -11.419 16.633  1.993   0.38 68.08 ? 2001 D9T A C18 1 
HETATM 979  C C18 B D9T B 2 .   ? -12.840 14.301  3.998   0.52 68.06 ? 2001 D9T A C18 1 
HETATM 980  C C19 A D9T B 2 .   ? -10.962 15.165  1.758   0.38 66.66 ? 2001 D9T A C19 1 
HETATM 981  C C19 B D9T B 2 .   ? -11.844 14.454  2.811   0.52 67.55 ? 2001 D9T A C19 1 
HETATM 982  N N02 A D9T B 2 .   ? -6.279  11.799  -1.546  0.38 51.74 ? 2001 D9T A N02 1 
HETATM 983  N N02 B D9T B 2 .   ? -6.271  11.930  -1.696  0.52 51.80 ? 2001 D9T A N02 1 
HETATM 984  N N11 A D9T B 2 .   ? -10.281 12.731  0.554   0.38 65.11 ? 2001 D9T A N11 1 
HETATM 985  N N11 B D9T B 2 .   ? -10.081 12.599  0.510   0.52 65.00 ? 2001 D9T A N11 1 
HETATM 986  N N14 A D9T B 2 .   ? -12.607 14.779  -0.007  0.38 67.69 ? 2001 D9T A N14 1 
HETATM 987  N N14 B D9T B 2 .   ? -12.279 14.617  0.417   0.52 68.25 ? 2001 D9T A N14 1 
HETATM 988  O O08 A D9T B 2 .   ? -4.728  12.652  -2.993  0.38 48.11 ? 2001 D9T A O08 1 
HETATM 989  O O08 B D9T B 2 .   ? -4.732  12.771  -3.145  0.52 48.22 ? 2001 D9T A O08 1 
HETATM 990  O O10 A D9T B 2 .   ? -10.912 13.574  -1.497  0.38 63.30 ? 2001 D9T A O10 1 
HETATM 991  O O10 B D9T B 2 .   ? -10.767 14.033  -1.199  0.52 64.07 ? 2001 D9T A O10 1 
HETATM 992  O O   . HOH C 3 .   ? 10.866  -8.604  1.235   1.00 67.29 ? 2101 HOH A O   1 
HETATM 993  O O   . HOH C 3 .   ? 7.779   -2.234  13.298  1.00 55.79 ? 2102 HOH A O   1 
HETATM 994  O O   . HOH C 3 .   ? -5.172  7.001   -5.436  1.00 36.13 ? 2103 HOH A O   1 
HETATM 995  O O   . HOH C 3 .   ? -9.576  -1.124  4.193   1.00 47.52 ? 2104 HOH A O   1 
HETATM 996  O O   . HOH C 3 .   ? -7.648  1.425   -8.922  1.00 42.87 ? 2105 HOH A O   1 
HETATM 997  O O   . HOH C 3 .   ? -11.139 13.614  -10.957 1.00 56.28 ? 2106 HOH A O   1 
HETATM 998  O O   . HOH C 3 .   ? 7.918   9.248   4.630   1.00 47.18 ? 2107 HOH A O   1 
HETATM 999  O O   . HOH C 3 .   ? 8.146   3.915   -0.256  1.00 48.02 ? 2108 HOH A O   1 
HETATM 1000 O O   . HOH C 3 .   ? -3.672  10.614  -4.185  1.00 45.39 ? 2109 HOH A O   1 
HETATM 1001 O O   . HOH C 3 .   ? -5.532  -8.140  10.556  1.00 53.59 ? 2110 HOH A O   1 
HETATM 1002 O O   . HOH C 3 .   ? 4.070   3.638   -7.655  1.00 46.06 ? 2111 HOH A O   1 
HETATM 1003 O O   . HOH C 3 .   ? -12.707 -8.892  -4.948  1.00 42.32 ? 2112 HOH A O   1 
HETATM 1004 O O   . HOH C 3 .   ? -3.787  18.578  -0.663  1.00 52.29 ? 2113 HOH A O   1 
HETATM 1005 O O   . HOH C 3 .   ? -7.968  7.986   -13.133 1.00 51.78 ? 2114 HOH A O   1 
HETATM 1006 O O   . HOH C 3 .   ? -12.232 -3.383  1.295   1.00 42.85 ? 2115 HOH A O   1 
HETATM 1007 O O   . HOH C 3 .   ? -5.609  6.905   -2.116  1.00 39.13 ? 2116 HOH A O   1 
HETATM 1008 O O   . HOH C 3 .   ? -10.383 6.971   -7.219  1.00 44.58 ? 2117 HOH A O   1 
HETATM 1009 O O   . HOH C 3 .   ? -7.777  7.704   -1.118  1.00 40.28 ? 2118 HOH A O   1 
HETATM 1010 O O   . HOH C 3 .   ? -0.821  10.182  15.975  1.00 48.87 ? 2119 HOH A O   1 
HETATM 1011 O O   . HOH C 3 .   ? 2.903   16.135  -9.547  1.00 52.44 ? 2120 HOH A O   1 
HETATM 1012 O O   . HOH C 3 .   ? -1.830  -5.666  -8.192  1.00 52.65 ? 2121 HOH A O   1 
HETATM 1013 O O   . HOH C 3 .   ? -2.535  -2.425  -8.895  1.00 49.47 ? 2122 HOH A O   1 
HETATM 1014 O O   . HOH C 3 .   ? -1.609  1.935   13.710  1.00 51.22 ? 2123 HOH A O   1 
HETATM 1015 O O   . HOH C 3 .   ? -3.345  8.465   -2.369  1.00 41.30 ? 2124 HOH A O   1 
HETATM 1016 O O   . HOH C 3 .   ? 6.639   13.129  7.611   1.00 51.75 ? 2125 HOH A O   1 
HETATM 1017 O O   . HOH C 3 .   ? -8.393  6.481   -5.068  1.00 38.69 ? 2126 HOH A O   1 
HETATM 1018 O O   . HOH C 3 .   ? 12.935  -0.584  15.912  1.00 52.98 ? 2127 HOH A O   1 
HETATM 1019 O O   . HOH C 3 .   ? 5.208   10.001  0.744   1.00 42.19 ? 2128 HOH A O   1 
HETATM 1020 O O   . HOH C 3 .   ? -10.694 8.003   2.386   1.00 44.13 ? 2129 HOH A O   1 
HETATM 1021 O O   . HOH C 3 .   ? 4.773   -13.948 -1.093  1.00 48.89 ? 2130 HOH A O   1 
HETATM 1022 O O   . HOH C 3 .   ? -7.784  5.362   10.716  1.00 51.99 ? 2131 HOH A O   1 
HETATM 1023 O O   . HOH C 3 .   ? 7.418   3.642   -5.191  1.00 50.25 ? 2132 HOH A O   1 
HETATM 1024 O O   . HOH C 3 .   ? 6.268   1.640   11.556  1.00 45.42 ? 2133 HOH A O   1 
HETATM 1025 O O   . HOH C 3 .   ? -12.737 -6.333  1.498   1.00 47.80 ? 2134 HOH A O   1 
HETATM 1026 O O   . HOH C 3 .   ? 4.228   1.079   -6.654  1.00 43.67 ? 2135 HOH A O   1 
HETATM 1027 O O   . HOH C 3 .   ? -2.009  20.154  -2.242  1.00 44.28 ? 2136 HOH A O   1 
HETATM 1028 O O   . HOH C 3 .   ? 20.539  -25.539 -15.753 1.00 46.28 ? 2137 HOH A O   1 
HETATM 1029 O O   . HOH C 3 .   ? 1.478   19.766  7.532   1.00 59.78 ? 2138 HOH A O   1 
HETATM 1030 O O   . HOH C 3 .   ? 3.160   15.418  -1.095  1.00 44.37 ? 2139 HOH A O   1 
HETATM 1031 O O   . HOH C 3 .   ? -10.611 1.215   4.361   1.00 48.87 ? 2140 HOH A O   1 
HETATM 1032 O O   . HOH C 3 .   ? -8.422  3.875   -5.411  1.00 42.04 ? 2141 HOH A O   1 
HETATM 1033 O O   . HOH C 3 .   ? -11.425 -6.657  -6.394  1.00 48.93 ? 2142 HOH A O   1 
HETATM 1034 O O   . HOH C 3 .   ? 8.284   10.463  1.982   1.00 47.78 ? 2143 HOH A O   1 
HETATM 1035 O O   . HOH C 3 .   ? 2.837   10.374  0.140   1.00 39.10 ? 2144 HOH A O   1 
HETATM 1036 O O   . HOH C 3 .   ? -11.385 0.545   -6.285  1.00 41.85 ? 2145 HOH A O   1 
HETATM 1037 O O   . HOH C 3 .   ? 5.991   -16.324 5.701   1.00 56.57 ? 2146 HOH A O   1 
HETATM 1038 O O   . HOH C 3 .   ? 4.951   19.885  -2.417  1.00 52.62 ? 2147 HOH A O   1 
HETATM 1039 O O   . HOH C 3 .   ? 0.468   -4.379  -7.337  1.00 48.84 ? 2148 HOH A O   1 
HETATM 1040 O O   . HOH C 3 .   ? 1.054   4.783   -11.574 1.00 52.88 ? 2149 HOH A O   1 
HETATM 1041 O O   . HOH C 3 .   ? 19.511  -21.151 -9.547  1.00 47.49 ? 2150 HOH A O   1 
HETATM 1042 O O   . HOH C 3 .   ? -0.907  6.421   -10.747 1.00 41.77 ? 2151 HOH A O   1 
HETATM 1043 O O   . HOH C 3 .   ? -5.076  18.499  2.902   1.00 50.49 ? 2152 HOH A O   1 
HETATM 1044 O O   . HOH C 3 .   ? 2.507   13.063  0.094   1.00 38.60 ? 2153 HOH A O   1 
HETATM 1045 O O   . HOH C 3 .   ? -11.461 -14.093 2.299   1.00 47.89 ? 2154 HOH A O   1 
HETATM 1046 O O   . HOH C 3 .   ? 2.048   7.459   -8.789  1.00 46.64 ? 2155 HOH A O   1 
HETATM 1047 O O   . HOH C 3 .   ? 8.587   -0.595  -4.712  1.00 58.77 ? 2156 HOH A O   1 
HETATM 1048 O O   . HOH C 3 .   ? -2.164  6.568   15.008  1.00 44.63 ? 2157 HOH A O   1 
HETATM 1049 O O   . HOH C 3 .   ? -0.694  -16.574 5.589   1.00 47.17 ? 2158 HOH A O   1 
HETATM 1050 O O   . HOH C 3 .   ? -12.187 -7.786  3.248   1.00 53.57 ? 2159 HOH A O   1 
HETATM 1051 O O   . HOH C 3 .   ? 3.489   -16.414 -1.529  1.00 51.84 ? 2160 HOH A O   1 
HETATM 1052 O O   . HOH C 3 .   ? -4.064  -12.025 -2.214  1.00 40.65 ? 2161 HOH A O   1 
HETATM 1053 O O   . HOH C 3 .   ? -11.983 9.304   -0.282  1.00 59.26 ? 2162 HOH A O   1 
HETATM 1054 O O   . HOH C 3 .   ? -9.608  14.905  -13.917 1.00 59.09 ? 2163 HOH A O   1 
HETATM 1055 O O   . HOH C 3 .   ? 6.964   -14.033 -2.815  1.00 57.44 ? 2164 HOH A O   1 
HETATM 1056 O O   . HOH C 3 .   ? -9.135  7.424   10.014  1.00 57.11 ? 2165 HOH A O   1 
HETATM 1057 O O   . HOH C 3 .   ? -9.762  2.549   -7.358  1.00 41.05 ? 2166 HOH A O   1 
HETATM 1058 O O   . HOH C 3 .   ? 3.291   5.254   -9.632  1.00 51.91 ? 2167 HOH A O   1 
HETATM 1059 O O   . HOH C 3 .   ? 6.725   1.052   -5.889  1.00 55.47 ? 2168 HOH A O   1 
HETATM 1060 O O   . HOH C 3 .   ? -12.217 -2.421  3.970   1.00 55.63 ? 2169 HOH A O   1 
HETATM 1061 O O   . HOH C 3 .   ? -10.784 4.671   -8.718  1.00 40.77 ? 2170 HOH A O   1 
HETATM 1062 O O   . HOH C 3 .   ? -10.514 4.099   -11.021 1.00 53.17 ? 2171 HOH A O   1 
# 
